data_1JON
# 
_entry.id   1JON 
# 
_audit_conform.dict_name       mmcif_pdbx.dic 
_audit_conform.dict_version    5.392 
_audit_conform.dict_location   http://mmcif.pdb.org/dictionaries/ascii/mmcif_pdbx.dic 
# 
loop_
_database_2.database_id 
_database_2.database_code 
_database_2.pdbx_database_accession 
_database_2.pdbx_DOI 
PDB   1JON         pdb_00001jon 10.2210/pdb1jon/pdb 
WWPDB D_1000174356 ?            ?                   
# 
loop_
_pdbx_audit_revision_history.ordinal 
_pdbx_audit_revision_history.data_content_type 
_pdbx_audit_revision_history.major_revision 
_pdbx_audit_revision_history.minor_revision 
_pdbx_audit_revision_history.revision_date 
1 'Structure model' 1 0 1997-03-12 
2 'Structure model' 1 1 2008-03-24 
3 'Structure model' 1 2 2011-07-13 
4 'Structure model' 1 3 2021-11-03 
5 'Structure model' 1 4 2023-08-09 
6 'Structure model' 1 5 2024-05-22 
# 
_pdbx_audit_revision_details.ordinal             1 
_pdbx_audit_revision_details.revision_ordinal    1 
_pdbx_audit_revision_details.data_content_type   'Structure model' 
_pdbx_audit_revision_details.provider            repository 
_pdbx_audit_revision_details.type                'Initial release' 
_pdbx_audit_revision_details.description         ? 
_pdbx_audit_revision_details.details             ? 
# 
loop_
_pdbx_audit_revision_group.ordinal 
_pdbx_audit_revision_group.revision_ordinal 
_pdbx_audit_revision_group.data_content_type 
_pdbx_audit_revision_group.group 
1 2 'Structure model' 'Version format compliance' 
2 3 'Structure model' 'Version format compliance' 
3 4 'Structure model' 'Database references'       
4 5 'Structure model' 'Refinement description'    
5 6 'Structure model' 'Data collection'           
# 
loop_
_pdbx_audit_revision_category.ordinal 
_pdbx_audit_revision_category.revision_ordinal 
_pdbx_audit_revision_category.data_content_type 
_pdbx_audit_revision_category.category 
1 4 'Structure model' database_2                    
2 4 'Structure model' struct_ref_seq_dif            
3 5 'Structure model' pdbx_initial_refinement_model 
4 6 'Structure model' chem_comp_atom                
5 6 'Structure model' chem_comp_bond                
# 
loop_
_pdbx_audit_revision_item.ordinal 
_pdbx_audit_revision_item.revision_ordinal 
_pdbx_audit_revision_item.data_content_type 
_pdbx_audit_revision_item.item 
1 4 'Structure model' '_database_2.pdbx_DOI'                
2 4 'Structure model' '_database_2.pdbx_database_accession' 
3 4 'Structure model' '_struct_ref_seq_dif.details'         
# 
_pdbx_database_status.status_code                     REL 
_pdbx_database_status.entry_id                        1JON 
_pdbx_database_status.recvd_initial_deposition_date   1996-05-30 
_pdbx_database_status.deposit_site                    ? 
_pdbx_database_status.process_site                    BNL 
_pdbx_database_status.status_code_sf                  REL 
_pdbx_database_status.status_code_mr                  ? 
_pdbx_database_status.SG_entry                        ? 
_pdbx_database_status.pdb_format_compatible           Y 
_pdbx_database_status.status_code_cs                  ? 
_pdbx_database_status.status_code_nmr_data            ? 
_pdbx_database_status.methods_development_category    ? 
# 
loop_
_audit_author.name 
_audit_author.pdbx_ordinal 
'Buckle, A.M.' 1 
'Fersht, A.R.' 2 
# 
_citation.id                        primary 
_citation.title                     'Chaperone activity and structure of monomeric polypeptide binding domains of GroEL.' 
_citation.journal_abbrev            Proc.Natl.Acad.Sci.USA 
_citation.journal_volume            93 
_citation.page_first                15024 
_citation.page_last                 15029 
_citation.year                      1996 
_citation.journal_id_ASTM           PNASA6 
_citation.country                   US 
_citation.journal_id_ISSN           0027-8424 
_citation.journal_id_CSD            0040 
_citation.book_publisher            ? 
_citation.pdbx_database_id_PubMed   8986757 
_citation.pdbx_database_id_DOI      10.1073/pnas.93.26.15024 
# 
loop_
_citation_author.citation_id 
_citation_author.name 
_citation_author.ordinal 
_citation_author.identifier_ORCID 
primary 'Zahn, R.'       1 ? 
primary 'Buckle, A.M.'   2 ? 
primary 'Perrett, S.'    3 ? 
primary 'Johnson, C.M.'  4 ? 
primary 'Corrales, F.J.' 5 ? 
primary 'Golbik, R.'     6 ? 
primary 'Fersht, A.R.'   7 ? 
# 
loop_
_entity.id 
_entity.type 
_entity.src_method 
_entity.pdbx_description 
_entity.formula_weight 
_entity.pdbx_number_of_molecules 
_entity.pdbx_ec 
_entity.pdbx_mutation 
_entity.pdbx_fragment 
_entity.details 
1 polymer man 'GROEL, HSP60 CLASS' 16642.238 1 ? 'A262L, I267M' 'POLYPEPTIDE BINDING (APICAL) DOMAIN, RESIDUES 191 - 345' ? 
2 water   nat water                18.015    8 ? ?              ?                                                         ? 
# 
_entity_poly.entity_id                      1 
_entity_poly.type                           'polypeptide(L)' 
_entity_poly.nstd_linkage                   no 
_entity_poly.nstd_monomer                   no 
_entity_poly.pdbx_seq_one_letter_code       
;EGMQFDRGYLSPYFINKPETGAVELESPFILLADKKISNIREMLPVLEAVAKAGKPLLIIAEDVEGEALATLVVNTMRGI
VKVAAVKAPGFGDRRKAMLQDIATLTGGTVISEEIGMELEKATLEDLGQAKRVVINKDTTTIIDGVGEEAAIQGR
;
_entity_poly.pdbx_seq_one_letter_code_can   
;EGMQFDRGYLSPYFINKPETGAVELESPFILLADKKISNIREMLPVLEAVAKAGKPLLIIAEDVEGEALATLVVNTMRGI
VKVAAVKAPGFGDRRKAMLQDIATLTGGTVISEEIGMELEKATLEDLGQAKRVVINKDTTTIIDGVGEEAAIQGR
;
_entity_poly.pdbx_strand_id                 A 
_entity_poly.pdbx_target_identifier         ? 
# 
_pdbx_entity_nonpoly.entity_id   2 
_pdbx_entity_nonpoly.name        water 
_pdbx_entity_nonpoly.comp_id     HOH 
# 
loop_
_entity_poly_seq.entity_id 
_entity_poly_seq.num 
_entity_poly_seq.mon_id 
_entity_poly_seq.hetero 
1 1   GLU n 
1 2   GLY n 
1 3   MET n 
1 4   GLN n 
1 5   PHE n 
1 6   ASP n 
1 7   ARG n 
1 8   GLY n 
1 9   TYR n 
1 10  LEU n 
1 11  SER n 
1 12  PRO n 
1 13  TYR n 
1 14  PHE n 
1 15  ILE n 
1 16  ASN n 
1 17  LYS n 
1 18  PRO n 
1 19  GLU n 
1 20  THR n 
1 21  GLY n 
1 22  ALA n 
1 23  VAL n 
1 24  GLU n 
1 25  LEU n 
1 26  GLU n 
1 27  SER n 
1 28  PRO n 
1 29  PHE n 
1 30  ILE n 
1 31  LEU n 
1 32  LEU n 
1 33  ALA n 
1 34  ASP n 
1 35  LYS n 
1 36  LYS n 
1 37  ILE n 
1 38  SER n 
1 39  ASN n 
1 40  ILE n 
1 41  ARG n 
1 42  GLU n 
1 43  MET n 
1 44  LEU n 
1 45  PRO n 
1 46  VAL n 
1 47  LEU n 
1 48  GLU n 
1 49  ALA n 
1 50  VAL n 
1 51  ALA n 
1 52  LYS n 
1 53  ALA n 
1 54  GLY n 
1 55  LYS n 
1 56  PRO n 
1 57  LEU n 
1 58  LEU n 
1 59  ILE n 
1 60  ILE n 
1 61  ALA n 
1 62  GLU n 
1 63  ASP n 
1 64  VAL n 
1 65  GLU n 
1 66  GLY n 
1 67  GLU n 
1 68  ALA n 
1 69  LEU n 
1 70  ALA n 
1 71  THR n 
1 72  LEU n 
1 73  VAL n 
1 74  VAL n 
1 75  ASN n 
1 76  THR n 
1 77  MET n 
1 78  ARG n 
1 79  GLY n 
1 80  ILE n 
1 81  VAL n 
1 82  LYS n 
1 83  VAL n 
1 84  ALA n 
1 85  ALA n 
1 86  VAL n 
1 87  LYS n 
1 88  ALA n 
1 89  PRO n 
1 90  GLY n 
1 91  PHE n 
1 92  GLY n 
1 93  ASP n 
1 94  ARG n 
1 95  ARG n 
1 96  LYS n 
1 97  ALA n 
1 98  MET n 
1 99  LEU n 
1 100 GLN n 
1 101 ASP n 
1 102 ILE n 
1 103 ALA n 
1 104 THR n 
1 105 LEU n 
1 106 THR n 
1 107 GLY n 
1 108 GLY n 
1 109 THR n 
1 110 VAL n 
1 111 ILE n 
1 112 SER n 
1 113 GLU n 
1 114 GLU n 
1 115 ILE n 
1 116 GLY n 
1 117 MET n 
1 118 GLU n 
1 119 LEU n 
1 120 GLU n 
1 121 LYS n 
1 122 ALA n 
1 123 THR n 
1 124 LEU n 
1 125 GLU n 
1 126 ASP n 
1 127 LEU n 
1 128 GLY n 
1 129 GLN n 
1 130 ALA n 
1 131 LYS n 
1 132 ARG n 
1 133 VAL n 
1 134 VAL n 
1 135 ILE n 
1 136 ASN n 
1 137 LYS n 
1 138 ASP n 
1 139 THR n 
1 140 THR n 
1 141 THR n 
1 142 ILE n 
1 143 ILE n 
1 144 ASP n 
1 145 GLY n 
1 146 VAL n 
1 147 GLY n 
1 148 GLU n 
1 149 GLU n 
1 150 ALA n 
1 151 ALA n 
1 152 ILE n 
1 153 GLN n 
1 154 GLY n 
1 155 ARG n 
# 
_entity_src_gen.entity_id                          1 
_entity_src_gen.pdbx_src_id                        1 
_entity_src_gen.pdbx_alt_source_flag               sample 
_entity_src_gen.pdbx_seq_type                      ? 
_entity_src_gen.pdbx_beg_seq_num                   ? 
_entity_src_gen.pdbx_end_seq_num                   ? 
_entity_src_gen.gene_src_common_name               ? 
_entity_src_gen.gene_src_genus                     Escherichia 
_entity_src_gen.pdbx_gene_src_gene                 ? 
_entity_src_gen.gene_src_species                   ? 
_entity_src_gen.gene_src_strain                    DH5 
_entity_src_gen.gene_src_tissue                    ? 
_entity_src_gen.gene_src_tissue_fraction           ? 
_entity_src_gen.gene_src_details                   ? 
_entity_src_gen.pdbx_gene_src_fragment             ? 
_entity_src_gen.pdbx_gene_src_scientific_name      'Escherichia coli' 
_entity_src_gen.pdbx_gene_src_ncbi_taxonomy_id     562 
_entity_src_gen.pdbx_gene_src_variant              ? 
_entity_src_gen.pdbx_gene_src_cell_line            ? 
_entity_src_gen.pdbx_gene_src_atcc                 ? 
_entity_src_gen.pdbx_gene_src_organ                TAIL 
_entity_src_gen.pdbx_gene_src_organelle            ? 
_entity_src_gen.pdbx_gene_src_cell                 ? 
_entity_src_gen.pdbx_gene_src_cellular_location    ? 
_entity_src_gen.host_org_common_name               ? 
_entity_src_gen.pdbx_host_org_scientific_name      'Escherichia coli' 
_entity_src_gen.pdbx_host_org_ncbi_taxonomy_id     562 
_entity_src_gen.host_org_genus                     Escherichia 
_entity_src_gen.pdbx_host_org_gene                 'GROEL FRAGMENT COMPRISING RESIDUES 191 - 345' 
_entity_src_gen.pdbx_host_org_organ                ? 
_entity_src_gen.host_org_species                   ? 
_entity_src_gen.pdbx_host_org_tissue               ? 
_entity_src_gen.pdbx_host_org_tissue_fraction      ? 
_entity_src_gen.pdbx_host_org_strain               ? 
_entity_src_gen.pdbx_host_org_variant              ? 
_entity_src_gen.pdbx_host_org_cell_line            ? 
_entity_src_gen.pdbx_host_org_atcc                 ? 
_entity_src_gen.pdbx_host_org_culture_collection   ? 
_entity_src_gen.pdbx_host_org_cell                 ? 
_entity_src_gen.pdbx_host_org_organelle            ? 
_entity_src_gen.pdbx_host_org_cellular_location    ? 
_entity_src_gen.pdbx_host_org_vector_type          ? 
_entity_src_gen.pdbx_host_org_vector               ? 
_entity_src_gen.host_org_details                   ? 
_entity_src_gen.expression_system_id               ? 
_entity_src_gen.plasmid_name                       'PRSET (INVITROGEN)' 
_entity_src_gen.plasmid_details                    ? 
_entity_src_gen.pdbx_description                   ? 
# 
loop_
_chem_comp.id 
_chem_comp.type 
_chem_comp.mon_nstd_flag 
_chem_comp.name 
_chem_comp.pdbx_synonyms 
_chem_comp.formula 
_chem_comp.formula_weight 
ALA 'L-peptide linking' y ALANINE         ? 'C3 H7 N O2'     89.093  
ARG 'L-peptide linking' y ARGININE        ? 'C6 H15 N4 O2 1' 175.209 
ASN 'L-peptide linking' y ASPARAGINE      ? 'C4 H8 N2 O3'    132.118 
ASP 'L-peptide linking' y 'ASPARTIC ACID' ? 'C4 H7 N O4'     133.103 
GLN 'L-peptide linking' y GLUTAMINE       ? 'C5 H10 N2 O3'   146.144 
GLU 'L-peptide linking' y 'GLUTAMIC ACID' ? 'C5 H9 N O4'     147.129 
GLY 'peptide linking'   y GLYCINE         ? 'C2 H5 N O2'     75.067  
HOH non-polymer         . WATER           ? 'H2 O'           18.015  
ILE 'L-peptide linking' y ISOLEUCINE      ? 'C6 H13 N O2'    131.173 
LEU 'L-peptide linking' y LEUCINE         ? 'C6 H13 N O2'    131.173 
LYS 'L-peptide linking' y LYSINE          ? 'C6 H15 N2 O2 1' 147.195 
MET 'L-peptide linking' y METHIONINE      ? 'C5 H11 N O2 S'  149.211 
PHE 'L-peptide linking' y PHENYLALANINE   ? 'C9 H11 N O2'    165.189 
PRO 'L-peptide linking' y PROLINE         ? 'C5 H9 N O2'     115.130 
SER 'L-peptide linking' y SERINE          ? 'C3 H7 N O3'     105.093 
THR 'L-peptide linking' y THREONINE       ? 'C4 H9 N O3'     119.119 
TYR 'L-peptide linking' y TYROSINE        ? 'C9 H11 N O3'    181.189 
VAL 'L-peptide linking' y VALINE          ? 'C5 H11 N O2'    117.146 
# 
loop_
_pdbx_poly_seq_scheme.asym_id 
_pdbx_poly_seq_scheme.entity_id 
_pdbx_poly_seq_scheme.seq_id 
_pdbx_poly_seq_scheme.mon_id 
_pdbx_poly_seq_scheme.ndb_seq_num 
_pdbx_poly_seq_scheme.pdb_seq_num 
_pdbx_poly_seq_scheme.auth_seq_num 
_pdbx_poly_seq_scheme.pdb_mon_id 
_pdbx_poly_seq_scheme.auth_mon_id 
_pdbx_poly_seq_scheme.pdb_strand_id 
_pdbx_poly_seq_scheme.pdb_ins_code 
_pdbx_poly_seq_scheme.hetero 
A 1 1   GLU 1   191 191 GLU GLU A . n 
A 1 2   GLY 2   192 192 GLY GLY A . n 
A 1 3   MET 3   193 193 MET MET A . n 
A 1 4   GLN 4   194 194 GLN GLN A . n 
A 1 5   PHE 5   195 195 PHE PHE A . n 
A 1 6   ASP 6   196 196 ASP ASP A . n 
A 1 7   ARG 7   197 197 ARG ARG A . n 
A 1 8   GLY 8   198 198 GLY GLY A . n 
A 1 9   TYR 9   199 199 TYR TYR A . n 
A 1 10  LEU 10  200 200 LEU LEU A . n 
A 1 11  SER 11  201 201 SER SER A . n 
A 1 12  PRO 12  202 202 PRO PRO A . n 
A 1 13  TYR 13  203 203 TYR TYR A . n 
A 1 14  PHE 14  204 204 PHE PHE A . n 
A 1 15  ILE 15  205 205 ILE ILE A . n 
A 1 16  ASN 16  206 206 ASN ASN A . n 
A 1 17  LYS 17  207 207 LYS LYS A . n 
A 1 18  PRO 18  208 208 PRO PRO A . n 
A 1 19  GLU 19  209 209 GLU GLU A . n 
A 1 20  THR 20  210 210 THR THR A . n 
A 1 21  GLY 21  211 211 GLY GLY A . n 
A 1 22  ALA 22  212 212 ALA ALA A . n 
A 1 23  VAL 23  213 213 VAL VAL A . n 
A 1 24  GLU 24  214 214 GLU GLU A . n 
A 1 25  LEU 25  215 215 LEU LEU A . n 
A 1 26  GLU 26  216 216 GLU GLU A . n 
A 1 27  SER 27  217 217 SER SER A . n 
A 1 28  PRO 28  218 218 PRO PRO A . n 
A 1 29  PHE 29  219 219 PHE PHE A . n 
A 1 30  ILE 30  220 220 ILE ILE A . n 
A 1 31  LEU 31  221 221 LEU LEU A . n 
A 1 32  LEU 32  222 222 LEU LEU A . n 
A 1 33  ALA 33  223 223 ALA ALA A . n 
A 1 34  ASP 34  224 224 ASP ASP A . n 
A 1 35  LYS 35  225 225 LYS LYS A . n 
A 1 36  LYS 36  226 226 LYS LYS A . n 
A 1 37  ILE 37  227 227 ILE ILE A . n 
A 1 38  SER 38  228 228 SER SER A . n 
A 1 39  ASN 39  229 229 ASN ASN A . n 
A 1 40  ILE 40  230 230 ILE ILE A . n 
A 1 41  ARG 41  231 231 ARG ARG A . n 
A 1 42  GLU 42  232 232 GLU GLU A . n 
A 1 43  MET 43  233 233 MET MET A . n 
A 1 44  LEU 44  234 234 LEU LEU A . n 
A 1 45  PRO 45  235 235 PRO PRO A . n 
A 1 46  VAL 46  236 236 VAL VAL A . n 
A 1 47  LEU 47  237 237 LEU LEU A . n 
A 1 48  GLU 48  238 238 GLU GLU A . n 
A 1 49  ALA 49  239 239 ALA ALA A . n 
A 1 50  VAL 50  240 240 VAL VAL A . n 
A 1 51  ALA 51  241 241 ALA ALA A . n 
A 1 52  LYS 52  242 242 LYS LYS A . n 
A 1 53  ALA 53  243 243 ALA ALA A . n 
A 1 54  GLY 54  244 244 GLY GLY A . n 
A 1 55  LYS 55  245 245 LYS LYS A . n 
A 1 56  PRO 56  246 246 PRO PRO A . n 
A 1 57  LEU 57  247 247 LEU LEU A . n 
A 1 58  LEU 58  248 248 LEU LEU A . n 
A 1 59  ILE 59  249 249 ILE ILE A . n 
A 1 60  ILE 60  250 250 ILE ILE A . n 
A 1 61  ALA 61  251 251 ALA ALA A . n 
A 1 62  GLU 62  252 252 GLU GLU A . n 
A 1 63  ASP 63  253 253 ASP ASP A . n 
A 1 64  VAL 64  254 254 VAL VAL A . n 
A 1 65  GLU 65  255 255 GLU GLU A . n 
A 1 66  GLY 66  256 256 GLY GLY A . n 
A 1 67  GLU 67  257 257 GLU GLU A . n 
A 1 68  ALA 68  258 258 ALA ALA A . n 
A 1 69  LEU 69  259 259 LEU LEU A . n 
A 1 70  ALA 70  260 260 ALA ALA A . n 
A 1 71  THR 71  261 261 THR THR A . n 
A 1 72  LEU 72  262 262 LEU LEU A . n 
A 1 73  VAL 73  263 263 VAL VAL A . n 
A 1 74  VAL 74  264 264 VAL VAL A . n 
A 1 75  ASN 75  265 265 ASN ASN A . n 
A 1 76  THR 76  266 266 THR THR A . n 
A 1 77  MET 77  267 267 MET MET A . n 
A 1 78  ARG 78  268 268 ARG ARG A . n 
A 1 79  GLY 79  269 269 GLY GLY A . n 
A 1 80  ILE 80  270 270 ILE ILE A . n 
A 1 81  VAL 81  271 271 VAL VAL A . n 
A 1 82  LYS 82  272 272 LYS LYS A . n 
A 1 83  VAL 83  273 273 VAL VAL A . n 
A 1 84  ALA 84  274 274 ALA ALA A . n 
A 1 85  ALA 85  275 275 ALA ALA A . n 
A 1 86  VAL 86  276 276 VAL VAL A . n 
A 1 87  LYS 87  277 277 LYS LYS A . n 
A 1 88  ALA 88  278 278 ALA ALA A . n 
A 1 89  PRO 89  279 279 PRO PRO A . n 
A 1 90  GLY 90  280 280 GLY GLY A . n 
A 1 91  PHE 91  281 281 PHE PHE A . n 
A 1 92  GLY 92  282 282 GLY GLY A . n 
A 1 93  ASP 93  283 283 ASP ASP A . n 
A 1 94  ARG 94  284 284 ARG ARG A . n 
A 1 95  ARG 95  285 285 ARG ARG A . n 
A 1 96  LYS 96  286 286 LYS LYS A . n 
A 1 97  ALA 97  287 287 ALA ALA A . n 
A 1 98  MET 98  288 288 MET MET A . n 
A 1 99  LEU 99  289 289 LEU LEU A . n 
A 1 100 GLN 100 290 290 GLN GLN A . n 
A 1 101 ASP 101 291 291 ASP ASP A . n 
A 1 102 ILE 102 292 292 ILE ILE A . n 
A 1 103 ALA 103 293 293 ALA ALA A . n 
A 1 104 THR 104 294 294 THR THR A . n 
A 1 105 LEU 105 295 295 LEU LEU A . n 
A 1 106 THR 106 296 296 THR THR A . n 
A 1 107 GLY 107 297 297 GLY GLY A . n 
A 1 108 GLY 108 298 298 GLY GLY A . n 
A 1 109 THR 109 299 299 THR THR A . n 
A 1 110 VAL 110 300 300 VAL VAL A . n 
A 1 111 ILE 111 301 301 ILE ILE A . n 
A 1 112 SER 112 302 ?   ?   ?   A . n 
A 1 113 GLU 113 303 ?   ?   ?   A . n 
A 1 114 GLU 114 304 ?   ?   ?   A . n 
A 1 115 ILE 115 305 ?   ?   ?   A . n 
A 1 116 GLY 116 306 ?   ?   ?   A . n 
A 1 117 MET 117 307 307 MET MET A . n 
A 1 118 GLU 118 308 308 GLU GLU A . n 
A 1 119 LEU 119 309 309 LEU LEU A . n 
A 1 120 GLU 120 310 310 GLU GLU A . n 
A 1 121 LYS 121 311 311 LYS LYS A . n 
A 1 122 ALA 122 312 312 ALA ALA A . n 
A 1 123 THR 123 313 313 THR THR A . n 
A 1 124 LEU 124 314 314 LEU LEU A . n 
A 1 125 GLU 125 315 315 GLU GLU A . n 
A 1 126 ASP 126 316 316 ASP ASP A . n 
A 1 127 LEU 127 317 317 LEU LEU A . n 
A 1 128 GLY 128 318 318 GLY GLY A . n 
A 1 129 GLN 129 319 319 GLN GLN A . n 
A 1 130 ALA 130 320 320 ALA ALA A . n 
A 1 131 LYS 131 321 321 LYS LYS A . n 
A 1 132 ARG 132 322 322 ARG ARG A . n 
A 1 133 VAL 133 323 323 VAL VAL A . n 
A 1 134 VAL 134 324 324 VAL VAL A . n 
A 1 135 ILE 135 325 325 ILE ILE A . n 
A 1 136 ASN 136 326 326 ASN ASN A . n 
A 1 137 LYS 137 327 327 LYS LYS A . n 
A 1 138 ASP 138 328 328 ASP ASP A . n 
A 1 139 THR 139 329 329 THR THR A . n 
A 1 140 THR 140 330 330 THR THR A . n 
A 1 141 THR 141 331 331 THR THR A . n 
A 1 142 ILE 142 332 332 ILE ILE A . n 
A 1 143 ILE 143 333 333 ILE ILE A . n 
A 1 144 ASP 144 334 334 ASP ASP A . n 
A 1 145 GLY 145 335 335 GLY GLY A . n 
A 1 146 VAL 146 336 336 VAL VAL A . n 
A 1 147 GLY 147 337 ?   ?   ?   A . n 
A 1 148 GLU 148 338 ?   ?   ?   A . n 
A 1 149 GLU 149 339 ?   ?   ?   A . n 
A 1 150 ALA 150 340 ?   ?   ?   A . n 
A 1 151 ALA 151 341 ?   ?   ?   A . n 
A 1 152 ILE 152 342 ?   ?   ?   A . n 
A 1 153 GLN 153 343 ?   ?   ?   A . n 
A 1 154 GLY 154 344 ?   ?   ?   A . n 
A 1 155 ARG 155 345 ?   ?   ?   A . n 
# 
loop_
_pdbx_nonpoly_scheme.asym_id 
_pdbx_nonpoly_scheme.entity_id 
_pdbx_nonpoly_scheme.mon_id 
_pdbx_nonpoly_scheme.ndb_seq_num 
_pdbx_nonpoly_scheme.pdb_seq_num 
_pdbx_nonpoly_scheme.auth_seq_num 
_pdbx_nonpoly_scheme.pdb_mon_id 
_pdbx_nonpoly_scheme.auth_mon_id 
_pdbx_nonpoly_scheme.pdb_strand_id 
_pdbx_nonpoly_scheme.pdb_ins_code 
B 2 HOH 1 1 1 HOH HOH A . 
B 2 HOH 2 2 2 HOH HOH A . 
B 2 HOH 3 3 3 HOH HOH A . 
B 2 HOH 4 4 4 HOH HOH A . 
B 2 HOH 5 5 5 HOH HOH A . 
B 2 HOH 6 6 6 HOH HOH A . 
B 2 HOH 7 7 7 HOH HOH A . 
B 2 HOH 8 8 8 HOH HOH A . 
# 
loop_
_pdbx_unobs_or_zero_occ_atoms.id 
_pdbx_unobs_or_zero_occ_atoms.PDB_model_num 
_pdbx_unobs_or_zero_occ_atoms.polymer_flag 
_pdbx_unobs_or_zero_occ_atoms.occupancy_flag 
_pdbx_unobs_or_zero_occ_atoms.auth_asym_id 
_pdbx_unobs_or_zero_occ_atoms.auth_comp_id 
_pdbx_unobs_or_zero_occ_atoms.auth_seq_id 
_pdbx_unobs_or_zero_occ_atoms.PDB_ins_code 
_pdbx_unobs_or_zero_occ_atoms.auth_atom_id 
_pdbx_unobs_or_zero_occ_atoms.label_alt_id 
_pdbx_unobs_or_zero_occ_atoms.label_asym_id 
_pdbx_unobs_or_zero_occ_atoms.label_comp_id 
_pdbx_unobs_or_zero_occ_atoms.label_seq_id 
_pdbx_unobs_or_zero_occ_atoms.label_atom_id 
1  1 Y 1 A GLU 191 ? CG  ? A GLU 1   CG  
2  1 Y 1 A GLU 191 ? CD  ? A GLU 1   CD  
3  1 Y 1 A GLU 191 ? OE1 ? A GLU 1   OE1 
4  1 Y 1 A GLU 191 ? OE2 ? A GLU 1   OE2 
5  1 Y 1 A LYS 207 ? CD  ? A LYS 17  CD  
6  1 Y 1 A LYS 207 ? CE  ? A LYS 17  CE  
7  1 Y 1 A LYS 207 ? NZ  ? A LYS 17  NZ  
8  1 Y 1 A LYS 242 ? CD  ? A LYS 52  CD  
9  1 Y 1 A LYS 242 ? CE  ? A LYS 52  CE  
10 1 Y 1 A LYS 242 ? NZ  ? A LYS 52  NZ  
11 1 Y 1 A VAL 271 ? CG1 ? A VAL 81  CG1 
12 1 Y 1 A VAL 271 ? CG2 ? A VAL 81  CG2 
13 1 Y 1 A LYS 272 ? CG  ? A LYS 82  CG  
14 1 Y 1 A LYS 272 ? CD  ? A LYS 82  CD  
15 1 Y 1 A LYS 272 ? CE  ? A LYS 82  CE  
16 1 Y 1 A LYS 272 ? NZ  ? A LYS 82  NZ  
17 1 Y 1 A ASP 283 ? OD1 ? A ASP 93  OD1 
18 1 Y 1 A ASP 283 ? OD2 ? A ASP 93  OD2 
19 1 Y 1 A LYS 286 ? CG  ? A LYS 96  CG  
20 1 Y 1 A LYS 286 ? CD  ? A LYS 96  CD  
21 1 Y 1 A LYS 286 ? CE  ? A LYS 96  CE  
22 1 Y 1 A LYS 286 ? NZ  ? A LYS 96  NZ  
23 1 Y 1 A GLU 308 ? CG  ? A GLU 118 CG  
24 1 Y 1 A GLU 308 ? CD  ? A GLU 118 CD  
25 1 Y 1 A GLU 308 ? OE1 ? A GLU 118 OE1 
26 1 Y 1 A GLU 308 ? OE2 ? A GLU 118 OE2 
27 1 Y 1 A GLU 310 ? OE1 ? A GLU 120 OE1 
28 1 Y 1 A GLU 310 ? OE2 ? A GLU 120 OE2 
29 1 Y 1 A LYS 311 ? NZ  ? A LYS 121 NZ  
30 1 Y 1 A GLU 315 ? CG  ? A GLU 125 CG  
31 1 Y 1 A GLU 315 ? CD  ? A GLU 125 CD  
32 1 Y 1 A GLU 315 ? OE1 ? A GLU 125 OE1 
33 1 Y 1 A GLU 315 ? OE2 ? A GLU 125 OE2 
34 1 Y 1 A LYS 321 ? CG  ? A LYS 131 CG  
35 1 Y 1 A LYS 321 ? CD  ? A LYS 131 CD  
36 1 Y 1 A LYS 321 ? CE  ? A LYS 131 CE  
37 1 Y 1 A LYS 321 ? NZ  ? A LYS 131 NZ  
38 1 Y 1 A LYS 327 ? CE  ? A LYS 137 CE  
39 1 Y 1 A LYS 327 ? NZ  ? A LYS 137 NZ  
# 
loop_
_software.name 
_software.classification 
_software.version 
_software.citation_id 
_software.pdbx_ordinal 
AMoRE  phasing          . ? 1 
X-PLOR 'model building' . ? 2 
X-PLOR refinement       . ? 3 
MOSFLM 'data reduction' . ? 4 
CCP4   'data scaling'   . ? 5 
X-PLOR phasing          . ? 6 
# 
_cell.entry_id           1JON 
_cell.length_a           91.670 
_cell.length_b           91.670 
_cell.length_c           38.330 
_cell.angle_alpha        90.00 
_cell.angle_beta         90.00 
_cell.angle_gamma        120.00 
_cell.Z_PDB              6 
_cell.pdbx_unique_axis   ? 
# 
_symmetry.entry_id                         1JON 
_symmetry.space_group_name_H-M             'P 31 2 1' 
_symmetry.pdbx_full_space_group_name_H-M   ? 
_symmetry.cell_setting                     ? 
_symmetry.Int_Tables_number                152 
# 
_exptl.entry_id          1JON 
_exptl.method            'X-RAY DIFFRACTION' 
_exptl.crystals_number   1 
# 
_exptl_crystal.id                    1 
_exptl_crystal.density_meas          ? 
_exptl_crystal.density_Matthews      2.5 
_exptl_crystal.density_percent_sol   51. 
_exptl_crystal.description           ? 
# 
_exptl_crystal_grow.crystal_id      1 
_exptl_crystal_grow.method          ? 
_exptl_crystal_grow.temp            290 
_exptl_crystal_grow.temp_details    ? 
_exptl_crystal_grow.pH              8.5 
_exptl_crystal_grow.pdbx_pH_range   ? 
_exptl_crystal_grow.pdbx_details    
'11% PEG 4000, 50 MM TRIS-HCL, PH 8.5, 200 MM LISO4, 23 MG/ML PROTEIN, 17 DEG. C., temperature 290K' 
# 
_diffrn.id                     1 
_diffrn.ambient_temp           277 
_diffrn.ambient_temp_details   ? 
_diffrn.crystal_id             1 
# 
_diffrn_detector.diffrn_id              1 
_diffrn_detector.detector               'IMAGE PLATE' 
_diffrn_detector.type                   MARRESEARCH 
_diffrn_detector.pdbx_collection_date   1996-04-09 
_diffrn_detector.details                ? 
# 
_diffrn_radiation.diffrn_id                        1 
_diffrn_radiation.wavelength_id                    1 
_diffrn_radiation.pdbx_monochromatic_or_laue_m_l   M 
_diffrn_radiation.monochromator                    ? 
_diffrn_radiation.pdbx_diffrn_protocol             ? 
_diffrn_radiation.pdbx_scattering_type             x-ray 
# 
_diffrn_radiation_wavelength.id           1 
_diffrn_radiation_wavelength.wavelength   0.87 
_diffrn_radiation_wavelength.wt           1.0 
# 
_diffrn_source.diffrn_id                   1 
_diffrn_source.source                      SYNCHROTRON 
_diffrn_source.type                        'SRS BEAMLINE PX9.6' 
_diffrn_source.pdbx_synchrotron_site       SRS 
_diffrn_source.pdbx_synchrotron_beamline   PX9.6 
_diffrn_source.pdbx_wavelength             0.87 
_diffrn_source.pdbx_wavelength_list        ? 
# 
_reflns.entry_id                     1JON 
_reflns.observed_criterion_sigma_I   3. 
_reflns.observed_criterion_sigma_F   ? 
_reflns.d_resolution_low             22.0 
_reflns.d_resolution_high            2.5 
_reflns.number_obs                   6564 
_reflns.number_all                   ? 
_reflns.percent_possible_obs         99.4 
_reflns.pdbx_Rmerge_I_obs            0.0990000 
_reflns.pdbx_Rsym_value              ? 
_reflns.pdbx_netI_over_sigmaI        9.9 
_reflns.B_iso_Wilson_estimate        ? 
_reflns.pdbx_redundancy              3.3 
_reflns.pdbx_diffrn_id               1 
_reflns.pdbx_ordinal                 1 
# 
_reflns_shell.d_res_high             2.50 
_reflns_shell.d_res_low              2.64 
_reflns_shell.percent_possible_all   96.7 
_reflns_shell.Rmerge_I_obs           0.4510000 
_reflns_shell.pdbx_Rsym_value        ? 
_reflns_shell.meanI_over_sigI_obs    1.8 
_reflns_shell.pdbx_redundancy        3.0 
_reflns_shell.pdbx_diffrn_id         ? 
_reflns_shell.pdbx_ordinal           1 
# 
_refine.entry_id                                 1JON 
_refine.ls_number_reflns_obs                     6341 
_refine.ls_number_reflns_all                     ? 
_refine.pdbx_ls_sigma_I                          ? 
_refine.pdbx_ls_sigma_F                          0.0 
_refine.pdbx_data_cutoff_high_absF               ? 
_refine.pdbx_data_cutoff_low_absF                ? 
_refine.pdbx_data_cutoff_high_rms_absF           ? 
_refine.ls_d_res_low                             8.0 
_refine.ls_d_res_high                            2.5 
_refine.ls_percent_reflns_obs                    99.5 
_refine.ls_R_factor_obs                          0.2160000 
_refine.ls_R_factor_all                          ? 
_refine.ls_R_factor_R_work                       0.2160000 
_refine.ls_R_factor_R_free                       0.2870000 
_refine.ls_R_factor_R_free_error                 ? 
_refine.ls_R_factor_R_free_error_details         ? 
_refine.ls_percent_reflns_R_free                 10.00 
_refine.ls_number_reflns_R_free                  ? 
_refine.ls_number_parameters                     ? 
_refine.ls_number_restraints                     ? 
_refine.occupancy_min                            ? 
_refine.occupancy_max                            ? 
_refine.B_iso_mean                               42. 
_refine.aniso_B[1][1]                            ? 
_refine.aniso_B[2][2]                            ? 
_refine.aniso_B[3][3]                            ? 
_refine.aniso_B[1][2]                            ? 
_refine.aniso_B[1][3]                            ? 
_refine.aniso_B[2][3]                            ? 
_refine.solvent_model_details                    ? 
_refine.solvent_model_param_ksol                 ? 
_refine.solvent_model_param_bsol                 ? 
_refine.pdbx_ls_cross_valid_method               ? 
_refine.details                                  ? 
_refine.pdbx_starting_model                      'PDB ENTRY 1OEL' 
_refine.pdbx_method_to_determine_struct          'MOLECULAR REPLACEMENT' 
_refine.pdbx_isotropic_thermal_model             ? 
_refine.pdbx_stereochemistry_target_values       ? 
_refine.pdbx_stereochem_target_val_spec_case     ? 
_refine.pdbx_R_Free_selection_details            ? 
_refine.pdbx_overall_ESU_R                       ? 
_refine.pdbx_overall_ESU_R_Free                  ? 
_refine.overall_SU_ML                            ? 
_refine.overall_SU_B                             ? 
_refine.pdbx_refine_id                           'X-RAY DIFFRACTION' 
_refine.pdbx_diffrn_id                           1 
_refine.pdbx_TLS_residual_ADP_flag               ? 
_refine.correlation_coeff_Fo_to_Fc               ? 
_refine.correlation_coeff_Fo_to_Fc_free          ? 
_refine.pdbx_solvent_vdw_probe_radii             ? 
_refine.pdbx_solvent_ion_probe_radii             ? 
_refine.pdbx_solvent_shrinkage_radii             ? 
_refine.pdbx_overall_phase_error                 ? 
_refine.overall_SU_R_Cruickshank_DPI             ? 
_refine.pdbx_overall_SU_R_free_Cruickshank_DPI   ? 
_refine.pdbx_overall_SU_R_Blow_DPI               ? 
_refine.pdbx_overall_SU_R_free_Blow_DPI          ? 
# 
_refine_hist.pdbx_refine_id                   'X-RAY DIFFRACTION' 
_refine_hist.cycle_id                         LAST 
_refine_hist.pdbx_number_atoms_protein        1026 
_refine_hist.pdbx_number_atoms_nucleic_acid   0 
_refine_hist.pdbx_number_atoms_ligand         0 
_refine_hist.number_atoms_solvent             8 
_refine_hist.number_atoms_total               1034 
_refine_hist.d_res_high                       2.5 
_refine_hist.d_res_low                        8.0 
# 
loop_
_refine_ls_restr.type 
_refine_ls_restr.dev_ideal 
_refine_ls_restr.dev_ideal_target 
_refine_ls_restr.weight 
_refine_ls_restr.number 
_refine_ls_restr.pdbx_refine_id 
_refine_ls_restr.pdbx_restraint_function 
x_bond_d                0.006 ? ? ? 'X-RAY DIFFRACTION' ? 
x_bond_d_na             ?     ? ? ? 'X-RAY DIFFRACTION' ? 
x_bond_d_prot           ?     ? ? ? 'X-RAY DIFFRACTION' ? 
x_angle_d               ?     ? ? ? 'X-RAY DIFFRACTION' ? 
x_angle_d_na            ?     ? ? ? 'X-RAY DIFFRACTION' ? 
x_angle_d_prot          ?     ? ? ? 'X-RAY DIFFRACTION' ? 
x_angle_deg             1.423 ? ? ? 'X-RAY DIFFRACTION' ? 
x_angle_deg_na          ?     ? ? ? 'X-RAY DIFFRACTION' ? 
x_angle_deg_prot        ?     ? ? ? 'X-RAY DIFFRACTION' ? 
x_dihedral_angle_d      ?     ? ? ? 'X-RAY DIFFRACTION' ? 
x_dihedral_angle_d_na   ?     ? ? ? 'X-RAY DIFFRACTION' ? 
x_dihedral_angle_d_prot ?     ? ? ? 'X-RAY DIFFRACTION' ? 
x_improper_angle_d      1.23  ? ? ? 'X-RAY DIFFRACTION' ? 
x_improper_angle_d_na   ?     ? ? ? 'X-RAY DIFFRACTION' ? 
x_improper_angle_d_prot ?     ? ? ? 'X-RAY DIFFRACTION' ? 
x_mcbond_it             ?     ? ? ? 'X-RAY DIFFRACTION' ? 
x_mcangle_it            ?     ? ? ? 'X-RAY DIFFRACTION' ? 
x_scbond_it             ?     ? ? ? 'X-RAY DIFFRACTION' ? 
x_scangle_it            ?     ? ? ? 'X-RAY DIFFRACTION' ? 
# 
_struct.entry_id                  1JON 
_struct.title                     'GROEL (HSP60 CLASS) FRAGMENT COMPRISING RESIDUES 191-345' 
_struct.pdbx_model_details        ? 
_struct.pdbx_CASP_flag            ? 
_struct.pdbx_model_type_details   ? 
# 
_struct_keywords.entry_id        1JON 
_struct_keywords.pdbx_keywords   CHAPERONE 
_struct_keywords.text            'CHAPERONE, CELL DIVISION, ATP-BINDING, PHOSPHORYLATION' 
# 
loop_
_struct_asym.id 
_struct_asym.pdbx_blank_PDB_chainid_flag 
_struct_asym.pdbx_modified 
_struct_asym.entity_id 
_struct_asym.details 
A N N 1 ? 
B N N 2 ? 
# 
_struct_ref.id                         1 
_struct_ref.db_name                    UNP 
_struct_ref.db_code                    CH60_ECOLI 
_struct_ref.entity_id                  1 
_struct_ref.pdbx_db_accession          P0A6F5 
_struct_ref.pdbx_align_begin           1 
_struct_ref.pdbx_seq_one_letter_code   
;AAKDVKFGNDARVKMLRGVNVLADAVKVTLGPKGRNVVLDKSFGAPTITKDGVSVAREIELEDKFENMGAQMVKEVASKA
NDAAGDGTTTATVLAQAIITEGLKAVAAGMNPMDLKRGIDKAVTAAVEELKALSVPCSDSKAIAQVGTISANSDETVGKL
IAEAMDKVGKEGVITVEDGTGLQDELDVVEGMQFDRGYLSPYFINKPETGAVELESPFILLADKKISNIREMLPVLEAVA
KAGKPLLIIAEDVEGEALATAVVNTIRGIVKVAAVKAPGFGDRRKAMLQDIATLTGGTVISEEIGMELEKATLEDLGQAK
RVVINKDTTTIIDGVGEEAAIQGRVAQIRQQIEEATSDYDREKLQERVAKLAGGVAVIKVGAATEVEMKEKKARVEDALH
ATRAAVEEGVVAGGGVALIRVASKLADLRGQNEDQNVGIKVALRAMEAPLRQIVLNCGEEPSVVANTVKGGDGNYGYNAA
TEEYGNMIDMGILDPTKVTRSALQYAASVAGLMITTECMVTDLPKNDAADLGAAGGMGGMGGMGGMM
;
_struct_ref.pdbx_db_isoform            ? 
# 
_struct_ref_seq.align_id                      1 
_struct_ref_seq.ref_id                        1 
_struct_ref_seq.pdbx_PDB_id_code              1JON 
_struct_ref_seq.pdbx_strand_id                A 
_struct_ref_seq.seq_align_beg                 1 
_struct_ref_seq.pdbx_seq_align_beg_ins_code   ? 
_struct_ref_seq.seq_align_end                 155 
_struct_ref_seq.pdbx_seq_align_end_ins_code   ? 
_struct_ref_seq.pdbx_db_accession             P0A6F5 
_struct_ref_seq.db_align_beg                  190 
_struct_ref_seq.pdbx_db_align_beg_ins_code    ? 
_struct_ref_seq.db_align_end                  344 
_struct_ref_seq.pdbx_db_align_end_ins_code    ? 
_struct_ref_seq.pdbx_auth_seq_align_beg       191 
_struct_ref_seq.pdbx_auth_seq_align_end       345 
# 
loop_
_struct_ref_seq_dif.align_id 
_struct_ref_seq_dif.pdbx_pdb_id_code 
_struct_ref_seq_dif.mon_id 
_struct_ref_seq_dif.pdbx_pdb_strand_id 
_struct_ref_seq_dif.seq_num 
_struct_ref_seq_dif.pdbx_pdb_ins_code 
_struct_ref_seq_dif.pdbx_seq_db_name 
_struct_ref_seq_dif.pdbx_seq_db_accession_code 
_struct_ref_seq_dif.db_mon_id 
_struct_ref_seq_dif.pdbx_seq_db_seq_num 
_struct_ref_seq_dif.details 
_struct_ref_seq_dif.pdbx_auth_seq_num 
_struct_ref_seq_dif.pdbx_ordinal 
1 1JON LEU A 72 ? UNP P0A6F5 ALA 261 'engineered mutation' 262 1 
1 1JON MET A 77 ? UNP P0A6F5 ILE 266 'engineered mutation' 267 2 
# 
_pdbx_struct_assembly.id                   1 
_pdbx_struct_assembly.details              author_defined_assembly 
_pdbx_struct_assembly.method_details       ? 
_pdbx_struct_assembly.oligomeric_details   monomeric 
_pdbx_struct_assembly.oligomeric_count     1 
# 
_pdbx_struct_assembly_gen.assembly_id       1 
_pdbx_struct_assembly_gen.oper_expression   1 
_pdbx_struct_assembly_gen.asym_id_list      A,B 
# 
_pdbx_struct_oper_list.id                   1 
_pdbx_struct_oper_list.type                 'identity operation' 
_pdbx_struct_oper_list.name                 1_555 
_pdbx_struct_oper_list.symmetry_operation   x,y,z 
_pdbx_struct_oper_list.matrix[1][1]         1.0000000000 
_pdbx_struct_oper_list.matrix[1][2]         0.0000000000 
_pdbx_struct_oper_list.matrix[1][3]         0.0000000000 
_pdbx_struct_oper_list.vector[1]            0.0000000000 
_pdbx_struct_oper_list.matrix[2][1]         0.0000000000 
_pdbx_struct_oper_list.matrix[2][2]         1.0000000000 
_pdbx_struct_oper_list.matrix[2][3]         0.0000000000 
_pdbx_struct_oper_list.vector[2]            0.0000000000 
_pdbx_struct_oper_list.matrix[3][1]         0.0000000000 
_pdbx_struct_oper_list.matrix[3][2]         0.0000000000 
_pdbx_struct_oper_list.matrix[3][3]         1.0000000000 
_pdbx_struct_oper_list.vector[3]            0.0000000000 
# 
_struct_biol.id   1 
# 
loop_
_struct_conf.conf_type_id 
_struct_conf.id 
_struct_conf.pdbx_PDB_helix_id 
_struct_conf.beg_label_comp_id 
_struct_conf.beg_label_asym_id 
_struct_conf.beg_label_seq_id 
_struct_conf.pdbx_beg_PDB_ins_code 
_struct_conf.end_label_comp_id 
_struct_conf.end_label_asym_id 
_struct_conf.end_label_seq_id 
_struct_conf.pdbx_end_PDB_ins_code 
_struct_conf.beg_auth_comp_id 
_struct_conf.beg_auth_asym_id 
_struct_conf.beg_auth_seq_id 
_struct_conf.end_auth_comp_id 
_struct_conf.end_auth_asym_id 
_struct_conf.end_auth_seq_id 
_struct_conf.pdbx_PDB_helix_class 
_struct_conf.details 
_struct_conf.pdbx_PDB_helix_length 
HELX_P HELX_P1 1 PRO A 12  ? PHE A 14  ? PRO A 202 PHE A 204 5 ? 3  
HELX_P HELX_P2 2 ILE A 40  ? ALA A 53  ? ILE A 230 ALA A 243 1 ? 14 
HELX_P HELX_P3 3 GLY A 66  ? ARG A 78  ? GLY A 256 ARG A 268 1 ? 13 
HELX_P HELX_P4 4 GLY A 92  ? THR A 106 ? GLY A 282 THR A 296 1 ? 15 
HELX_P HELX_P5 5 LEU A 119 ? LYS A 121 ? LEU A 309 LYS A 311 5 ? 3  
HELX_P HELX_P6 6 LEU A 124 ? ASP A 126 ? LEU A 314 ASP A 316 5 ? 3  
# 
_struct_conf_type.id          HELX_P 
_struct_conf_type.criteria    ? 
_struct_conf_type.reference   ? 
# 
loop_
_struct_sheet.id 
_struct_sheet.type 
_struct_sheet.number_strands 
_struct_sheet.details 
A ? 4 ? 
B ? 3 ? 
# 
loop_
_struct_sheet_order.sheet_id 
_struct_sheet_order.range_id_1 
_struct_sheet_order.range_id_2 
_struct_sheet_order.offset 
_struct_sheet_order.sense 
A 1 2 ? anti-parallel 
A 2 3 ? anti-parallel 
A 3 4 ? anti-parallel 
B 1 2 ? parallel      
B 2 3 ? parallel      
# 
loop_
_struct_sheet_range.sheet_id 
_struct_sheet_range.id 
_struct_sheet_range.beg_label_comp_id 
_struct_sheet_range.beg_label_asym_id 
_struct_sheet_range.beg_label_seq_id 
_struct_sheet_range.pdbx_beg_PDB_ins_code 
_struct_sheet_range.end_label_comp_id 
_struct_sheet_range.end_label_asym_id 
_struct_sheet_range.end_label_seq_id 
_struct_sheet_range.pdbx_end_PDB_ins_code 
_struct_sheet_range.beg_auth_comp_id 
_struct_sheet_range.beg_auth_asym_id 
_struct_sheet_range.beg_auth_seq_id 
_struct_sheet_range.end_auth_comp_id 
_struct_sheet_range.end_auth_asym_id 
_struct_sheet_range.end_auth_seq_id 
A 1 MET A 3   ? PHE A 5   ? MET A 193 PHE A 195 
A 2 THR A 140 ? ILE A 143 ? THR A 330 ILE A 333 
A 3 ARG A 132 ? ILE A 135 ? ARG A 322 ILE A 325 
A 4 VAL A 23  ? GLU A 26  ? VAL A 213 GLU A 216 
B 1 PHE A 29  ? ALA A 33  ? PHE A 219 ALA A 223 
B 2 LEU A 57  ? ALA A 61  ? LEU A 247 ALA A 251 
B 3 VAL A 83  ? LYS A 87  ? VAL A 273 LYS A 277 
# 
loop_
_pdbx_struct_sheet_hbond.sheet_id 
_pdbx_struct_sheet_hbond.range_id_1 
_pdbx_struct_sheet_hbond.range_id_2 
_pdbx_struct_sheet_hbond.range_1_label_atom_id 
_pdbx_struct_sheet_hbond.range_1_label_comp_id 
_pdbx_struct_sheet_hbond.range_1_label_asym_id 
_pdbx_struct_sheet_hbond.range_1_label_seq_id 
_pdbx_struct_sheet_hbond.range_1_PDB_ins_code 
_pdbx_struct_sheet_hbond.range_1_auth_atom_id 
_pdbx_struct_sheet_hbond.range_1_auth_comp_id 
_pdbx_struct_sheet_hbond.range_1_auth_asym_id 
_pdbx_struct_sheet_hbond.range_1_auth_seq_id 
_pdbx_struct_sheet_hbond.range_2_label_atom_id 
_pdbx_struct_sheet_hbond.range_2_label_comp_id 
_pdbx_struct_sheet_hbond.range_2_label_asym_id 
_pdbx_struct_sheet_hbond.range_2_label_seq_id 
_pdbx_struct_sheet_hbond.range_2_PDB_ins_code 
_pdbx_struct_sheet_hbond.range_2_auth_atom_id 
_pdbx_struct_sheet_hbond.range_2_auth_comp_id 
_pdbx_struct_sheet_hbond.range_2_auth_asym_id 
_pdbx_struct_sheet_hbond.range_2_auth_seq_id 
A 1 2 O MET A 3   ? O MET A 193 N ILE A 142 ? N ILE A 332 
A 2 3 O THR A 141 ? O THR A 331 N VAL A 134 ? N VAL A 324 
A 3 4 O VAL A 133 ? O VAL A 323 N LEU A 25  ? N LEU A 215 
B 1 2 O PHE A 29  ? O PHE A 219 N LEU A 58  ? N LEU A 248 
B 2 3 O LEU A 57  ? O LEU A 247 N ALA A 84  ? N ALA A 274 
# 
loop_
_pdbx_validate_torsion.id 
_pdbx_validate_torsion.PDB_model_num 
_pdbx_validate_torsion.auth_comp_id 
_pdbx_validate_torsion.auth_asym_id 
_pdbx_validate_torsion.auth_seq_id 
_pdbx_validate_torsion.PDB_ins_code 
_pdbx_validate_torsion.label_alt_id 
_pdbx_validate_torsion.phi 
_pdbx_validate_torsion.psi 
1 1 ASP A 224 ? ? -85.13  42.33   
2 1 ASP A 253 ? ? 178.75  147.70  
3 1 LYS A 272 ? ? -110.09 78.32   
4 1 ASN A 326 ? ? -129.35 -161.59 
5 1 ASP A 334 ? ? 56.37   76.28   
# 
loop_
_pdbx_unobs_or_zero_occ_residues.id 
_pdbx_unobs_or_zero_occ_residues.PDB_model_num 
_pdbx_unobs_or_zero_occ_residues.polymer_flag 
_pdbx_unobs_or_zero_occ_residues.occupancy_flag 
_pdbx_unobs_or_zero_occ_residues.auth_asym_id 
_pdbx_unobs_or_zero_occ_residues.auth_comp_id 
_pdbx_unobs_or_zero_occ_residues.auth_seq_id 
_pdbx_unobs_or_zero_occ_residues.PDB_ins_code 
_pdbx_unobs_or_zero_occ_residues.label_asym_id 
_pdbx_unobs_or_zero_occ_residues.label_comp_id 
_pdbx_unobs_or_zero_occ_residues.label_seq_id 
1  1 Y 1 A SER 302 ? A SER 112 
2  1 Y 1 A GLU 303 ? A GLU 113 
3  1 Y 1 A GLU 304 ? A GLU 114 
4  1 Y 1 A ILE 305 ? A ILE 115 
5  1 Y 1 A GLY 306 ? A GLY 116 
6  1 Y 1 A GLY 337 ? A GLY 147 
7  1 Y 1 A GLU 338 ? A GLU 148 
8  1 Y 1 A GLU 339 ? A GLU 149 
9  1 Y 1 A ALA 340 ? A ALA 150 
10 1 Y 1 A ALA 341 ? A ALA 151 
11 1 Y 1 A ILE 342 ? A ILE 152 
12 1 Y 1 A GLN 343 ? A GLN 153 
13 1 Y 1 A GLY 344 ? A GLY 154 
14 1 Y 1 A ARG 345 ? A ARG 155 
# 
loop_
_chem_comp_atom.comp_id 
_chem_comp_atom.atom_id 
_chem_comp_atom.type_symbol 
_chem_comp_atom.pdbx_aromatic_flag 
_chem_comp_atom.pdbx_stereo_config 
_chem_comp_atom.pdbx_ordinal 
ALA N    N N N 1   
ALA CA   C N S 2   
ALA C    C N N 3   
ALA O    O N N 4   
ALA CB   C N N 5   
ALA OXT  O N N 6   
ALA H    H N N 7   
ALA H2   H N N 8   
ALA HA   H N N 9   
ALA HB1  H N N 10  
ALA HB2  H N N 11  
ALA HB3  H N N 12  
ALA HXT  H N N 13  
ARG N    N N N 14  
ARG CA   C N S 15  
ARG C    C N N 16  
ARG O    O N N 17  
ARG CB   C N N 18  
ARG CG   C N N 19  
ARG CD   C N N 20  
ARG NE   N N N 21  
ARG CZ   C N N 22  
ARG NH1  N N N 23  
ARG NH2  N N N 24  
ARG OXT  O N N 25  
ARG H    H N N 26  
ARG H2   H N N 27  
ARG HA   H N N 28  
ARG HB2  H N N 29  
ARG HB3  H N N 30  
ARG HG2  H N N 31  
ARG HG3  H N N 32  
ARG HD2  H N N 33  
ARG HD3  H N N 34  
ARG HE   H N N 35  
ARG HH11 H N N 36  
ARG HH12 H N N 37  
ARG HH21 H N N 38  
ARG HH22 H N N 39  
ARG HXT  H N N 40  
ASN N    N N N 41  
ASN CA   C N S 42  
ASN C    C N N 43  
ASN O    O N N 44  
ASN CB   C N N 45  
ASN CG   C N N 46  
ASN OD1  O N N 47  
ASN ND2  N N N 48  
ASN OXT  O N N 49  
ASN H    H N N 50  
ASN H2   H N N 51  
ASN HA   H N N 52  
ASN HB2  H N N 53  
ASN HB3  H N N 54  
ASN HD21 H N N 55  
ASN HD22 H N N 56  
ASN HXT  H N N 57  
ASP N    N N N 58  
ASP CA   C N S 59  
ASP C    C N N 60  
ASP O    O N N 61  
ASP CB   C N N 62  
ASP CG   C N N 63  
ASP OD1  O N N 64  
ASP OD2  O N N 65  
ASP OXT  O N N 66  
ASP H    H N N 67  
ASP H2   H N N 68  
ASP HA   H N N 69  
ASP HB2  H N N 70  
ASP HB3  H N N 71  
ASP HD2  H N N 72  
ASP HXT  H N N 73  
GLN N    N N N 74  
GLN CA   C N S 75  
GLN C    C N N 76  
GLN O    O N N 77  
GLN CB   C N N 78  
GLN CG   C N N 79  
GLN CD   C N N 80  
GLN OE1  O N N 81  
GLN NE2  N N N 82  
GLN OXT  O N N 83  
GLN H    H N N 84  
GLN H2   H N N 85  
GLN HA   H N N 86  
GLN HB2  H N N 87  
GLN HB3  H N N 88  
GLN HG2  H N N 89  
GLN HG3  H N N 90  
GLN HE21 H N N 91  
GLN HE22 H N N 92  
GLN HXT  H N N 93  
GLU N    N N N 94  
GLU CA   C N S 95  
GLU C    C N N 96  
GLU O    O N N 97  
GLU CB   C N N 98  
GLU CG   C N N 99  
GLU CD   C N N 100 
GLU OE1  O N N 101 
GLU OE2  O N N 102 
GLU OXT  O N N 103 
GLU H    H N N 104 
GLU H2   H N N 105 
GLU HA   H N N 106 
GLU HB2  H N N 107 
GLU HB3  H N N 108 
GLU HG2  H N N 109 
GLU HG3  H N N 110 
GLU HE2  H N N 111 
GLU HXT  H N N 112 
GLY N    N N N 113 
GLY CA   C N N 114 
GLY C    C N N 115 
GLY O    O N N 116 
GLY OXT  O N N 117 
GLY H    H N N 118 
GLY H2   H N N 119 
GLY HA2  H N N 120 
GLY HA3  H N N 121 
GLY HXT  H N N 122 
HOH O    O N N 123 
HOH H1   H N N 124 
HOH H2   H N N 125 
ILE N    N N N 126 
ILE CA   C N S 127 
ILE C    C N N 128 
ILE O    O N N 129 
ILE CB   C N S 130 
ILE CG1  C N N 131 
ILE CG2  C N N 132 
ILE CD1  C N N 133 
ILE OXT  O N N 134 
ILE H    H N N 135 
ILE H2   H N N 136 
ILE HA   H N N 137 
ILE HB   H N N 138 
ILE HG12 H N N 139 
ILE HG13 H N N 140 
ILE HG21 H N N 141 
ILE HG22 H N N 142 
ILE HG23 H N N 143 
ILE HD11 H N N 144 
ILE HD12 H N N 145 
ILE HD13 H N N 146 
ILE HXT  H N N 147 
LEU N    N N N 148 
LEU CA   C N S 149 
LEU C    C N N 150 
LEU O    O N N 151 
LEU CB   C N N 152 
LEU CG   C N N 153 
LEU CD1  C N N 154 
LEU CD2  C N N 155 
LEU OXT  O N N 156 
LEU H    H N N 157 
LEU H2   H N N 158 
LEU HA   H N N 159 
LEU HB2  H N N 160 
LEU HB3  H N N 161 
LEU HG   H N N 162 
LEU HD11 H N N 163 
LEU HD12 H N N 164 
LEU HD13 H N N 165 
LEU HD21 H N N 166 
LEU HD22 H N N 167 
LEU HD23 H N N 168 
LEU HXT  H N N 169 
LYS N    N N N 170 
LYS CA   C N S 171 
LYS C    C N N 172 
LYS O    O N N 173 
LYS CB   C N N 174 
LYS CG   C N N 175 
LYS CD   C N N 176 
LYS CE   C N N 177 
LYS NZ   N N N 178 
LYS OXT  O N N 179 
LYS H    H N N 180 
LYS H2   H N N 181 
LYS HA   H N N 182 
LYS HB2  H N N 183 
LYS HB3  H N N 184 
LYS HG2  H N N 185 
LYS HG3  H N N 186 
LYS HD2  H N N 187 
LYS HD3  H N N 188 
LYS HE2  H N N 189 
LYS HE3  H N N 190 
LYS HZ1  H N N 191 
LYS HZ2  H N N 192 
LYS HZ3  H N N 193 
LYS HXT  H N N 194 
MET N    N N N 195 
MET CA   C N S 196 
MET C    C N N 197 
MET O    O N N 198 
MET CB   C N N 199 
MET CG   C N N 200 
MET SD   S N N 201 
MET CE   C N N 202 
MET OXT  O N N 203 
MET H    H N N 204 
MET H2   H N N 205 
MET HA   H N N 206 
MET HB2  H N N 207 
MET HB3  H N N 208 
MET HG2  H N N 209 
MET HG3  H N N 210 
MET HE1  H N N 211 
MET HE2  H N N 212 
MET HE3  H N N 213 
MET HXT  H N N 214 
PHE N    N N N 215 
PHE CA   C N S 216 
PHE C    C N N 217 
PHE O    O N N 218 
PHE CB   C N N 219 
PHE CG   C Y N 220 
PHE CD1  C Y N 221 
PHE CD2  C Y N 222 
PHE CE1  C Y N 223 
PHE CE2  C Y N 224 
PHE CZ   C Y N 225 
PHE OXT  O N N 226 
PHE H    H N N 227 
PHE H2   H N N 228 
PHE HA   H N N 229 
PHE HB2  H N N 230 
PHE HB3  H N N 231 
PHE HD1  H N N 232 
PHE HD2  H N N 233 
PHE HE1  H N N 234 
PHE HE2  H N N 235 
PHE HZ   H N N 236 
PHE HXT  H N N 237 
PRO N    N N N 238 
PRO CA   C N S 239 
PRO C    C N N 240 
PRO O    O N N 241 
PRO CB   C N N 242 
PRO CG   C N N 243 
PRO CD   C N N 244 
PRO OXT  O N N 245 
PRO H    H N N 246 
PRO HA   H N N 247 
PRO HB2  H N N 248 
PRO HB3  H N N 249 
PRO HG2  H N N 250 
PRO HG3  H N N 251 
PRO HD2  H N N 252 
PRO HD3  H N N 253 
PRO HXT  H N N 254 
SER N    N N N 255 
SER CA   C N S 256 
SER C    C N N 257 
SER O    O N N 258 
SER CB   C N N 259 
SER OG   O N N 260 
SER OXT  O N N 261 
SER H    H N N 262 
SER H2   H N N 263 
SER HA   H N N 264 
SER HB2  H N N 265 
SER HB3  H N N 266 
SER HG   H N N 267 
SER HXT  H N N 268 
THR N    N N N 269 
THR CA   C N S 270 
THR C    C N N 271 
THR O    O N N 272 
THR CB   C N R 273 
THR OG1  O N N 274 
THR CG2  C N N 275 
THR OXT  O N N 276 
THR H    H N N 277 
THR H2   H N N 278 
THR HA   H N N 279 
THR HB   H N N 280 
THR HG1  H N N 281 
THR HG21 H N N 282 
THR HG22 H N N 283 
THR HG23 H N N 284 
THR HXT  H N N 285 
TYR N    N N N 286 
TYR CA   C N S 287 
TYR C    C N N 288 
TYR O    O N N 289 
TYR CB   C N N 290 
TYR CG   C Y N 291 
TYR CD1  C Y N 292 
TYR CD2  C Y N 293 
TYR CE1  C Y N 294 
TYR CE2  C Y N 295 
TYR CZ   C Y N 296 
TYR OH   O N N 297 
TYR OXT  O N N 298 
TYR H    H N N 299 
TYR H2   H N N 300 
TYR HA   H N N 301 
TYR HB2  H N N 302 
TYR HB3  H N N 303 
TYR HD1  H N N 304 
TYR HD2  H N N 305 
TYR HE1  H N N 306 
TYR HE2  H N N 307 
TYR HH   H N N 308 
TYR HXT  H N N 309 
VAL N    N N N 310 
VAL CA   C N S 311 
VAL C    C N N 312 
VAL O    O N N 313 
VAL CB   C N N 314 
VAL CG1  C N N 315 
VAL CG2  C N N 316 
VAL OXT  O N N 317 
VAL H    H N N 318 
VAL H2   H N N 319 
VAL HA   H N N 320 
VAL HB   H N N 321 
VAL HG11 H N N 322 
VAL HG12 H N N 323 
VAL HG13 H N N 324 
VAL HG21 H N N 325 
VAL HG22 H N N 326 
VAL HG23 H N N 327 
VAL HXT  H N N 328 
# 
loop_
_chem_comp_bond.comp_id 
_chem_comp_bond.atom_id_1 
_chem_comp_bond.atom_id_2 
_chem_comp_bond.value_order 
_chem_comp_bond.pdbx_aromatic_flag 
_chem_comp_bond.pdbx_stereo_config 
_chem_comp_bond.pdbx_ordinal 
ALA N   CA   sing N N 1   
ALA N   H    sing N N 2   
ALA N   H2   sing N N 3   
ALA CA  C    sing N N 4   
ALA CA  CB   sing N N 5   
ALA CA  HA   sing N N 6   
ALA C   O    doub N N 7   
ALA C   OXT  sing N N 8   
ALA CB  HB1  sing N N 9   
ALA CB  HB2  sing N N 10  
ALA CB  HB3  sing N N 11  
ALA OXT HXT  sing N N 12  
ARG N   CA   sing N N 13  
ARG N   H    sing N N 14  
ARG N   H2   sing N N 15  
ARG CA  C    sing N N 16  
ARG CA  CB   sing N N 17  
ARG CA  HA   sing N N 18  
ARG C   O    doub N N 19  
ARG C   OXT  sing N N 20  
ARG CB  CG   sing N N 21  
ARG CB  HB2  sing N N 22  
ARG CB  HB3  sing N N 23  
ARG CG  CD   sing N N 24  
ARG CG  HG2  sing N N 25  
ARG CG  HG3  sing N N 26  
ARG CD  NE   sing N N 27  
ARG CD  HD2  sing N N 28  
ARG CD  HD3  sing N N 29  
ARG NE  CZ   sing N N 30  
ARG NE  HE   sing N N 31  
ARG CZ  NH1  sing N N 32  
ARG CZ  NH2  doub N N 33  
ARG NH1 HH11 sing N N 34  
ARG NH1 HH12 sing N N 35  
ARG NH2 HH21 sing N N 36  
ARG NH2 HH22 sing N N 37  
ARG OXT HXT  sing N N 38  
ASN N   CA   sing N N 39  
ASN N   H    sing N N 40  
ASN N   H2   sing N N 41  
ASN CA  C    sing N N 42  
ASN CA  CB   sing N N 43  
ASN CA  HA   sing N N 44  
ASN C   O    doub N N 45  
ASN C   OXT  sing N N 46  
ASN CB  CG   sing N N 47  
ASN CB  HB2  sing N N 48  
ASN CB  HB3  sing N N 49  
ASN CG  OD1  doub N N 50  
ASN CG  ND2  sing N N 51  
ASN ND2 HD21 sing N N 52  
ASN ND2 HD22 sing N N 53  
ASN OXT HXT  sing N N 54  
ASP N   CA   sing N N 55  
ASP N   H    sing N N 56  
ASP N   H2   sing N N 57  
ASP CA  C    sing N N 58  
ASP CA  CB   sing N N 59  
ASP CA  HA   sing N N 60  
ASP C   O    doub N N 61  
ASP C   OXT  sing N N 62  
ASP CB  CG   sing N N 63  
ASP CB  HB2  sing N N 64  
ASP CB  HB3  sing N N 65  
ASP CG  OD1  doub N N 66  
ASP CG  OD2  sing N N 67  
ASP OD2 HD2  sing N N 68  
ASP OXT HXT  sing N N 69  
GLN N   CA   sing N N 70  
GLN N   H    sing N N 71  
GLN N   H2   sing N N 72  
GLN CA  C    sing N N 73  
GLN CA  CB   sing N N 74  
GLN CA  HA   sing N N 75  
GLN C   O    doub N N 76  
GLN C   OXT  sing N N 77  
GLN CB  CG   sing N N 78  
GLN CB  HB2  sing N N 79  
GLN CB  HB3  sing N N 80  
GLN CG  CD   sing N N 81  
GLN CG  HG2  sing N N 82  
GLN CG  HG3  sing N N 83  
GLN CD  OE1  doub N N 84  
GLN CD  NE2  sing N N 85  
GLN NE2 HE21 sing N N 86  
GLN NE2 HE22 sing N N 87  
GLN OXT HXT  sing N N 88  
GLU N   CA   sing N N 89  
GLU N   H    sing N N 90  
GLU N   H2   sing N N 91  
GLU CA  C    sing N N 92  
GLU CA  CB   sing N N 93  
GLU CA  HA   sing N N 94  
GLU C   O    doub N N 95  
GLU C   OXT  sing N N 96  
GLU CB  CG   sing N N 97  
GLU CB  HB2  sing N N 98  
GLU CB  HB3  sing N N 99  
GLU CG  CD   sing N N 100 
GLU CG  HG2  sing N N 101 
GLU CG  HG3  sing N N 102 
GLU CD  OE1  doub N N 103 
GLU CD  OE2  sing N N 104 
GLU OE2 HE2  sing N N 105 
GLU OXT HXT  sing N N 106 
GLY N   CA   sing N N 107 
GLY N   H    sing N N 108 
GLY N   H2   sing N N 109 
GLY CA  C    sing N N 110 
GLY CA  HA2  sing N N 111 
GLY CA  HA3  sing N N 112 
GLY C   O    doub N N 113 
GLY C   OXT  sing N N 114 
GLY OXT HXT  sing N N 115 
HOH O   H1   sing N N 116 
HOH O   H2   sing N N 117 
ILE N   CA   sing N N 118 
ILE N   H    sing N N 119 
ILE N   H2   sing N N 120 
ILE CA  C    sing N N 121 
ILE CA  CB   sing N N 122 
ILE CA  HA   sing N N 123 
ILE C   O    doub N N 124 
ILE C   OXT  sing N N 125 
ILE CB  CG1  sing N N 126 
ILE CB  CG2  sing N N 127 
ILE CB  HB   sing N N 128 
ILE CG1 CD1  sing N N 129 
ILE CG1 HG12 sing N N 130 
ILE CG1 HG13 sing N N 131 
ILE CG2 HG21 sing N N 132 
ILE CG2 HG22 sing N N 133 
ILE CG2 HG23 sing N N 134 
ILE CD1 HD11 sing N N 135 
ILE CD1 HD12 sing N N 136 
ILE CD1 HD13 sing N N 137 
ILE OXT HXT  sing N N 138 
LEU N   CA   sing N N 139 
LEU N   H    sing N N 140 
LEU N   H2   sing N N 141 
LEU CA  C    sing N N 142 
LEU CA  CB   sing N N 143 
LEU CA  HA   sing N N 144 
LEU C   O    doub N N 145 
LEU C   OXT  sing N N 146 
LEU CB  CG   sing N N 147 
LEU CB  HB2  sing N N 148 
LEU CB  HB3  sing N N 149 
LEU CG  CD1  sing N N 150 
LEU CG  CD2  sing N N 151 
LEU CG  HG   sing N N 152 
LEU CD1 HD11 sing N N 153 
LEU CD1 HD12 sing N N 154 
LEU CD1 HD13 sing N N 155 
LEU CD2 HD21 sing N N 156 
LEU CD2 HD22 sing N N 157 
LEU CD2 HD23 sing N N 158 
LEU OXT HXT  sing N N 159 
LYS N   CA   sing N N 160 
LYS N   H    sing N N 161 
LYS N   H2   sing N N 162 
LYS CA  C    sing N N 163 
LYS CA  CB   sing N N 164 
LYS CA  HA   sing N N 165 
LYS C   O    doub N N 166 
LYS C   OXT  sing N N 167 
LYS CB  CG   sing N N 168 
LYS CB  HB2  sing N N 169 
LYS CB  HB3  sing N N 170 
LYS CG  CD   sing N N 171 
LYS CG  HG2  sing N N 172 
LYS CG  HG3  sing N N 173 
LYS CD  CE   sing N N 174 
LYS CD  HD2  sing N N 175 
LYS CD  HD3  sing N N 176 
LYS CE  NZ   sing N N 177 
LYS CE  HE2  sing N N 178 
LYS CE  HE3  sing N N 179 
LYS NZ  HZ1  sing N N 180 
LYS NZ  HZ2  sing N N 181 
LYS NZ  HZ3  sing N N 182 
LYS OXT HXT  sing N N 183 
MET N   CA   sing N N 184 
MET N   H    sing N N 185 
MET N   H2   sing N N 186 
MET CA  C    sing N N 187 
MET CA  CB   sing N N 188 
MET CA  HA   sing N N 189 
MET C   O    doub N N 190 
MET C   OXT  sing N N 191 
MET CB  CG   sing N N 192 
MET CB  HB2  sing N N 193 
MET CB  HB3  sing N N 194 
MET CG  SD   sing N N 195 
MET CG  HG2  sing N N 196 
MET CG  HG3  sing N N 197 
MET SD  CE   sing N N 198 
MET CE  HE1  sing N N 199 
MET CE  HE2  sing N N 200 
MET CE  HE3  sing N N 201 
MET OXT HXT  sing N N 202 
PHE N   CA   sing N N 203 
PHE N   H    sing N N 204 
PHE N   H2   sing N N 205 
PHE CA  C    sing N N 206 
PHE CA  CB   sing N N 207 
PHE CA  HA   sing N N 208 
PHE C   O    doub N N 209 
PHE C   OXT  sing N N 210 
PHE CB  CG   sing N N 211 
PHE CB  HB2  sing N N 212 
PHE CB  HB3  sing N N 213 
PHE CG  CD1  doub Y N 214 
PHE CG  CD2  sing Y N 215 
PHE CD1 CE1  sing Y N 216 
PHE CD1 HD1  sing N N 217 
PHE CD2 CE2  doub Y N 218 
PHE CD2 HD2  sing N N 219 
PHE CE1 CZ   doub Y N 220 
PHE CE1 HE1  sing N N 221 
PHE CE2 CZ   sing Y N 222 
PHE CE2 HE2  sing N N 223 
PHE CZ  HZ   sing N N 224 
PHE OXT HXT  sing N N 225 
PRO N   CA   sing N N 226 
PRO N   CD   sing N N 227 
PRO N   H    sing N N 228 
PRO CA  C    sing N N 229 
PRO CA  CB   sing N N 230 
PRO CA  HA   sing N N 231 
PRO C   O    doub N N 232 
PRO C   OXT  sing N N 233 
PRO CB  CG   sing N N 234 
PRO CB  HB2  sing N N 235 
PRO CB  HB3  sing N N 236 
PRO CG  CD   sing N N 237 
PRO CG  HG2  sing N N 238 
PRO CG  HG3  sing N N 239 
PRO CD  HD2  sing N N 240 
PRO CD  HD3  sing N N 241 
PRO OXT HXT  sing N N 242 
SER N   CA   sing N N 243 
SER N   H    sing N N 244 
SER N   H2   sing N N 245 
SER CA  C    sing N N 246 
SER CA  CB   sing N N 247 
SER CA  HA   sing N N 248 
SER C   O    doub N N 249 
SER C   OXT  sing N N 250 
SER CB  OG   sing N N 251 
SER CB  HB2  sing N N 252 
SER CB  HB3  sing N N 253 
SER OG  HG   sing N N 254 
SER OXT HXT  sing N N 255 
THR N   CA   sing N N 256 
THR N   H    sing N N 257 
THR N   H2   sing N N 258 
THR CA  C    sing N N 259 
THR CA  CB   sing N N 260 
THR CA  HA   sing N N 261 
THR C   O    doub N N 262 
THR C   OXT  sing N N 263 
THR CB  OG1  sing N N 264 
THR CB  CG2  sing N N 265 
THR CB  HB   sing N N 266 
THR OG1 HG1  sing N N 267 
THR CG2 HG21 sing N N 268 
THR CG2 HG22 sing N N 269 
THR CG2 HG23 sing N N 270 
THR OXT HXT  sing N N 271 
TYR N   CA   sing N N 272 
TYR N   H    sing N N 273 
TYR N   H2   sing N N 274 
TYR CA  C    sing N N 275 
TYR CA  CB   sing N N 276 
TYR CA  HA   sing N N 277 
TYR C   O    doub N N 278 
TYR C   OXT  sing N N 279 
TYR CB  CG   sing N N 280 
TYR CB  HB2  sing N N 281 
TYR CB  HB3  sing N N 282 
TYR CG  CD1  doub Y N 283 
TYR CG  CD2  sing Y N 284 
TYR CD1 CE1  sing Y N 285 
TYR CD1 HD1  sing N N 286 
TYR CD2 CE2  doub Y N 287 
TYR CD2 HD2  sing N N 288 
TYR CE1 CZ   doub Y N 289 
TYR CE1 HE1  sing N N 290 
TYR CE2 CZ   sing Y N 291 
TYR CE2 HE2  sing N N 292 
TYR CZ  OH   sing N N 293 
TYR OH  HH   sing N N 294 
TYR OXT HXT  sing N N 295 
VAL N   CA   sing N N 296 
VAL N   H    sing N N 297 
VAL N   H2   sing N N 298 
VAL CA  C    sing N N 299 
VAL CA  CB   sing N N 300 
VAL CA  HA   sing N N 301 
VAL C   O    doub N N 302 
VAL C   OXT  sing N N 303 
VAL CB  CG1  sing N N 304 
VAL CB  CG2  sing N N 305 
VAL CB  HB   sing N N 306 
VAL CG1 HG11 sing N N 307 
VAL CG1 HG12 sing N N 308 
VAL CG1 HG13 sing N N 309 
VAL CG2 HG21 sing N N 310 
VAL CG2 HG22 sing N N 311 
VAL CG2 HG23 sing N N 312 
VAL OXT HXT  sing N N 313 
# 
_pdbx_initial_refinement_model.id               1 
_pdbx_initial_refinement_model.entity_id_list   ? 
_pdbx_initial_refinement_model.type             'experimental model' 
_pdbx_initial_refinement_model.source_name      PDB 
_pdbx_initial_refinement_model.accession_code   1OEL 
_pdbx_initial_refinement_model.details          'PDB ENTRY 1OEL' 
# 
_atom_sites.entry_id                    1JON 
_atom_sites.fract_transf_matrix[1][1]   -0.01094019 
_atom_sites.fract_transf_matrix[1][2]   -0.00459257 
_atom_sites.fract_transf_matrix[1][3]   -0.00422986 
_atom_sites.fract_transf_matrix[2][1]   -0.00975274 
_atom_sites.fract_transf_matrix[2][2]   -0.00128658 
_atom_sites.fract_transf_matrix[2][3]   0.00786690 
_atom_sites.fract_transf_matrix[3][1]   -0.00789285 
_atom_sites.fract_transf_matrix[3][2]   0.02417295 
_atom_sites.fract_transf_matrix[3][3]   -0.00583159 
_atom_sites.fract_transf_vector[1]      0.241877 
_atom_sites.fract_transf_vector[2]      0.795831 
_atom_sites.fract_transf_vector[3]      0.467260 
# 
loop_
_atom_type.symbol 
C 
N 
O 
S 
# 
loop_
_atom_site.group_PDB 
_atom_site.id 
_atom_site.type_symbol 
_atom_site.label_atom_id 
_atom_site.label_alt_id 
_atom_site.label_comp_id 
_atom_site.label_asym_id 
_atom_site.label_entity_id 
_atom_site.label_seq_id 
_atom_site.pdbx_PDB_ins_code 
_atom_site.Cartn_x 
_atom_site.Cartn_y 
_atom_site.Cartn_z 
_atom_site.occupancy 
_atom_site.B_iso_or_equiv 
_atom_site.pdbx_formal_charge 
_atom_site.auth_seq_id 
_atom_site.auth_comp_id 
_atom_site.auth_asym_id 
_atom_site.auth_atom_id 
_atom_site.pdbx_PDB_model_num 
ATOM   1    N N   . GLU A 1 1   ? 8.011   -10.627 14.159  1.00 77.92 ? 191 GLU A N   1 
ATOM   2    C CA  . GLU A 1 1   ? 6.567   -10.265 14.147  1.00 80.63 ? 191 GLU A CA  1 
ATOM   3    C C   . GLU A 1 1   ? 6.440   -8.751  14.062  1.00 81.70 ? 191 GLU A C   1 
ATOM   4    O O   . GLU A 1 1   ? 7.445   -8.042  14.133  1.00 86.09 ? 191 GLU A O   1 
ATOM   5    C CB  . GLU A 1 1   ? 5.875   -10.771 15.418  1.00 81.03 ? 191 GLU A CB  1 
ATOM   6    N N   . GLY A 1 2   ? 5.213   -8.266  13.896  1.00 77.73 ? 192 GLY A N   1 
ATOM   7    C CA  . GLY A 1 2   ? 4.977   -6.837  13.799  1.00 73.71 ? 192 GLY A CA  1 
ATOM   8    C C   . GLY A 1 2   ? 3.484   -6.577  13.796  1.00 70.10 ? 192 GLY A C   1 
ATOM   9    O O   . GLY A 1 2   ? 2.707   -7.470  14.161  1.00 71.87 ? 192 GLY A O   1 
ATOM   10   N N   . MET A 1 3   ? 3.079   -5.379  13.375  1.00 63.48 ? 193 MET A N   1 
ATOM   11   C CA  . MET A 1 3   ? 1.667   -5.016  13.327  1.00 50.78 ? 193 MET A CA  1 
ATOM   12   C C   . MET A 1 3   ? 0.901   -5.834  12.299  1.00 42.97 ? 193 MET A C   1 
ATOM   13   O O   . MET A 1 3   ? 1.406   -6.129  11.217  1.00 43.69 ? 193 MET A O   1 
ATOM   14   C CB  . MET A 1 3   ? 1.486   -3.528  13.021  1.00 50.57 ? 193 MET A CB  1 
ATOM   15   C CG  . MET A 1 3   ? 0.025   -3.130  12.816  1.00 56.67 ? 193 MET A CG  1 
ATOM   16   S SD  . MET A 1 3   ? -0.244  -1.392  12.466  1.00 66.79 ? 193 MET A SD  1 
ATOM   17   C CE  . MET A 1 3   ? -1.942  -1.165  13.096  1.00 59.41 ? 193 MET A CE  1 
ATOM   18   N N   . GLN A 1 4   ? -0.338  -6.167  12.631  1.00 37.24 ? 194 GLN A N   1 
ATOM   19   C CA  . GLN A 1 4   ? -1.166  -6.932  11.728  1.00 34.55 ? 194 GLN A CA  1 
ATOM   20   C C   . GLN A 1 4   ? -2.623  -6.532  11.869  1.00 34.61 ? 194 GLN A C   1 
ATOM   21   O O   . GLN A 1 4   ? -3.150  -6.470  12.978  1.00 40.40 ? 194 GLN A O   1 
ATOM   22   C CB  . GLN A 1 4   ? -1.010  -8.420  12.021  1.00 33.65 ? 194 GLN A CB  1 
ATOM   23   C CG  . GLN A 1 4   ? -1.901  -9.302  11.185  1.00 39.45 ? 194 GLN A CG  1 
ATOM   24   C CD  . GLN A 1 4   ? -1.753  -10.765 11.525  1.00 43.23 ? 194 GLN A CD  1 
ATOM   25   O OE1 . GLN A 1 4   ? -2.721  -11.428 11.908  1.00 42.21 ? 194 GLN A OE1 1 
ATOM   26   N NE2 . GLN A 1 4   ? -0.544  -11.287 11.375  1.00 45.02 ? 194 GLN A NE2 1 
ATOM   27   N N   . PHE A 1 5   ? -3.250  -6.191  10.754  1.00 30.69 ? 195 PHE A N   1 
ATOM   28   C CA  . PHE A 1 5   ? -4.655  -5.843  10.763  1.00 25.43 ? 195 PHE A CA  1 
ATOM   29   C C   . PHE A 1 5   ? -5.360  -6.783  9.807   1.00 27.90 ? 195 PHE A C   1 
ATOM   30   O O   . PHE A 1 5   ? -4.738  -7.336  8.899   1.00 28.52 ? 195 PHE A O   1 
ATOM   31   C CB  . PHE A 1 5   ? -4.903  -4.373  10.419  1.00 25.59 ? 195 PHE A CB  1 
ATOM   32   C CG  . PHE A 1 5   ? -4.173  -3.886  9.209   1.00 22.26 ? 195 PHE A CG  1 
ATOM   33   C CD1 . PHE A 1 5   ? -2.822  -3.566  9.286   1.00 22.14 ? 195 PHE A CD1 1 
ATOM   34   C CD2 . PHE A 1 5   ? -4.844  -3.717  7.999   1.00 20.60 ? 195 PHE A CD2 1 
ATOM   35   C CE1 . PHE A 1 5   ? -2.146  -3.088  8.191   1.00 23.18 ? 195 PHE A CE1 1 
ATOM   36   C CE2 . PHE A 1 5   ? -4.182  -3.240  6.890   1.00 18.72 ? 195 PHE A CE2 1 
ATOM   37   C CZ  . PHE A 1 5   ? -2.828  -2.920  6.984   1.00 26.72 ? 195 PHE A CZ  1 
ATOM   38   N N   . ASP A 1 6   ? -6.660  -6.936  9.997   1.00 29.53 ? 196 ASP A N   1 
ATOM   39   C CA  . ASP A 1 6   ? -7.440  -7.865  9.205   1.00 30.77 ? 196 ASP A CA  1 
ATOM   40   C C   . ASP A 1 6   ? -7.985  -7.367  7.879   1.00 31.06 ? 196 ASP A C   1 
ATOM   41   O O   . ASP A 1 6   ? -9.198  -7.295  7.683   1.00 27.53 ? 196 ASP A O   1 
ATOM   42   C CB  . ASP A 1 6   ? -8.564  -8.435  10.065  1.00 39.88 ? 196 ASP A CB  1 
ATOM   43   C CG  . ASP A 1 6   ? -8.073  -8.927  11.410  1.00 42.50 ? 196 ASP A CG  1 
ATOM   44   O OD1 . ASP A 1 6   ? -7.188  -9.805  11.446  1.00 43.51 ? 196 ASP A OD1 1 
ATOM   45   O OD2 . ASP A 1 6   ? -8.560  -8.410  12.432  1.00 43.82 ? 196 ASP A OD2 1 
ATOM   46   N N   . ARG A 1 7   ? -7.076  -7.025  6.970   1.00 32.89 ? 197 ARG A N   1 
ATOM   47   C CA  . ARG A 1 7   ? -7.431  -6.572  5.628   1.00 31.20 ? 197 ARG A CA  1 
ATOM   48   C C   . ARG A 1 7   ? -6.442  -7.249  4.699   1.00 28.96 ? 197 ARG A C   1 
ATOM   49   O O   . ARG A 1 7   ? -5.231  -7.191  4.938   1.00 29.24 ? 197 ARG A O   1 
ATOM   50   C CB  . ARG A 1 7   ? -7.285  -5.057  5.492   1.00 34.17 ? 197 ARG A CB  1 
ATOM   51   C CG  . ARG A 1 7   ? -8.246  -4.251  6.326   1.00 37.91 ? 197 ARG A CG  1 
ATOM   52   C CD  . ARG A 1 7   ? -9.686  -4.372  5.864   1.00 39.13 ? 197 ARG A CD  1 
ATOM   53   N NE  . ARG A 1 7   ? -10.459 -3.259  6.411   1.00 57.69 ? 197 ARG A NE  1 
ATOM   54   C CZ  . ARG A 1 7   ? -11.771 -3.089  6.279   1.00 61.08 ? 197 ARG A CZ  1 
ATOM   55   N NH1 . ARG A 1 7   ? -12.506 -3.968  5.602   1.00 60.68 ? 197 ARG A NH1 1 
ATOM   56   N NH2 . ARG A 1 7   ? -12.346 -2.021  6.828   1.00 59.44 ? 197 ARG A NH2 1 
ATOM   57   N N   . GLY A 1 8   ? -6.959  -7.933  3.680   1.00 28.43 ? 198 GLY A N   1 
ATOM   58   C CA  . GLY A 1 8   ? -6.108  -8.619  2.723   1.00 27.80 ? 198 GLY A CA  1 
ATOM   59   C C   . GLY A 1 8   ? -5.928  -7.866  1.416   1.00 29.42 ? 198 GLY A C   1 
ATOM   60   O O   . GLY A 1 8   ? -6.411  -6.740  1.272   1.00 32.80 ? 198 GLY A O   1 
ATOM   61   N N   . TYR A 1 9   ? -5.244  -8.483  0.463   1.00 27.66 ? 199 TYR A N   1 
ATOM   62   C CA  . TYR A 1 9   ? -5.011  -7.838  -0.827  1.00 29.76 ? 199 TYR A CA  1 
ATOM   63   C C   . TYR A 1 9   ? -6.309  -7.514  -1.583  1.00 30.49 ? 199 TYR A C   1 
ATOM   64   O O   . TYR A 1 9   ? -7.290  -8.261  -1.518  1.00 31.35 ? 199 TYR A O   1 
ATOM   65   C CB  . TYR A 1 9   ? -4.060  -8.680  -1.701  1.00 26.46 ? 199 TYR A CB  1 
ATOM   66   C CG  . TYR A 1 9   ? -4.409  -10.146 -1.781  1.00 20.41 ? 199 TYR A CG  1 
ATOM   67   C CD1 . TYR A 1 9   ? -5.591  -10.573 -2.371  1.00 21.99 ? 199 TYR A CD1 1 
ATOM   68   C CD2 . TYR A 1 9   ? -3.569  -11.107 -1.237  1.00 24.44 ? 199 TYR A CD2 1 
ATOM   69   C CE1 . TYR A 1 9   ? -5.939  -11.916 -2.403  1.00 25.55 ? 199 TYR A CE1 1 
ATOM   70   C CE2 . TYR A 1 9   ? -3.900  -12.459 -1.264  1.00 25.97 ? 199 TYR A CE2 1 
ATOM   71   C CZ  . TYR A 1 9   ? -5.089  -12.857 -1.844  1.00 29.19 ? 199 TYR A CZ  1 
ATOM   72   O OH  . TYR A 1 9   ? -5.449  -14.187 -1.858  1.00 34.72 ? 199 TYR A OH  1 
ATOM   73   N N   . LEU A 1 10  ? -6.310  -6.402  -2.311  1.00 28.64 ? 200 LEU A N   1 
ATOM   74   C CA  . LEU A 1 10  ? -7.489  -6.003  -3.065  1.00 30.03 ? 200 LEU A CA  1 
ATOM   75   C C   . LEU A 1 10  ? -7.677  -6.829  -4.326  1.00 31.17 ? 200 LEU A C   1 
ATOM   76   O O   . LEU A 1 10  ? -8.742  -6.811  -4.937  1.00 39.93 ? 200 LEU A O   1 
ATOM   77   C CB  . LEU A 1 10  ? -7.442  -4.507  -3.408  1.00 27.66 ? 200 LEU A CB  1 
ATOM   78   C CG  . LEU A 1 10  ? -7.885  -3.613  -2.258  1.00 17.99 ? 200 LEU A CG  1 
ATOM   79   C CD1 . LEU A 1 10  ? -7.603  -2.149  -2.523  1.00 18.90 ? 200 LEU A CD1 1 
ATOM   80   C CD2 . LEU A 1 10  ? -9.350  -3.844  -2.042  1.00 16.49 ? 200 LEU A CD2 1 
ATOM   81   N N   . SER A 1 11  ? -6.622  -7.517  -4.743  1.00 33.27 ? 201 SER A N   1 
ATOM   82   C CA  . SER A 1 11  ? -6.678  -8.367  -5.921  1.00 32.87 ? 201 SER A CA  1 
ATOM   83   C C   . SER A 1 11  ? -5.781  -9.571  -5.735  1.00 32.39 ? 201 SER A C   1 
ATOM   84   O O   . SER A 1 11  ? -4.638  -9.453  -5.287  1.00 29.98 ? 201 SER A O   1 
ATOM   85   C CB  . SER A 1 11  ? -6.247  -7.596  -7.176  1.00 38.62 ? 201 SER A CB  1 
ATOM   86   O OG  . SER A 1 11  ? -6.061  -8.457  -8.294  1.00 41.17 ? 201 SER A OG  1 
ATOM   87   N N   . PRO A 1 12  ? -6.306  -10.774 -6.020  1.00 29.19 ? 202 PRO A N   1 
ATOM   88   C CA  . PRO A 1 12  ? -5.464  -11.953 -5.860  1.00 29.43 ? 202 PRO A CA  1 
ATOM   89   C C   . PRO A 1 12  ? -4.283  -11.935 -6.842  1.00 33.32 ? 202 PRO A C   1 
ATOM   90   O O   . PRO A 1 12  ? -3.303  -12.645 -6.643  1.00 40.83 ? 202 PRO A O   1 
ATOM   91   C CB  . PRO A 1 12  ? -6.447  -13.104 -6.125  1.00 26.78 ? 202 PRO A CB  1 
ATOM   92   C CG  . PRO A 1 12  ? -7.492  -12.480 -7.001  1.00 26.72 ? 202 PRO A CG  1 
ATOM   93   C CD  . PRO A 1 12  ? -7.689  -11.146 -6.358  1.00 29.19 ? 202 PRO A CD  1 
ATOM   94   N N   . TYR A 1 13  ? -4.346  -11.065 -7.850  1.00 32.79 ? 203 TYR A N   1 
ATOM   95   C CA  . TYR A 1 13  ? -3.274  -10.965 -8.835  1.00 32.43 ? 203 TYR A CA  1 
ATOM   96   C C   . TYR A 1 13  ? -2.101  -10.089 -8.401  1.00 31.61 ? 203 TYR A C   1 
ATOM   97   O O   . TYR A 1 13  ? -1.295  -9.648  -9.226  1.00 30.25 ? 203 TYR A O   1 
ATOM   98   C CB  . TYR A 1 13  ? -3.826  -10.574 -10.213 1.00 29.52 ? 203 TYR A CB  1 
ATOM   99   C CG  . TYR A 1 13  ? -4.682  -11.688 -10.775 1.00 32.91 ? 203 TYR A CG  1 
ATOM   100  C CD1 . TYR A 1 13  ? -4.123  -12.939 -11.047 1.00 35.72 ? 203 TYR A CD1 1 
ATOM   101  C CD2 . TYR A 1 13  ? -6.062  -11.541 -10.908 1.00 36.53 ? 203 TYR A CD2 1 
ATOM   102  C CE1 . TYR A 1 13  ? -4.907  -14.015 -11.415 1.00 33.44 ? 203 TYR A CE1 1 
ATOM   103  C CE2 . TYR A 1 13  ? -6.863  -12.613 -11.279 1.00 37.39 ? 203 TYR A CE2 1 
ATOM   104  C CZ  . TYR A 1 13  ? -6.277  -13.848 -11.523 1.00 39.99 ? 203 TYR A CZ  1 
ATOM   105  O OH  . TYR A 1 13  ? -7.067  -14.931 -11.829 1.00 42.24 ? 203 TYR A OH  1 
ATOM   106  N N   . PHE A 1 14  ? -2.028  -9.837  -7.096  1.00 31.30 ? 204 PHE A N   1 
ATOM   107  C CA  . PHE A 1 14  ? -0.941  -9.065  -6.491  1.00 32.45 ? 204 PHE A CA  1 
ATOM   108  C C   . PHE A 1 14  ? 0.048   -10.075 -5.908  1.00 33.13 ? 204 PHE A C   1 
ATOM   109  O O   . PHE A 1 14  ? 1.209   -9.751  -5.649  1.00 36.31 ? 204 PHE A O   1 
ATOM   110  C CB  . PHE A 1 14  ? -1.452  -8.172  -5.345  1.00 28.28 ? 204 PHE A CB  1 
ATOM   111  C CG  . PHE A 1 14  ? -2.049  -6.862  -5.791  1.00 28.40 ? 204 PHE A CG  1 
ATOM   112  C CD1 . PHE A 1 14  ? -1.493  -6.137  -6.845  1.00 28.31 ? 204 PHE A CD1 1 
ATOM   113  C CD2 . PHE A 1 14  ? -3.165  -6.344  -5.133  1.00 24.95 ? 204 PHE A CD2 1 
ATOM   114  C CE1 . PHE A 1 14  ? -2.043  -4.906  -7.242  1.00 25.38 ? 204 PHE A CE1 1 
ATOM   115  C CE2 . PHE A 1 14  ? -3.720  -5.127  -5.514  1.00 24.22 ? 204 PHE A CE2 1 
ATOM   116  C CZ  . PHE A 1 14  ? -3.160  -4.404  -6.569  1.00 25.98 ? 204 PHE A CZ  1 
ATOM   117  N N   . ILE A 1 15  ? -0.443  -11.296 -5.690  1.00 33.86 ? 205 ILE A N   1 
ATOM   118  C CA  . ILE A 1 15  ? 0.340   -12.392 -5.123  1.00 35.30 ? 205 ILE A CA  1 
ATOM   119  C C   . ILE A 1 15  ? 1.621   -12.700 -5.876  1.00 36.31 ? 205 ILE A C   1 
ATOM   120  O O   . ILE A 1 15  ? 1.636   -12.754 -7.105  1.00 44.10 ? 205 ILE A O   1 
ATOM   121  C CB  . ILE A 1 15  ? -0.501  -13.687 -5.032  1.00 30.84 ? 205 ILE A CB  1 
ATOM   122  C CG1 . ILE A 1 15  ? -1.602  -13.522 -3.998  1.00 26.34 ? 205 ILE A CG1 1 
ATOM   123  C CG2 . ILE A 1 15  ? 0.372   -14.865 -4.646  1.00 31.96 ? 205 ILE A CG2 1 
ATOM   124  C CD1 . ILE A 1 15  ? -2.400  -14.763 -3.783  1.00 27.15 ? 205 ILE A CD1 1 
ATOM   125  N N   . ASN A 1 16  ? 2.697   -12.898 -5.126  1.00 39.80 ? 206 ASN A N   1 
ATOM   126  C CA  . ASN A 1 16  ? 3.988   -13.232 -5.711  1.00 41.07 ? 206 ASN A CA  1 
ATOM   127  C C   . ASN A 1 16  ? 4.622   -14.463 -5.054  1.00 42.95 ? 206 ASN A C   1 
ATOM   128  O O   . ASN A 1 16  ? 5.671   -14.934 -5.490  1.00 46.95 ? 206 ASN A O   1 
ATOM   129  C CB  . ASN A 1 16  ? 4.934   -12.023 -5.690  1.00 42.22 ? 206 ASN A CB  1 
ATOM   130  C CG  . ASN A 1 16  ? 5.116   -11.434 -4.308  1.00 40.87 ? 206 ASN A CG  1 
ATOM   131  O OD1 . ASN A 1 16  ? 4.606   -11.955 -3.321  1.00 46.63 ? 206 ASN A OD1 1 
ATOM   132  N ND2 . ASN A 1 16  ? 5.842   -10.326 -4.241  1.00 43.38 ? 206 ASN A ND2 1 
ATOM   133  N N   . LYS A 1 17  ? 3.946   -14.997 -4.036  1.00 43.07 ? 207 LYS A N   1 
ATOM   134  C CA  . LYS A 1 17  ? 4.386   -16.198 -3.315  1.00 37.76 ? 207 LYS A CA  1 
ATOM   135  C C   . LYS A 1 17  ? 3.185   -17.144 -3.292  1.00 37.57 ? 207 LYS A C   1 
ATOM   136  O O   . LYS A 1 17  ? 2.652   -17.469 -2.226  1.00 35.59 ? 207 LYS A O   1 
ATOM   137  C CB  . LYS A 1 17  ? 4.805   -15.855 -1.884  1.00 34.80 ? 207 LYS A CB  1 
ATOM   138  C CG  . LYS A 1 17  ? 5.969   -14.878 -1.786  1.00 38.76 ? 207 LYS A CG  1 
ATOM   139  N N   . PRO A 1 18  ? 2.769   -17.637 -4.466  1.00 40.38 ? 208 PRO A N   1 
ATOM   140  C CA  . PRO A 1 18  ? 1.624   -18.543 -4.594  1.00 40.34 ? 208 PRO A CA  1 
ATOM   141  C C   . PRO A 1 18  ? 1.666   -19.788 -3.722  1.00 45.73 ? 208 PRO A C   1 
ATOM   142  O O   . PRO A 1 18  ? 0.617   -20.256 -3.288  1.00 46.04 ? 208 PRO A O   1 
ATOM   143  C CB  . PRO A 1 18  ? 1.610   -18.878 -6.080  1.00 42.58 ? 208 PRO A CB  1 
ATOM   144  C CG  . PRO A 1 18  ? 3.053   -18.767 -6.463  1.00 45.51 ? 208 PRO A CG  1 
ATOM   145  C CD  . PRO A 1 18  ? 3.476   -17.516 -5.757  1.00 42.44 ? 208 PRO A CD  1 
ATOM   146  N N   . GLU A 1 19  ? 2.863   -20.300 -3.432  1.00 49.52 ? 209 GLU A N   1 
ATOM   147  C CA  . GLU A 1 19  ? 2.992   -21.497 -2.593  1.00 53.84 ? 209 GLU A CA  1 
ATOM   148  C C   . GLU A 1 19  ? 2.373   -21.278 -1.218  1.00 57.27 ? 209 GLU A C   1 
ATOM   149  O O   . GLU A 1 19  ? 2.033   -22.237 -0.521  1.00 60.54 ? 209 GLU A O   1 
ATOM   150  C CB  . GLU A 1 19  ? 4.448   -21.960 -2.452  1.00 49.50 ? 209 GLU A CB  1 
ATOM   151  C CG  . GLU A 1 19  ? 5.432   -20.885 -2.057  1.00 49.00 ? 209 GLU A CG  1 
ATOM   152  C CD  . GLU A 1 19  ? 6.010   -20.158 -3.251  1.00 56.70 ? 209 GLU A CD  1 
ATOM   153  O OE1 . GLU A 1 19  ? 5.438   -20.249 -4.357  1.00 61.61 ? 209 GLU A OE1 1 
ATOM   154  O OE2 . GLU A 1 19  ? 7.057   -19.501 -3.094  1.00 65.33 ? 209 GLU A OE2 1 
ATOM   155  N N   . THR A 1 20  ? 2.271   -20.014 -0.822  1.00 59.26 ? 210 THR A N   1 
ATOM   156  C CA  . THR A 1 20  ? 1.659   -19.641 0.446   1.00 55.84 ? 210 THR A CA  1 
ATOM   157  C C   . THR A 1 20  ? 0.457   -18.741 0.177   1.00 53.82 ? 210 THR A C   1 
ATOM   158  O O   . THR A 1 20  ? -0.271  -18.378 1.101   1.00 56.38 ? 210 THR A O   1 
ATOM   159  C CB  . THR A 1 20  ? 2.659   -18.903 1.360   1.00 51.41 ? 210 THR A CB  1 
ATOM   160  O OG1 . THR A 1 20  ? 3.511   -18.056 0.575   1.00 52.15 ? 210 THR A OG1 1 
ATOM   161  C CG2 . THR A 1 20  ? 3.505   -19.900 2.120   1.00 56.92 ? 210 THR A CG2 1 
ATOM   162  N N   . GLY A 1 21  ? 0.259   -18.399 -1.097  1.00 49.00 ? 211 GLY A N   1 
ATOM   163  C CA  . GLY A 1 21  ? -0.837  -17.534 -1.497  1.00 44.18 ? 211 GLY A CA  1 
ATOM   164  C C   . GLY A 1 21  ? -0.665  -16.156 -0.889  1.00 40.35 ? 211 GLY A C   1 
ATOM   165  O O   . GLY A 1 21  ? -1.639  -15.498 -0.535  1.00 39.91 ? 211 GLY A O   1 
ATOM   166  N N   . ALA A 1 22  ? 0.579   -15.701 -0.804  1.00 36.62 ? 212 ALA A N   1 
ATOM   167  C CA  . ALA A 1 22  ? 0.863   -14.416 -0.198  1.00 33.23 ? 212 ALA A CA  1 
ATOM   168  C C   . ALA A 1 22  ? 1.625   -13.448 -1.082  1.00 36.05 ? 212 ALA A C   1 
ATOM   169  O O   . ALA A 1 22  ? 2.188   -13.814 -2.121  1.00 38.36 ? 212 ALA A O   1 
ATOM   170  C CB  . ALA A 1 22  ? 1.616   -14.619 1.093   1.00 25.32 ? 212 ALA A CB  1 
ATOM   171  N N   . VAL A 1 23  ? 1.598   -12.191 -0.661  1.00 36.13 ? 213 VAL A N   1 
ATOM   172  C CA  . VAL A 1 23  ? 2.293   -11.115 -1.335  1.00 32.80 ? 213 VAL A CA  1 
ATOM   173  C C   . VAL A 1 23  ? 3.365   -10.723 -0.345  1.00 35.23 ? 213 VAL A C   1 
ATOM   174  O O   . VAL A 1 23  ? 3.054   -10.310 0.772   1.00 35.73 ? 213 VAL A O   1 
ATOM   175  C CB  . VAL A 1 23  ? 1.397   -9.878  -1.532  1.00 31.68 ? 213 VAL A CB  1 
ATOM   176  C CG1 . VAL A 1 23  ? 2.179   -8.784  -2.199  1.00 29.29 ? 213 VAL A CG1 1 
ATOM   177  C CG2 . VAL A 1 23  ? 0.156   -10.226 -2.332  1.00 33.53 ? 213 VAL A CG2 1 
ATOM   178  N N   . GLU A 1 24  ? 4.616   -10.951 -0.698  1.00 38.55 ? 214 GLU A N   1 
ATOM   179  C CA  . GLU A 1 24  ? 5.699   -10.562 0.180   1.00 40.55 ? 214 GLU A CA  1 
ATOM   180  C C   . GLU A 1 24  ? 6.436   -9.416  -0.493  1.00 40.29 ? 214 GLU A C   1 
ATOM   181  O O   . GLU A 1 24  ? 6.805   -9.499  -1.669  1.00 35.73 ? 214 GLU A O   1 
ATOM   182  C CB  . GLU A 1 24  ? 6.634   -11.735 0.487   1.00 45.60 ? 214 GLU A CB  1 
ATOM   183  C CG  . GLU A 1 24  ? 6.100   -12.676 1.569   1.00 61.33 ? 214 GLU A CG  1 
ATOM   184  C CD  . GLU A 1 24  ? 7.201   -13.402 2.348   1.00 69.34 ? 214 GLU A CD  1 
ATOM   185  O OE1 . GLU A 1 24  ? 8.334   -12.873 2.439   1.00 68.12 ? 214 GLU A OE1 1 
ATOM   186  O OE2 . GLU A 1 24  ? 6.922   -14.499 2.889   1.00 71.87 ? 214 GLU A OE2 1 
ATOM   187  N N   . LEU A 1 25  ? 6.537   -8.306  0.224   1.00 36.51 ? 215 LEU A N   1 
ATOM   188  C CA  . LEU A 1 25  ? 7.211   -7.122  -0.268  1.00 35.76 ? 215 LEU A CA  1 
ATOM   189  C C   . LEU A 1 25  ? 8.410   -6.880  0.635   1.00 38.06 ? 215 LEU A C   1 
ATOM   190  O O   . LEU A 1 25  ? 8.270   -6.748  1.852   1.00 39.57 ? 215 LEU A O   1 
ATOM   191  C CB  . LEU A 1 25  ? 6.255   -5.919  -0.220  1.00 40.15 ? 215 LEU A CB  1 
ATOM   192  C CG  . LEU A 1 25  ? 5.410   -5.482  -1.425  1.00 32.92 ? 215 LEU A CG  1 
ATOM   193  C CD1 . LEU A 1 25  ? 4.942   -6.656  -2.236  1.00 35.61 ? 215 LEU A CD1 1 
ATOM   194  C CD2 . LEU A 1 25  ? 4.234   -4.675  -0.930  1.00 34.74 ? 215 LEU A CD2 1 
ATOM   195  N N   . GLU A 1 26  ? 9.593   -6.858  0.040   1.00 45.47 ? 216 GLU A N   1 
ATOM   196  C CA  . GLU A 1 26  ? 10.815  -6.639  0.797   1.00 48.24 ? 216 GLU A CA  1 
ATOM   197  C C   . GLU A 1 26  ? 11.208  -5.169  0.718   1.00 45.90 ? 216 GLU A C   1 
ATOM   198  O O   . GLU A 1 26  ? 11.344  -4.619  -0.372  1.00 46.12 ? 216 GLU A O   1 
ATOM   199  C CB  . GLU A 1 26  ? 11.934  -7.523  0.242   1.00 57.52 ? 216 GLU A CB  1 
ATOM   200  C CG  . GLU A 1 26  ? 12.945  -7.978  1.288   1.00 72.55 ? 216 GLU A CG  1 
ATOM   201  C CD  . GLU A 1 26  ? 12.305  -8.781  2.414   1.00 79.08 ? 216 GLU A CD  1 
ATOM   202  O OE1 . GLU A 1 26  ? 11.721  -9.853  2.139   1.00 81.44 ? 216 GLU A OE1 1 
ATOM   203  O OE2 . GLU A 1 26  ? 12.386  -8.333  3.578   1.00 87.07 ? 216 GLU A OE2 1 
ATOM   204  N N   . SER A 1 27  ? 11.368  -4.539  1.881   1.00 45.85 ? 217 SER A N   1 
ATOM   205  C CA  . SER A 1 27  ? 11.732  -3.122  1.981   1.00 46.75 ? 217 SER A CA  1 
ATOM   206  C C   . SER A 1 27  ? 10.845  -2.193  1.152   1.00 47.10 ? 217 SER A C   1 
ATOM   207  O O   . SER A 1 27  ? 11.340  -1.352  0.397   1.00 49.15 ? 217 SER A O   1 
ATOM   208  C CB  . SER A 1 27  ? 13.203  -2.915  1.604   1.00 47.77 ? 217 SER A CB  1 
ATOM   209  O OG  . SER A 1 27  ? 14.057  -3.338  2.654   1.00 52.81 ? 217 SER A OG  1 
ATOM   210  N N   . PRO A 1 28  ? 9.516   -2.302  1.314   1.00 45.37 ? 218 PRO A N   1 
ATOM   211  C CA  . PRO A 1 28  ? 8.630   -1.437  0.535   1.00 42.24 ? 218 PRO A CA  1 
ATOM   212  C C   . PRO A 1 28  ? 8.414   -0.051  1.125   1.00 41.06 ? 218 PRO A C   1 
ATOM   213  O O   . PRO A 1 28  ? 8.819   0.238   2.255   1.00 39.97 ? 218 PRO A O   1 
ATOM   214  C CB  . PRO A 1 28  ? 7.330   -2.223  0.556   1.00 41.47 ? 218 PRO A CB  1 
ATOM   215  C CG  . PRO A 1 28  ? 7.319   -2.757  1.954   1.00 34.91 ? 218 PRO A CG  1 
ATOM   216  C CD  . PRO A 1 28  ? 8.733   -3.240  2.143   1.00 37.38 ? 218 PRO A CD  1 
ATOM   217  N N   . PHE A 1 29  ? 7.821   0.817   0.312   1.00 41.43 ? 219 PHE A N   1 
ATOM   218  C CA  . PHE A 1 29  ? 7.444   2.158   0.726   1.00 37.11 ? 219 PHE A CA  1 
ATOM   219  C C   . PHE A 1 29  ? 5.963   1.969   1.039   1.00 34.63 ? 219 PHE A C   1 
ATOM   220  O O   . PHE A 1 29  ? 5.337   1.035   0.534   1.00 33.39 ? 219 PHE A O   1 
ATOM   221  C CB  . PHE A 1 29  ? 7.597   3.157   -0.417  1.00 40.41 ? 219 PHE A CB  1 
ATOM   222  C CG  . PHE A 1 29  ? 8.992   3.672   -0.587  1.00 44.55 ? 219 PHE A CG  1 
ATOM   223  C CD1 . PHE A 1 29  ? 9.540   4.536   0.358   1.00 43.46 ? 219 PHE A CD1 1 
ATOM   224  C CD2 . PHE A 1 29  ? 9.756   3.312   -1.691  1.00 46.27 ? 219 PHE A CD2 1 
ATOM   225  C CE1 . PHE A 1 29  ? 10.831  5.035   0.203   1.00 42.15 ? 219 PHE A CE1 1 
ATOM   226  C CE2 . PHE A 1 29  ? 11.050  3.805   -1.856  1.00 43.37 ? 219 PHE A CE2 1 
ATOM   227  C CZ  . PHE A 1 29  ? 11.588  4.669   -0.906  1.00 38.96 ? 219 PHE A CZ  1 
ATOM   228  N N   . ILE A 1 30  ? 5.387   2.849   1.842   1.00 34.49 ? 220 ILE A N   1 
ATOM   229  C CA  . ILE A 1 30  ? 3.986   2.694   2.200   1.00 32.17 ? 220 ILE A CA  1 
ATOM   230  C C   . ILE A 1 30  ? 3.203   3.995   2.084   1.00 34.60 ? 220 ILE A C   1 
ATOM   231  O O   . ILE A 1 30  ? 3.596   5.023   2.637   1.00 36.52 ? 220 ILE A O   1 
ATOM   232  C CB  . ILE A 1 30  ? 3.866   2.096   3.629   1.00 29.02 ? 220 ILE A CB  1 
ATOM   233  C CG1 . ILE A 1 30  ? 4.601   0.746   3.675   1.00 24.85 ? 220 ILE A CG1 1 
ATOM   234  C CG2 . ILE A 1 30  ? 2.404   1.935   4.028   1.00 18.56 ? 220 ILE A CG2 1 
ATOM   235  C CD1 . ILE A 1 30  ? 4.853   0.213   5.058   1.00 25.18 ? 220 ILE A CD1 1 
ATOM   236  N N   . LEU A 1 31  ? 2.116   3.941   1.322   1.00 38.22 ? 221 LEU A N   1 
ATOM   237  C CA  . LEU A 1 31  ? 1.245   5.089   1.109   1.00 36.93 ? 221 LEU A CA  1 
ATOM   238  C C   . LEU A 1 31  ? -0.002  4.957   1.982   1.00 36.92 ? 221 LEU A C   1 
ATOM   239  O O   . LEU A 1 31  ? -0.704  3.940   1.920   1.00 35.35 ? 221 LEU A O   1 
ATOM   240  C CB  . LEU A 1 31  ? 0.849   5.186   -0.375  1.00 38.15 ? 221 LEU A CB  1 
ATOM   241  C CG  . LEU A 1 31  ? -0.250  6.171   -0.800  1.00 33.41 ? 221 LEU A CG  1 
ATOM   242  C CD1 . LEU A 1 31  ? 0.137   7.600   -0.456  1.00 38.61 ? 221 LEU A CD1 1 
ATOM   243  C CD2 . LEU A 1 31  ? -0.514  6.034   -2.286  1.00 35.14 ? 221 LEU A CD2 1 
ATOM   244  N N   . LEU A 1 32  ? -0.237  5.964   2.821   1.00 33.64 ? 222 LEU A N   1 
ATOM   245  C CA  . LEU A 1 32  ? -1.395  5.998   3.712   1.00 28.79 ? 222 LEU A CA  1 
ATOM   246  C C   . LEU A 1 32  ? -2.320  7.100   3.211   1.00 27.65 ? 222 LEU A C   1 
ATOM   247  O O   . LEU A 1 32  ? -2.045  8.278   3.408   1.00 28.57 ? 222 LEU A O   1 
ATOM   248  C CB  . LEU A 1 32  ? -0.926  6.297   5.138   1.00 27.21 ? 222 LEU A CB  1 
ATOM   249  C CG  . LEU A 1 32  ? 0.181   5.340   5.587   1.00 30.34 ? 222 LEU A CG  1 
ATOM   250  C CD1 . LEU A 1 32  ? 1.151   6.019   6.523   1.00 34.22 ? 222 LEU A CD1 1 
ATOM   251  C CD2 . LEU A 1 32  ? -0.430  4.108   6.207   1.00 34.19 ? 222 LEU A CD2 1 
ATOM   252  N N   . ALA A 1 33  ? -3.399  6.713   2.541   1.00 28.97 ? 223 ALA A N   1 
ATOM   253  C CA  . ALA A 1 33  ? -4.344  7.668   1.978   1.00 29.18 ? 223 ALA A CA  1 
ATOM   254  C C   . ALA A 1 33  ? -5.724  7.457   2.559   1.00 34.66 ? 223 ALA A C   1 
ATOM   255  O O   . ALA A 1 33  ? -6.332  6.406   2.364   1.00 41.31 ? 223 ALA A O   1 
ATOM   256  C CB  . ALA A 1 33  ? -4.394  7.518   0.465   1.00 19.38 ? 223 ALA A CB  1 
ATOM   257  N N   . ASP A 1 34  ? -6.239  8.463   3.249   1.00 39.99 ? 224 ASP A N   1 
ATOM   258  C CA  . ASP A 1 34  ? -7.563  8.353   3.838   1.00 43.51 ? 224 ASP A CA  1 
ATOM   259  C C   . ASP A 1 34  ? -8.651  8.723   2.827   1.00 42.26 ? 224 ASP A C   1 
ATOM   260  O O   . ASP A 1 34  ? -9.616  9.408   3.161   1.00 46.28 ? 224 ASP A O   1 
ATOM   261  C CB  . ASP A 1 34  ? -7.660  9.234   5.085   1.00 53.72 ? 224 ASP A CB  1 
ATOM   262  C CG  . ASP A 1 34  ? -8.765  8.791   6.038   1.00 65.37 ? 224 ASP A CG  1 
ATOM   263  O OD1 . ASP A 1 34  ? -9.591  7.920   5.666   1.00 69.03 ? 224 ASP A OD1 1 
ATOM   264  O OD2 . ASP A 1 34  ? -8.801  9.317   7.171   1.00 75.33 ? 224 ASP A OD2 1 
ATOM   265  N N   . LYS A 1 35  ? -8.501  8.258   1.593   1.00 37.69 ? 225 LYS A N   1 
ATOM   266  C CA  . LYS A 1 35  ? -9.479  8.542   0.556   1.00 35.60 ? 225 LYS A CA  1 
ATOM   267  C C   . LYS A 1 35  ? -9.568  7.359   -0.389  1.00 35.55 ? 225 LYS A C   1 
ATOM   268  O O   . LYS A 1 35  ? -8.724  6.470   -0.350  1.00 40.98 ? 225 LYS A O   1 
ATOM   269  C CB  . LYS A 1 35  ? -9.086  9.784   -0.240  1.00 35.77 ? 225 LYS A CB  1 
ATOM   270  C CG  . LYS A 1 35  ? -7.833  9.628   -1.092  1.00 39.94 ? 225 LYS A CG  1 
ATOM   271  C CD  . LYS A 1 35  ? -7.771  10.709  -2.169  1.00 43.77 ? 225 LYS A CD  1 
ATOM   272  C CE  . LYS A 1 35  ? -8.982  10.618  -3.097  1.00 46.38 ? 225 LYS A CE  1 
ATOM   273  N NZ  . LYS A 1 35  ? -9.147  11.756  -4.053  1.00 48.14 ? 225 LYS A NZ  1 
ATOM   274  N N   . LYS A 1 36  ? -10.604 7.340   -1.217  1.00 30.98 ? 226 LYS A N   1 
ATOM   275  C CA  . LYS A 1 36  ? -10.781 6.270   -2.182  1.00 28.65 ? 226 LYS A CA  1 
ATOM   276  C C   . LYS A 1 36  ? -10.025 6.691   -3.426  1.00 29.49 ? 226 LYS A C   1 
ATOM   277  O O   . LYS A 1 36  ? -10.221 7.795   -3.913  1.00 36.17 ? 226 LYS A O   1 
ATOM   278  C CB  . LYS A 1 36  ? -12.257 6.089   -2.524  1.00 31.77 ? 226 LYS A CB  1 
ATOM   279  C CG  . LYS A 1 36  ? -13.088 5.495   -1.408  1.00 35.57 ? 226 LYS A CG  1 
ATOM   280  C CD  . LYS A 1 36  ? -14.545 5.466   -1.805  1.00 46.08 ? 226 LYS A CD  1 
ATOM   281  C CE  . LYS A 1 36  ? -15.405 4.771   -0.764  1.00 55.03 ? 226 LYS A CE  1 
ATOM   282  N NZ  . LYS A 1 36  ? -15.305 3.279   -0.825  1.00 65.41 ? 226 LYS A NZ  1 
ATOM   283  N N   . ILE A 1 37  ? -9.143  5.831   -3.916  1.00 29.73 ? 227 ILE A N   1 
ATOM   284  C CA  . ILE A 1 37  ? -8.350  6.126   -5.109  1.00 32.79 ? 227 ILE A CA  1 
ATOM   285  C C   . ILE A 1 37  ? -9.014  5.456   -6.309  1.00 34.90 ? 227 ILE A C   1 
ATOM   286  O O   . ILE A 1 37  ? -9.334  4.269   -6.261  1.00 39.75 ? 227 ILE A O   1 
ATOM   287  C CB  . ILE A 1 37  ? -6.898  5.608   -4.964  1.00 30.52 ? 227 ILE A CB  1 
ATOM   288  C CG1 . ILE A 1 37  ? -6.238  6.248   -3.737  1.00 30.47 ? 227 ILE A CG1 1 
ATOM   289  C CG2 . ILE A 1 37  ? -6.107  5.893   -6.228  1.00 34.53 ? 227 ILE A CG2 1 
ATOM   290  C CD1 . ILE A 1 37  ? -4.874  5.683   -3.390  1.00 32.27 ? 227 ILE A CD1 1 
ATOM   291  N N   . SER A 1 38  ? -9.241  6.216   -7.375  1.00 36.74 ? 228 SER A N   1 
ATOM   292  C CA  . SER A 1 38  ? -9.885  5.668   -8.564  1.00 40.16 ? 228 SER A CA  1 
ATOM   293  C C   . SER A 1 38  ? -9.211  6.125   -9.848  1.00 41.41 ? 228 SER A C   1 
ATOM   294  O O   . SER A 1 38  ? -9.253  5.425   -10.862 1.00 42.06 ? 228 SER A O   1 
ATOM   295  C CB  . SER A 1 38  ? -11.360 6.068   -8.598  1.00 43.47 ? 228 SER A CB  1 
ATOM   296  O OG  . SER A 1 38  ? -11.503 7.477   -8.628  1.00 56.65 ? 228 SER A OG  1 
ATOM   297  N N   . ASN A 1 39  ? -8.597  7.301   -9.808  1.00 41.58 ? 229 ASN A N   1 
ATOM   298  C CA  . ASN A 1 39  ? -7.924  7.832   -10.980 1.00 39.64 ? 229 ASN A CA  1 
ATOM   299  C C   . ASN A 1 39  ? -6.424  7.587   -10.865 1.00 40.29 ? 229 ASN A C   1 
ATOM   300  O O   . ASN A 1 39  ? -5.819  7.912   -9.843  1.00 43.35 ? 229 ASN A O   1 
ATOM   301  C CB  . ASN A 1 39  ? -8.210  9.326   -11.108 1.00 44.26 ? 229 ASN A CB  1 
ATOM   302  C CG  . ASN A 1 39  ? -7.927  9.853   -12.496 1.00 53.30 ? 229 ASN A CG  1 
ATOM   303  O OD1 . ASN A 1 39  ? -6.984  9.418   -13.164 1.00 61.19 ? 229 ASN A OD1 1 
ATOM   304  N ND2 . ASN A 1 39  ? -8.748  10.789  -12.945 1.00 59.02 ? 229 ASN A ND2 1 
ATOM   305  N N   . ILE A 1 40  ? -5.833  7.025   -11.916 1.00 36.82 ? 230 ILE A N   1 
ATOM   306  C CA  . ILE A 1 40  ? -4.403  6.725   -11.944 1.00 35.93 ? 230 ILE A CA  1 
ATOM   307  C C   . ILE A 1 40  ? -3.549  7.979   -12.118 1.00 36.82 ? 230 ILE A C   1 
ATOM   308  O O   . ILE A 1 40  ? -2.396  8.019   -11.700 1.00 38.50 ? 230 ILE A O   1 
ATOM   309  C CB  . ILE A 1 40  ? -4.059  5.701   -13.063 1.00 41.49 ? 230 ILE A CB  1 
ATOM   310  C CG1 . ILE A 1 40  ? -2.778  4.941   -12.712 1.00 46.32 ? 230 ILE A CG1 1 
ATOM   311  C CG2 . ILE A 1 40  ? -3.879  6.400   -14.412 1.00 37.57 ? 230 ILE A CG2 1 
ATOM   312  C CD1 . ILE A 1 40  ? -2.884  4.090   -11.457 1.00 45.47 ? 230 ILE A CD1 1 
ATOM   313  N N   . ARG A 1 41  ? -4.126  9.009   -12.730 1.00 42.32 ? 231 ARG A N   1 
ATOM   314  C CA  . ARG A 1 41  ? -3.418  10.266  -12.951 1.00 42.16 ? 231 ARG A CA  1 
ATOM   315  C C   . ARG A 1 41  ? -3.043  10.862  -11.597 1.00 43.10 ? 231 ARG A C   1 
ATOM   316  O O   . ARG A 1 41  ? -2.032  11.547  -11.457 1.00 46.81 ? 231 ARG A O   1 
ATOM   317  C CB  . ARG A 1 41  ? -4.315  11.238  -13.727 1.00 44.79 ? 231 ARG A CB  1 
ATOM   318  C CG  . ARG A 1 41  ? -3.747  12.655  -13.897 1.00 55.98 ? 231 ARG A CG  1 
ATOM   319  C CD  . ARG A 1 41  ? -3.056  12.880  -15.242 1.00 57.05 ? 231 ARG A CD  1 
ATOM   320  N NE  . ARG A 1 41  ? -3.965  12.675  -16.373 1.00 58.59 ? 231 ARG A NE  1 
ATOM   321  C CZ  . ARG A 1 41  ? -3.883  13.312  -17.539 1.00 59.09 ? 231 ARG A CZ  1 
ATOM   322  N NH1 . ARG A 1 41  ? -2.933  14.221  -17.753 1.00 57.21 ? 231 ARG A NH1 1 
ATOM   323  N NH2 . ARG A 1 41  ? -4.728  12.998  -18.516 1.00 57.40 ? 231 ARG A NH2 1 
ATOM   324  N N   . GLU A 1 42  ? -3.844  10.539  -10.592 1.00 44.67 ? 232 GLU A N   1 
ATOM   325  C CA  . GLU A 1 42  ? -3.643  11.035  -9.240  1.00 46.88 ? 232 GLU A CA  1 
ATOM   326  C C   . GLU A 1 42  ? -2.404  10.442  -8.565  1.00 48.86 ? 232 GLU A C   1 
ATOM   327  O O   . GLU A 1 42  ? -1.673  11.142  -7.868  1.00 51.38 ? 232 GLU A O   1 
ATOM   328  C CB  . GLU A 1 42  ? -4.892  10.731  -8.413  1.00 45.70 ? 232 GLU A CB  1 
ATOM   329  C CG  . GLU A 1 42  ? -5.050  11.573  -7.162  1.00 48.32 ? 232 GLU A CG  1 
ATOM   330  C CD  . GLU A 1 42  ? -6.389  11.355  -6.463  1.00 52.77 ? 232 GLU A CD  1 
ATOM   331  O OE1 . GLU A 1 42  ? -7.153  10.436  -6.850  1.00 47.76 ? 232 GLU A OE1 1 
ATOM   332  O OE2 . GLU A 1 42  ? -6.676  12.117  -5.515  1.00 57.46 ? 232 GLU A OE2 1 
ATOM   333  N N   . MET A 1 43  ? -2.157  9.156   -8.787  1.00 48.12 ? 233 MET A N   1 
ATOM   334  C CA  . MET A 1 43  ? -1.017  8.494   -8.169  1.00 45.05 ? 233 MET A CA  1 
ATOM   335  C C   . MET A 1 43  ? 0.287   8.492   -8.943  1.00 39.46 ? 233 MET A C   1 
ATOM   336  O O   . MET A 1 43  ? 1.333   8.150   -8.391  1.00 39.37 ? 233 MET A O   1 
ATOM   337  C CB  . MET A 1 43  ? -1.375  7.060   -7.789  1.00 51.97 ? 233 MET A CB  1 
ATOM   338  C CG  . MET A 1 43  ? -2.159  6.950   -6.496  1.00 55.54 ? 233 MET A CG  1 
ATOM   339  S SD  . MET A 1 43  ? -1.956  5.329   -5.778  1.00 59.39 ? 233 MET A SD  1 
ATOM   340  C CE  . MET A 1 43  ? -2.826  4.341   -7.030  1.00 61.99 ? 233 MET A CE  1 
ATOM   341  N N   . LEU A 1 44  ? 0.238   8.864   -10.215 1.00 40.16 ? 234 LEU A N   1 
ATOM   342  C CA  . LEU A 1 44  ? 1.444   8.879   -11.038 1.00 39.45 ? 234 LEU A CA  1 
ATOM   343  C C   . LEU A 1 44  ? 2.667   9.490   -10.346 1.00 37.62 ? 234 LEU A C   1 
ATOM   344  O O   . LEU A 1 44  ? 3.724   8.866   -10.309 1.00 38.86 ? 234 LEU A O   1 
ATOM   345  C CB  . LEU A 1 44  ? 1.193   9.558   -12.389 1.00 37.46 ? 234 LEU A CB  1 
ATOM   346  C CG  . LEU A 1 44  ? 2.322   9.382   -13.406 1.00 40.24 ? 234 LEU A CG  1 
ATOM   347  C CD1 . LEU A 1 44  ? 2.452   7.907   -13.766 1.00 45.70 ? 234 LEU A CD1 1 
ATOM   348  C CD2 . LEU A 1 44  ? 2.062   10.213  -14.644 1.00 37.51 ? 234 LEU A CD2 1 
ATOM   349  N N   . PRO A 1 45  ? 2.533   10.688  -9.745  1.00 36.51 ? 235 PRO A N   1 
ATOM   350  C CA  . PRO A 1 45  ? 3.680   11.309  -9.070  1.00 36.31 ? 235 PRO A CA  1 
ATOM   351  C C   . PRO A 1 45  ? 4.375   10.399  -8.048  1.00 38.11 ? 235 PRO A C   1 
ATOM   352  O O   . PRO A 1 45  ? 5.605   10.352  -7.990  1.00 41.13 ? 235 PRO A O   1 
ATOM   353  C CB  . PRO A 1 45  ? 3.054   12.532  -8.397  1.00 33.94 ? 235 PRO A CB  1 
ATOM   354  C CG  . PRO A 1 45  ? 1.982   12.919  -9.351  1.00 33.33 ? 235 PRO A CG  1 
ATOM   355  C CD  . PRO A 1 45  ? 1.355   11.578  -9.684  1.00 37.79 ? 235 PRO A CD  1 
ATOM   356  N N   . VAL A 1 46  ? 3.588   9.671   -7.260  1.00 41.87 ? 236 VAL A N   1 
ATOM   357  C CA  . VAL A 1 46  ? 4.137   8.764   -6.257  1.00 35.38 ? 236 VAL A CA  1 
ATOM   358  C C   . VAL A 1 46  ? 4.670   7.506   -6.917  1.00 31.59 ? 236 VAL A C   1 
ATOM   359  O O   . VAL A 1 46  ? 5.704   6.981   -6.497  1.00 37.76 ? 236 VAL A O   1 
ATOM   360  C CB  . VAL A 1 46  ? 3.103   8.411   -5.165  1.00 39.98 ? 236 VAL A CB  1 
ATOM   361  C CG1 . VAL A 1 46  ? 3.633   7.310   -4.273  1.00 39.32 ? 236 VAL A CG1 1 
ATOM   362  C CG2 . VAL A 1 46  ? 2.810   9.645   -4.315  1.00 39.01 ? 236 VAL A CG2 1 
ATOM   363  N N   . LEU A 1 47  ? 3.991   7.037   -7.962  1.00 25.56 ? 237 LEU A N   1 
ATOM   364  C CA  . LEU A 1 47  ? 4.444   5.851   -8.682  1.00 26.38 ? 237 LEU A CA  1 
ATOM   365  C C   . LEU A 1 47  ? 5.778   6.123   -9.386  1.00 34.62 ? 237 LEU A C   1 
ATOM   366  O O   . LEU A 1 47  ? 6.647   5.250   -9.455  1.00 37.81 ? 237 LEU A O   1 
ATOM   367  C CB  . LEU A 1 47  ? 3.402   5.393   -9.699  1.00 20.44 ? 237 LEU A CB  1 
ATOM   368  C CG  . LEU A 1 47  ? 2.134   4.762   -9.128  1.00 21.03 ? 237 LEU A CG  1 
ATOM   369  C CD1 . LEU A 1 47  ? 1.185   4.428   -10.250 1.00 22.32 ? 237 LEU A CD1 1 
ATOM   370  C CD2 . LEU A 1 47  ? 2.464   3.519   -8.343  1.00 17.47 ? 237 LEU A CD2 1 
ATOM   371  N N   . GLU A 1 48  ? 5.944   7.343   -9.894  1.00 39.29 ? 238 GLU A N   1 
ATOM   372  C CA  . GLU A 1 48  ? 7.177   7.737   -10.573 1.00 39.53 ? 238 GLU A CA  1 
ATOM   373  C C   . GLU A 1 48  ? 8.312   7.765   -9.551  1.00 38.37 ? 238 GLU A C   1 
ATOM   374  O O   . GLU A 1 48  ? 9.381   7.200   -9.780  1.00 44.05 ? 238 GLU A O   1 
ATOM   375  C CB  . GLU A 1 48  ? 7.025   9.127   -11.204 1.00 40.33 ? 238 GLU A CB  1 
ATOM   376  C CG  . GLU A 1 48  ? 5.971   9.242   -12.316 1.00 50.38 ? 238 GLU A CG  1 
ATOM   377  C CD  . GLU A 1 48  ? 6.512   8.988   -13.720 1.00 49.76 ? 238 GLU A CD  1 
ATOM   378  O OE1 . GLU A 1 48  ? 7.742   8.849   -13.890 1.00 53.52 ? 238 GLU A OE1 1 
ATOM   379  O OE2 . GLU A 1 48  ? 5.695   8.940   -14.662 1.00 52.13 ? 238 GLU A OE2 1 
ATOM   380  N N   . ALA A 1 49  ? 8.050   8.402   -8.415  1.00 36.00 ? 239 ALA A N   1 
ATOM   381  C CA  . ALA A 1 49  ? 9.015   8.540   -7.330  1.00 35.01 ? 239 ALA A CA  1 
ATOM   382  C C   . ALA A 1 49  ? 9.545   7.212   -6.800  1.00 38.46 ? 239 ALA A C   1 
ATOM   383  O O   . ALA A 1 49  ? 10.758  6.999   -6.777  1.00 43.02 ? 239 ALA A O   1 
ATOM   384  C CB  . ALA A 1 49  ? 8.402   9.351   -6.189  1.00 32.29 ? 239 ALA A CB  1 
ATOM   385  N N   . VAL A 1 50  ? 8.655   6.310   -6.392  1.00 37.81 ? 240 VAL A N   1 
ATOM   386  C CA  . VAL A 1 50  ? 9.108   5.026   -5.862  1.00 38.58 ? 240 VAL A CA  1 
ATOM   387  C C   . VAL A 1 50  ? 9.804   4.190   -6.933  1.00 39.93 ? 240 VAL A C   1 
ATOM   388  O O   . VAL A 1 50  ? 10.652  3.359   -6.612  1.00 42.15 ? 240 VAL A O   1 
ATOM   389  C CB  . VAL A 1 50  ? 7.966   4.200   -5.192  1.00 33.01 ? 240 VAL A CB  1 
ATOM   390  C CG1 . VAL A 1 50  ? 7.094   5.094   -4.331  1.00 27.72 ? 240 VAL A CG1 1 
ATOM   391  C CG2 . VAL A 1 50  ? 7.148   3.466   -6.222  1.00 28.50 ? 240 VAL A CG2 1 
ATOM   392  N N   . ALA A 1 51  ? 9.485   4.450   -8.200  1.00 41.38 ? 241 ALA A N   1 
ATOM   393  C CA  . ALA A 1 51  ? 10.082  3.721   -9.320  1.00 42.70 ? 241 ALA A CA  1 
ATOM   394  C C   . ALA A 1 51  ? 11.534  4.137   -9.525  1.00 45.67 ? 241 ALA A C   1 
ATOM   395  O O   . ALA A 1 51  ? 12.376  3.313   -9.868  1.00 51.59 ? 241 ALA A O   1 
ATOM   396  C CB  . ALA A 1 51  ? 9.283   3.946   -10.589 1.00 42.86 ? 241 ALA A CB  1 
ATOM   397  N N   . LYS A 1 52  ? 11.821  5.416   -9.301  1.00 51.34 ? 242 LYS A N   1 
ATOM   398  C CA  . LYS A 1 52  ? 13.171  5.951   -9.433  1.00 53.69 ? 242 LYS A CA  1 
ATOM   399  C C   . LYS A 1 52  ? 14.014  5.389   -8.280  1.00 57.98 ? 242 LYS A C   1 
ATOM   400  O O   . LYS A 1 52  ? 15.206  5.126   -8.436  1.00 61.22 ? 242 LYS A O   1 
ATOM   401  C CB  . LYS A 1 52  ? 13.133  7.483   -9.373  1.00 54.25 ? 242 LYS A CB  1 
ATOM   402  C CG  . LYS A 1 52  ? 14.461  8.180   -9.637  1.00 55.65 ? 242 LYS A CG  1 
ATOM   403  N N   . ALA A 1 53  ? 13.376  5.220   -7.121  1.00 58.53 ? 243 ALA A N   1 
ATOM   404  C CA  . ALA A 1 53  ? 14.020  4.678   -5.922  1.00 53.38 ? 243 ALA A CA  1 
ATOM   405  C C   . ALA A 1 53  ? 14.257  3.169   -6.044  1.00 53.97 ? 243 ALA A C   1 
ATOM   406  O O   . ALA A 1 53  ? 15.054  2.601   -5.296  1.00 55.48 ? 243 ALA A O   1 
ATOM   407  C CB  . ALA A 1 53  ? 13.172  4.982   -4.693  1.00 51.90 ? 243 ALA A CB  1 
ATOM   408  N N   . GLY A 1 54  ? 13.525  2.520   -6.946  1.00 53.59 ? 244 GLY A N   1 
ATOM   409  C CA  . GLY A 1 54  ? 13.672  1.090   -7.157  1.00 55.34 ? 244 GLY A CA  1 
ATOM   410  C C   . GLY A 1 54  ? 13.141  0.187   -6.053  1.00 61.72 ? 244 GLY A C   1 
ATOM   411  O O   . GLY A 1 54  ? 13.608  -0.943  -5.902  1.00 66.67 ? 244 GLY A O   1 
ATOM   412  N N   . LYS A 1 55  ? 12.153  0.663   -5.300  1.00 61.25 ? 245 LYS A N   1 
ATOM   413  C CA  . LYS A 1 55  ? 11.562  -0.117  -4.210  1.00 54.32 ? 245 LYS A CA  1 
ATOM   414  C C   . LYS A 1 55  ? 10.069  -0.304  -4.433  1.00 46.88 ? 245 LYS A C   1 
ATOM   415  O O   . LYS A 1 55  ? 9.448   0.473   -5.152  1.00 49.21 ? 245 LYS A O   1 
ATOM   416  C CB  . LYS A 1 55  ? 11.796  0.575   -2.869  1.00 57.73 ? 245 LYS A CB  1 
ATOM   417  C CG  . LYS A 1 55  ? 13.238  0.540   -2.390  1.00 68.58 ? 245 LYS A CG  1 
ATOM   418  C CD  . LYS A 1 55  ? 13.352  1.126   -0.990  1.00 78.11 ? 245 LYS A CD  1 
ATOM   419  C CE  . LYS A 1 55  ? 14.771  1.029   -0.449  1.00 82.73 ? 245 LYS A CE  1 
ATOM   420  N NZ  . LYS A 1 55  ? 14.813  1.399   0.997   1.00 83.94 ? 245 LYS A NZ  1 
ATOM   421  N N   . PRO A 1 56  ? 9.484   -1.374  -3.867  1.00 43.07 ? 246 PRO A N   1 
ATOM   422  C CA  . PRO A 1 56  ? 8.054   -1.683  -3.993  1.00 39.97 ? 246 PRO A CA  1 
ATOM   423  C C   . PRO A 1 56  ? 7.201   -0.709  -3.179  1.00 39.00 ? 246 PRO A C   1 
ATOM   424  O O   . PRO A 1 56  ? 7.715   -0.030  -2.275  1.00 37.54 ? 246 PRO A O   1 
ATOM   425  C CB  . PRO A 1 56  ? 7.953   -3.089  -3.394  1.00 40.81 ? 246 PRO A CB  1 
ATOM   426  C CG  . PRO A 1 56  ? 9.331   -3.637  -3.536  1.00 41.16 ? 246 PRO A CG  1 
ATOM   427  C CD  . PRO A 1 56  ? 10.190  -2.465  -3.184  1.00 40.98 ? 246 PRO A CD  1 
ATOM   428  N N   . LEU A 1 57  ? 5.898   -0.682  -3.462  1.00 31.28 ? 247 LEU A N   1 
ATOM   429  C CA  . LEU A 1 57  ? 4.978   0.201   -2.745  1.00 24.63 ? 247 LEU A CA  1 
ATOM   430  C C   . LEU A 1 57  ? 3.755   -0.539  -2.250  1.00 21.78 ? 247 LEU A C   1 
ATOM   431  O O   . LEU A 1 57  ? 3.196   -1.379  -2.952  1.00 22.06 ? 247 LEU A O   1 
ATOM   432  C CB  . LEU A 1 57  ? 4.512   1.350   -3.649  1.00 21.64 ? 247 LEU A CB  1 
ATOM   433  C CG  . LEU A 1 57  ? 3.395   2.269   -3.128  1.00 23.16 ? 247 LEU A CG  1 
ATOM   434  C CD1 . LEU A 1 57  ? 3.907   3.182   -2.025  1.00 15.90 ? 247 LEU A CD1 1 
ATOM   435  C CD2 . LEU A 1 57  ? 2.837   3.109   -4.270  1.00 21.01 ? 247 LEU A CD2 1 
ATOM   436  N N   . LEU A 1 58  ? 3.349   -0.222  -1.029  1.00 19.69 ? 248 LEU A N   1 
ATOM   437  C CA  . LEU A 1 58  ? 2.155   -0.802  -0.428  1.00 22.59 ? 248 LEU A CA  1 
ATOM   438  C C   . LEU A 1 58  ? 1.157   0.339   -0.306  1.00 26.04 ? 248 LEU A C   1 
ATOM   439  O O   . LEU A 1 58  ? 1.433   1.343   0.355   1.00 30.17 ? 248 LEU A O   1 
ATOM   440  C CB  . LEU A 1 58  ? 2.449   -1.366  0.966   1.00 16.89 ? 248 LEU A CB  1 
ATOM   441  C CG  . LEU A 1 58  ? 1.208   -1.684  1.810   1.00 21.53 ? 248 LEU A CG  1 
ATOM   442  C CD1 . LEU A 1 58  ? 0.388   -2.764  1.143   1.00 21.93 ? 248 LEU A CD1 1 
ATOM   443  C CD2 . LEU A 1 58  ? 1.591   -2.114  3.210   1.00 23.81 ? 248 LEU A CD2 1 
ATOM   444  N N   . ILE A 1 59  ? 0.007   0.210   -0.945  1.00 28.14 ? 249 ILE A N   1 
ATOM   445  C CA  . ILE A 1 59  ? -0.998  1.256   -0.854  1.00 28.28 ? 249 ILE A CA  1 
ATOM   446  C C   . ILE A 1 59  ? -2.076  0.868   0.157   1.00 31.15 ? 249 ILE A C   1 
ATOM   447  O O   . ILE A 1 59  ? -2.721  -0.174  0.017   1.00 36.30 ? 249 ILE A O   1 
ATOM   448  C CB  . ILE A 1 59  ? -1.649  1.520   -2.227  1.00 22.51 ? 249 ILE A CB  1 
ATOM   449  C CG1 . ILE A 1 59  ? -0.564  1.842   -3.254  1.00 21.61 ? 249 ILE A CG1 1 
ATOM   450  C CG2 . ILE A 1 59  ? -2.621  2.689   -2.123  1.00 23.08 ? 249 ILE A CG2 1 
ATOM   451  C CD1 . ILE A 1 59  ? -1.093  2.176   -4.599  1.00 21.55 ? 249 ILE A CD1 1 
ATOM   452  N N   . ILE A 1 60  ? -2.204  1.660   1.217   1.00 30.03 ? 250 ILE A N   1 
ATOM   453  C CA  . ILE A 1 60  ? -3.226  1.425   2.221   1.00 24.93 ? 250 ILE A CA  1 
ATOM   454  C C   . ILE A 1 60  ? -4.143  2.617   2.123   1.00 26.38 ? 250 ILE A C   1 
ATOM   455  O O   . ILE A 1 60  ? -3.780  3.719   2.525   1.00 29.46 ? 250 ILE A O   1 
ATOM   456  C CB  . ILE A 1 60  ? -2.650  1.358   3.642   1.00 25.64 ? 250 ILE A CB  1 
ATOM   457  C CG1 . ILE A 1 60  ? -1.726  0.136   3.774   1.00 25.95 ? 250 ILE A CG1 1 
ATOM   458  C CG2 . ILE A 1 60  ? -3.792  1.332   4.657   1.00 16.20 ? 250 ILE A CG2 1 
ATOM   459  C CD1 . ILE A 1 60  ? -1.018  0.014   5.105   1.00 20.40 ? 250 ILE A CD1 1 
ATOM   460  N N   . ALA A 1 61  ? -5.306  2.411   1.519   1.00 29.47 ? 251 ALA A N   1 
ATOM   461  C CA  . ALA A 1 61  ? -6.277  3.481   1.349   1.00 28.81 ? 251 ALA A CA  1 
ATOM   462  C C   . ALA A 1 61  ? -7.658  3.036   1.794   1.00 32.90 ? 251 ALA A C   1 
ATOM   463  O O   . ALA A 1 61  ? -7.871  1.865   2.123   1.00 33.91 ? 251 ALA A O   1 
ATOM   464  C CB  . ALA A 1 61  ? -6.325  3.919   -0.098  1.00 30.81 ? 251 ALA A CB  1 
ATOM   465  N N   . GLU A 1 62  ? -8.596  3.978   1.813   1.00 34.53 ? 252 GLU A N   1 
ATOM   466  C CA  . GLU A 1 62  ? -9.965  3.689   2.205   1.00 38.58 ? 252 GLU A CA  1 
ATOM   467  C C   . GLU A 1 62  ? -10.499 2.609   1.264   1.00 35.65 ? 252 GLU A C   1 
ATOM   468  O O   . GLU A 1 62  ? -11.291 1.753   1.659   1.00 37.50 ? 252 GLU A O   1 
ATOM   469  C CB  . GLU A 1 62  ? -10.820 4.951   2.111   1.00 46.90 ? 252 GLU A CB  1 
ATOM   470  C CG  . GLU A 1 62  ? -12.216 4.761   2.667   1.00 58.84 ? 252 GLU A CG  1 
ATOM   471  C CD  . GLU A 1 62  ? -13.008 6.048   2.726   1.00 64.44 ? 252 GLU A CD  1 
ATOM   472  O OE1 . GLU A 1 62  ? -12.429 7.101   3.099   1.00 68.20 ? 252 GLU A OE1 1 
ATOM   473  O OE2 . GLU A 1 62  ? -14.217 5.988   2.409   1.00 66.73 ? 252 GLU A OE2 1 
ATOM   474  N N   . ASP A 1 63  ? -10.029 2.663   0.022   1.00 33.79 ? 253 ASP A N   1 
ATOM   475  C CA  . ASP A 1 63  ? -10.372 1.704   -1.015  1.00 32.95 ? 253 ASP A CA  1 
ATOM   476  C C   . ASP A 1 63  ? -9.642  2.172   -2.251  1.00 32.10 ? 253 ASP A C   1 
ATOM   477  O O   . ASP A 1 63  ? -9.355  3.354   -2.390  1.00 32.44 ? 253 ASP A O   1 
ATOM   478  C CB  . ASP A 1 63  ? -11.879 1.674   -1.298  1.00 38.66 ? 253 ASP A CB  1 
ATOM   479  C CG  . ASP A 1 63  ? -12.309 0.449   -2.115  1.00 42.23 ? 253 ASP A CG  1 
ATOM   480  O OD1 . ASP A 1 63  ? -11.478 -0.452  -2.349  1.00 44.54 ? 253 ASP A OD1 1 
ATOM   481  O OD2 . ASP A 1 63  ? -13.492 0.374   -2.516  1.00 47.86 ? 253 ASP A OD2 1 
ATOM   482  N N   . VAL A 1 64  ? -9.240  1.224   -3.081  1.00 31.57 ? 254 VAL A N   1 
ATOM   483  C CA  . VAL A 1 64  ? -8.577  1.510   -4.340  1.00 25.24 ? 254 VAL A CA  1 
ATOM   484  C C   . VAL A 1 64  ? -9.525  0.784   -5.276  1.00 25.86 ? 254 VAL A C   1 
ATOM   485  O O   . VAL A 1 64  ? -9.779  -0.405  -5.108  1.00 32.28 ? 254 VAL A O   1 
ATOM   486  C CB  . VAL A 1 64  ? -7.177  0.893   -4.402  1.00 22.92 ? 254 VAL A CB  1 
ATOM   487  C CG1 . VAL A 1 64  ? -6.544  1.212   -5.739  1.00 17.31 ? 254 VAL A CG1 1 
ATOM   488  C CG2 . VAL A 1 64  ? -6.310  1.436   -3.265  1.00 18.57 ? 254 VAL A CG2 1 
ATOM   489  N N   . GLU A 1 65  ? -10.103 1.504   -6.222  1.00 30.40 ? 255 GLU A N   1 
ATOM   490  C CA  . GLU A 1 65  ? -11.077 0.886   -7.097  1.00 28.87 ? 255 GLU A CA  1 
ATOM   491  C C   . GLU A 1 65  ? -11.057 1.355   -8.537  1.00 33.12 ? 255 GLU A C   1 
ATOM   492  O O   . GLU A 1 65  ? -10.309 2.259   -8.912  1.00 35.92 ? 255 GLU A O   1 
ATOM   493  C CB  . GLU A 1 65  ? -12.455 1.151   -6.516  1.00 35.73 ? 255 GLU A CB  1 
ATOM   494  C CG  . GLU A 1 65  ? -12.707 2.635   -6.299  1.00 45.80 ? 255 GLU A CG  1 
ATOM   495  C CD  . GLU A 1 65  ? -13.992 2.918   -5.554  1.00 59.29 ? 255 GLU A CD  1 
ATOM   496  O OE1 . GLU A 1 65  ? -14.902 2.058   -5.560  1.00 65.06 ? 255 GLU A OE1 1 
ATOM   497  O OE2 . GLU A 1 65  ? -14.088 4.016   -4.962  1.00 68.11 ? 255 GLU A OE2 1 
ATOM   498  N N   . GLY A 1 66  ? -11.879 0.689   -9.339  1.00 32.62 ? 256 GLY A N   1 
ATOM   499  C CA  . GLY A 1 66  ? -12.020 1.012   -10.744 1.00 31.61 ? 256 GLY A CA  1 
ATOM   500  C C   . GLY A 1 66  ? -10.769 0.985   -11.588 1.00 32.69 ? 256 GLY A C   1 
ATOM   501  O O   . GLY A 1 66  ? -9.977  0.051   -11.521 1.00 38.63 ? 256 GLY A O   1 
ATOM   502  N N   . GLU A 1 67  ? -10.609 2.030   -12.386 1.00 32.13 ? 257 GLU A N   1 
ATOM   503  C CA  . GLU A 1 67  ? -9.483  2.189   -13.294 1.00 35.57 ? 257 GLU A CA  1 
ATOM   504  C C   . GLU A 1 67  ? -8.127  2.092   -12.597 1.00 33.77 ? 257 GLU A C   1 
ATOM   505  O O   . GLU A 1 67  ? -7.220  1.419   -13.089 1.00 34.35 ? 257 GLU A O   1 
ATOM   506  C CB  . GLU A 1 67  ? -9.624  3.523   -14.038 1.00 40.66 ? 257 GLU A CB  1 
ATOM   507  C CG  . GLU A 1 67  ? -8.713  3.707   -15.233 1.00 44.09 ? 257 GLU A CG  1 
ATOM   508  C CD  . GLU A 1 67  ? -7.412  4.365   -14.865 1.00 46.05 ? 257 GLU A CD  1 
ATOM   509  O OE1 . GLU A 1 67  ? -7.453  5.496   -14.341 1.00 53.42 ? 257 GLU A OE1 1 
ATOM   510  O OE2 . GLU A 1 67  ? -6.351  3.748   -15.096 1.00 57.39 ? 257 GLU A OE2 1 
ATOM   511  N N   . ALA A 1 68  ? -7.984  2.782   -11.470 1.00 33.37 ? 258 ALA A N   1 
ATOM   512  C CA  . ALA A 1 68  ? -6.736  2.753   -10.715 1.00 31.44 ? 258 ALA A CA  1 
ATOM   513  C C   . ALA A 1 68  ? -6.353  1.319   -10.386 1.00 31.07 ? 258 ALA A C   1 
ATOM   514  O O   . ALA A 1 68  ? -5.242  0.882   -10.684 1.00 36.09 ? 258 ALA A O   1 
ATOM   515  C CB  . ALA A 1 68  ? -6.863  3.565   -9.437  1.00 25.65 ? 258 ALA A CB  1 
ATOM   516  N N   . LEU A 1 69  ? -7.283  0.578   -9.795  1.00 28.49 ? 259 LEU A N   1 
ATOM   517  C CA  . LEU A 1 69  ? -7.020  -0.809  -9.439  1.00 28.70 ? 259 LEU A CA  1 
ATOM   518  C C   . LEU A 1 69  ? -6.686  -1.634  -10.678 1.00 33.03 ? 259 LEU A C   1 
ATOM   519  O O   . LEU A 1 69  ? -5.711  -2.382  -10.683 1.00 36.19 ? 259 LEU A O   1 
ATOM   520  C CB  . LEU A 1 69  ? -8.220  -1.426  -8.730  1.00 25.06 ? 259 LEU A CB  1 
ATOM   521  C CG  . LEU A 1 69  ? -7.983  -2.817  -8.142  1.00 23.45 ? 259 LEU A CG  1 
ATOM   522  C CD1 . LEU A 1 69  ? -6.971  -2.749  -6.994  1.00 27.08 ? 259 LEU A CD1 1 
ATOM   523  C CD2 . LEU A 1 69  ? -9.289  -3.392  -7.659  1.00 22.64 ? 259 LEU A CD2 1 
ATOM   524  N N   . ALA A 1 70  ? -7.489  -1.470  -11.727 1.00 33.68 ? 260 ALA A N   1 
ATOM   525  C CA  . ALA A 1 70  ? -7.309  -2.199  -12.981 1.00 33.32 ? 260 ALA A CA  1 
ATOM   526  C C   . ALA A 1 70  ? -5.909  -2.025  -13.530 1.00 33.94 ? 260 ALA A C   1 
ATOM   527  O O   . ALA A 1 70  ? -5.262  -3.000  -13.904 1.00 35.62 ? 260 ALA A O   1 
ATOM   528  C CB  . ALA A 1 70  ? -8.328  -1.740  -14.015 1.00 30.51 ? 260 ALA A CB  1 
ATOM   529  N N   . THR A 1 71  ? -5.450  -0.780  -13.587 1.00 36.82 ? 261 THR A N   1 
ATOM   530  C CA  . THR A 1 71  ? -4.121  -0.475  -14.094 1.00 37.87 ? 261 THR A CA  1 
ATOM   531  C C   . THR A 1 71  ? -3.038  -1.074  -13.197 1.00 36.12 ? 261 THR A C   1 
ATOM   532  O O   . THR A 1 71  ? -2.132  -1.758  -13.674 1.00 41.13 ? 261 THR A O   1 
ATOM   533  C CB  . THR A 1 71  ? -3.949  1.045   -14.265 1.00 38.09 ? 261 THR A CB  1 
ATOM   534  O OG1 . THR A 1 71  ? -4.851  1.498   -15.283 1.00 36.88 ? 261 THR A OG1 1 
ATOM   535  C CG2 . THR A 1 71  ? -2.530  1.394   -14.671 1.00 36.60 ? 261 THR A CG2 1 
ATOM   536  N N   . LEU A 1 72  ? -3.163  -0.856  -11.896 1.00 37.02 ? 262 LEU A N   1 
ATOM   537  C CA  . LEU A 1 72  ? -2.206  -1.394  -10.940 1.00 31.26 ? 262 LEU A CA  1 
ATOM   538  C C   . LEU A 1 72  ? -2.097  -2.907  -11.153 1.00 32.13 ? 262 LEU A C   1 
ATOM   539  O O   . LEU A 1 72  ? -1.019  -3.416  -11.427 1.00 38.73 ? 262 LEU A O   1 
ATOM   540  C CB  . LEU A 1 72  ? -2.662  -1.089  -9.507  1.00 29.90 ? 262 LEU A CB  1 
ATOM   541  C CG  . LEU A 1 72  ? -2.015  0.027   -8.673  1.00 27.43 ? 262 LEU A CG  1 
ATOM   542  C CD1 . LEU A 1 72  ? -1.014  0.828   -9.492  1.00 27.93 ? 262 LEU A CD1 1 
ATOM   543  C CD2 . LEU A 1 72  ? -3.088  0.914   -8.096  1.00 22.28 ? 262 LEU A CD2 1 
ATOM   544  N N   . VAL A 1 73  ? -3.228  -3.606  -11.112 1.00 30.91 ? 263 VAL A N   1 
ATOM   545  C CA  . VAL A 1 73  ? -3.236  -5.052  -11.295 1.00 30.72 ? 263 VAL A CA  1 
ATOM   546  C C   . VAL A 1 73  ? -2.606  -5.481  -12.615 1.00 35.08 ? 263 VAL A C   1 
ATOM   547  O O   . VAL A 1 73  ? -1.651  -6.254  -12.623 1.00 44.97 ? 263 VAL A O   1 
ATOM   548  C CB  . VAL A 1 73  ? -4.662  -5.644  -11.187 1.00 30.26 ? 263 VAL A CB  1 
ATOM   549  C CG1 . VAL A 1 73  ? -4.645  -7.139  -11.506 1.00 32.65 ? 263 VAL A CG1 1 
ATOM   550  C CG2 . VAL A 1 73  ? -5.215  -5.441  -9.787  1.00 28.25 ? 263 VAL A CG2 1 
ATOM   551  N N   . VAL A 1 74  ? -3.095  -4.953  -13.727 1.00 36.79 ? 264 VAL A N   1 
ATOM   552  C CA  . VAL A 1 74  ? -2.564  -5.328  -15.035 1.00 38.10 ? 264 VAL A CA  1 
ATOM   553  C C   . VAL A 1 74  ? -1.058  -5.095  -15.173 1.00 37.30 ? 264 VAL A C   1 
ATOM   554  O O   . VAL A 1 74  ? -0.332  -5.960  -15.667 1.00 38.82 ? 264 VAL A O   1 
ATOM   555  C CB  . VAL A 1 74  ? -3.341  -4.621  -16.185 1.00 38.08 ? 264 VAL A CB  1 
ATOM   556  C CG1 . VAL A 1 74  ? -2.577  -4.696  -17.488 1.00 34.32 ? 264 VAL A CG1 1 
ATOM   557  C CG2 . VAL A 1 74  ? -4.709  -5.276  -16.357 1.00 31.50 ? 264 VAL A CG2 1 
ATOM   558  N N   . ASN A 1 75  ? -0.583  -3.956  -14.691 1.00 38.00 ? 265 ASN A N   1 
ATOM   559  C CA  . ASN A 1 75  ? 0.834   -3.641  -14.791 1.00 38.15 ? 265 ASN A CA  1 
ATOM   560  C C   . ASN A 1 75  ? 1.662   -4.565  -13.929 1.00 37.93 ? 265 ASN A C   1 
ATOM   561  O O   . ASN A 1 75  ? 2.782   -4.931  -14.288 1.00 40.84 ? 265 ASN A O   1 
ATOM   562  C CB  . ASN A 1 75  ? 1.092   -2.182  -14.432 1.00 41.28 ? 265 ASN A CB  1 
ATOM   563  C CG  . ASN A 1 75  ? 0.545   -1.213  -15.478 1.00 50.96 ? 265 ASN A CG  1 
ATOM   564  O OD1 . ASN A 1 75  ? 0.415   -0.017  -15.216 1.00 59.85 ? 265 ASN A OD1 1 
ATOM   565  N ND2 . ASN A 1 75  ? 0.227   -1.723  -16.669 1.00 50.10 ? 265 ASN A ND2 1 
ATOM   566  N N   . THR A 1 76  ? 1.112   -4.947  -12.787 1.00 41.83 ? 266 THR A N   1 
ATOM   567  C CA  . THR A 1 76  ? 1.794   -5.866  -11.898 1.00 43.38 ? 266 THR A CA  1 
ATOM   568  C C   . THR A 1 76  ? 1.898   -7.198  -12.638 1.00 46.66 ? 266 THR A C   1 
ATOM   569  O O   . THR A 1 76  ? 2.983   -7.767  -12.740 1.00 53.10 ? 266 THR A O   1 
ATOM   570  C CB  . THR A 1 76  ? 1.024   -6.014  -10.566 1.00 43.30 ? 266 THR A CB  1 
ATOM   571  O OG1 . THR A 1 76  ? 1.089   -4.777  -9.847  1.00 46.59 ? 266 THR A OG1 1 
ATOM   572  C CG2 . THR A 1 76  ? 1.614   -7.118  -9.705  1.00 45.64 ? 266 THR A CG2 1 
ATOM   573  N N   . MET A 1 77  ? 0.796   -7.628  -13.251 1.00 53.54 ? 267 MET A N   1 
ATOM   574  C CA  . MET A 1 77  ? 0.748   -8.889  -14.003 1.00 56.43 ? 267 MET A CA  1 
ATOM   575  C C   . MET A 1 77  ? 1.789   -8.971  -15.116 1.00 56.88 ? 267 MET A C   1 
ATOM   576  O O   . MET A 1 77  ? 2.230   -10.065 -15.485 1.00 53.99 ? 267 MET A O   1 
ATOM   577  C CB  . MET A 1 77  ? -0.642  -9.124  -14.598 1.00 58.64 ? 267 MET A CB  1 
ATOM   578  C CG  . MET A 1 77  ? -1.693  -9.535  -13.591 1.00 58.38 ? 267 MET A CG  1 
ATOM   579  S SD  . MET A 1 77  ? -3.197  -10.089 -14.403 1.00 65.60 ? 267 MET A SD  1 
ATOM   580  C CE  . MET A 1 77  ? -2.913  -11.852 -14.462 1.00 65.05 ? 267 MET A CE  1 
ATOM   581  N N   . ARG A 1 78  ? 2.135   -7.815  -15.679 1.00 56.03 ? 268 ARG A N   1 
ATOM   582  C CA  . ARG A 1 78  ? 3.132   -7.744  -16.735 1.00 53.32 ? 268 ARG A CA  1 
ATOM   583  C C   . ARG A 1 78  ? 4.511   -7.549  -16.119 1.00 53.21 ? 268 ARG A C   1 
ATOM   584  O O   . ARG A 1 78  ? 5.520   -7.872  -16.735 1.00 59.18 ? 268 ARG A O   1 
ATOM   585  C CB  . ARG A 1 78  ? 2.813   -6.605  -17.702 1.00 56.72 ? 268 ARG A CB  1 
ATOM   586  C CG  . ARG A 1 78  ? 1.505   -6.798  -18.461 1.00 61.32 ? 268 ARG A CG  1 
ATOM   587  C CD  . ARG A 1 78  ? 1.253   -5.660  -19.438 1.00 66.51 ? 268 ARG A CD  1 
ATOM   588  N NE  . ARG A 1 78  ? -0.026  -5.812  -20.123 1.00 67.81 ? 268 ARG A NE  1 
ATOM   589  C CZ  . ARG A 1 78  ? -0.859  -4.812  -20.392 1.00 70.13 ? 268 ARG A CZ  1 
ATOM   590  N NH1 . ARG A 1 78  ? -0.551  -3.568  -20.038 1.00 75.92 ? 268 ARG A NH1 1 
ATOM   591  N NH2 . ARG A 1 78  ? -2.020  -5.058  -20.987 1.00 68.07 ? 268 ARG A NH2 1 
ATOM   592  N N   . GLY A 1 79  ? 4.547   -7.026  -14.899 1.00 51.64 ? 269 GLY A N   1 
ATOM   593  C CA  . GLY A 1 79  ? 5.809   -6.819  -14.216 1.00 50.67 ? 269 GLY A CA  1 
ATOM   594  C C   . GLY A 1 79  ? 6.343   -5.409  -14.322 1.00 52.43 ? 269 GLY A C   1 
ATOM   595  O O   . GLY A 1 79  ? 7.435   -5.113  -13.835 1.00 54.63 ? 269 GLY A O   1 
ATOM   596  N N   . ILE A 1 80  ? 5.563   -4.525  -14.932 1.00 54.09 ? 270 ILE A N   1 
ATOM   597  C CA  . ILE A 1 80  ? 5.964   -3.132  -15.107 1.00 56.01 ? 270 ILE A CA  1 
ATOM   598  C C   . ILE A 1 80  ? 5.834   -2.318  -13.814 1.00 60.93 ? 270 ILE A C   1 
ATOM   599  O O   . ILE A 1 80  ? 6.377   -1.217  -13.707 1.00 65.89 ? 270 ILE A O   1 
ATOM   600  C CB  . ILE A 1 80  ? 5.128   -2.450  -16.210 1.00 51.67 ? 270 ILE A CB  1 
ATOM   601  C CG1 . ILE A 1 80  ? 5.029   -3.372  -17.431 1.00 51.64 ? 270 ILE A CG1 1 
ATOM   602  C CG2 . ILE A 1 80  ? 5.766   -1.128  -16.617 1.00 50.45 ? 270 ILE A CG2 1 
ATOM   603  C CD1 . ILE A 1 80  ? 4.043   -2.901  -18.475 1.00 56.12 ? 270 ILE A CD1 1 
ATOM   604  N N   . VAL A 1 81  ? 5.111   -2.858  -12.836 1.00 61.30 ? 271 VAL A N   1 
ATOM   605  C CA  . VAL A 1 81  ? 4.919   -2.176  -11.557 1.00 56.04 ? 271 VAL A CA  1 
ATOM   606  C C   . VAL A 1 81  ? 4.957   -3.174  -10.401 1.00 55.36 ? 271 VAL A C   1 
ATOM   607  O O   . VAL A 1 81  ? 4.373   -4.256  -10.484 1.00 58.04 ? 271 VAL A O   1 
ATOM   608  C CB  . VAL A 1 81  ? 3.579   -1.412  -11.527 1.00 55.58 ? 271 VAL A CB  1 
ATOM   609  N N   . LYS A 1 82  ? 5.671   -2.815  -9.338  1.00 55.80 ? 272 LYS A N   1 
ATOM   610  C CA  . LYS A 1 82  ? 5.797   -3.666  -8.156  1.00 52.96 ? 272 LYS A CA  1 
ATOM   611  C C   . LYS A 1 82  ? 5.033   -3.038  -6.988  1.00 48.06 ? 272 LYS A C   1 
ATOM   612  O O   . LYS A 1 82  ? 5.622   -2.424  -6.091  1.00 43.69 ? 272 LYS A O   1 
ATOM   613  C CB  . LYS A 1 82  ? 7.276   -3.838  -7.793  1.00 57.49 ? 272 LYS A CB  1 
ATOM   614  N N   . VAL A 1 83  ? 3.714   -3.199  -7.005  1.00 43.80 ? 273 VAL A N   1 
ATOM   615  C CA  . VAL A 1 83  ? 2.847   -2.622  -5.986  1.00 38.95 ? 273 VAL A CA  1 
ATOM   616  C C   . VAL A 1 83  ? 1.778   -3.603  -5.485  1.00 34.59 ? 273 VAL A C   1 
ATOM   617  O O   . VAL A 1 83  ? 1.508   -4.629  -6.108  1.00 35.39 ? 273 VAL A O   1 
ATOM   618  C CB  . VAL A 1 83  ? 2.167   -1.336  -6.543  1.00 37.83 ? 273 VAL A CB  1 
ATOM   619  C CG1 . VAL A 1 83  ? 1.267   -1.685  -7.700  1.00 43.98 ? 273 VAL A CG1 1 
ATOM   620  C CG2 . VAL A 1 83  ? 1.384   -0.613  -5.465  1.00 44.22 ? 273 VAL A CG2 1 
ATOM   621  N N   . ALA A 1 84  ? 1.208   -3.294  -4.328  1.00 29.77 ? 274 ALA A N   1 
ATOM   622  C CA  . ALA A 1 84  ? 0.156   -4.109  -3.744  1.00 27.81 ? 274 ALA A CA  1 
ATOM   623  C C   . ALA A 1 84  ? -0.796  -3.102  -3.120  1.00 23.08 ? 274 ALA A C   1 
ATOM   624  O O   . ALA A 1 84  ? -0.378  -1.987  -2.800  1.00 21.58 ? 274 ALA A O   1 
ATOM   625  C CB  . ALA A 1 84  ? 0.722   -5.046  -2.684  1.00 29.18 ? 274 ALA A CB  1 
ATOM   626  N N   . ALA A 1 85  ? -2.059  -3.487  -2.942  1.00 26.73 ? 275 ALA A N   1 
ATOM   627  C CA  . ALA A 1 85  ? -3.064  -2.590  -2.381  1.00 27.50 ? 275 ALA A CA  1 
ATOM   628  C C   . ALA A 1 85  ? -4.009  -3.316  -1.451  1.00 26.33 ? 275 ALA A C   1 
ATOM   629  O O   . ALA A 1 85  ? -4.422  -4.434  -1.753  1.00 26.36 ? 275 ALA A O   1 
ATOM   630  C CB  . ALA A 1 85  ? -3.861  -1.937  -3.506  1.00 28.33 ? 275 ALA A CB  1 
ATOM   631  N N   . VAL A 1 86  ? -4.377  -2.655  -0.352  1.00 26.01 ? 276 VAL A N   1 
ATOM   632  C CA  . VAL A 1 86  ? -5.295  -3.193  0.656   1.00 25.10 ? 276 VAL A CA  1 
ATOM   633  C C   . VAL A 1 86  ? -6.158  -2.041  1.203   1.00 24.95 ? 276 VAL A C   1 
ATOM   634  O O   . VAL A 1 86  ? -5.790  -0.871  1.074   1.00 26.72 ? 276 VAL A O   1 
ATOM   635  C CB  . VAL A 1 86  ? -4.532  -3.845  1.872   1.00 26.62 ? 276 VAL A CB  1 
ATOM   636  C CG1 . VAL A 1 86  ? -3.617  -4.967  1.419   1.00 23.80 ? 276 VAL A CG1 1 
ATOM   637  C CG2 . VAL A 1 86  ? -3.737  -2.794  2.645   1.00 26.41 ? 276 VAL A CG2 1 
ATOM   638  N N   . LYS A 1 87  ? -7.301  -2.376  1.797   1.00 23.96 ? 277 LYS A N   1 
ATOM   639  C CA  . LYS A 1 87  ? -8.193  -1.385  2.398   1.00 20.77 ? 277 LYS A CA  1 
ATOM   640  C C   . LYS A 1 87  ? -7.714  -1.019  3.794   1.00 23.18 ? 277 LYS A C   1 
ATOM   641  O O   . LYS A 1 87  ? -7.113  -1.833  4.482   1.00 30.47 ? 277 LYS A O   1 
ATOM   642  C CB  . LYS A 1 87  ? -9.598  -1.940  2.530   1.00 15.30 ? 277 LYS A CB  1 
ATOM   643  C CG  . LYS A 1 87  ? -10.392 -1.903  1.265   1.00 30.83 ? 277 LYS A CG  1 
ATOM   644  C CD  . LYS A 1 87  ? -11.737 -2.500  1.527   1.00 39.47 ? 277 LYS A CD  1 
ATOM   645  C CE  . LYS A 1 87  ? -12.644 -2.348  0.332   1.00 48.43 ? 277 LYS A CE  1 
ATOM   646  N NZ  . LYS A 1 87  ? -13.933 -3.025  0.635   1.00 59.83 ? 277 LYS A NZ  1 
ATOM   647  N N   . ALA A 1 88  ? -8.029  0.188   4.238   1.00 27.50 ? 278 ALA A N   1 
ATOM   648  C CA  . ALA A 1 88  ? -7.618  0.611   5.567   1.00 28.20 ? 278 ALA A CA  1 
ATOM   649  C C   . ALA A 1 88  ? -8.541  -0.070  6.567   1.00 29.06 ? 278 ALA A C   1 
ATOM   650  O O   . ALA A 1 88  ? -9.745  -0.222  6.319   1.00 31.86 ? 278 ALA A O   1 
ATOM   651  C CB  . ALA A 1 88  ? -7.695  2.131   5.701   1.00 22.93 ? 278 ALA A CB  1 
ATOM   652  N N   . PRO A 1 89  ? -7.980  -0.519  7.701   1.00 27.57 ? 279 PRO A N   1 
ATOM   653  C CA  . PRO A 1 89  ? -8.739  -1.202  8.751   1.00 30.71 ? 279 PRO A CA  1 
ATOM   654  C C   . PRO A 1 89  ? -9.610  -0.276  9.588   1.00 31.71 ? 279 PRO A C   1 
ATOM   655  O O   . PRO A 1 89  ? -9.341  0.916   9.707   1.00 36.82 ? 279 PRO A O   1 
ATOM   656  C CB  . PRO A 1 89  ? -7.638  -1.840  9.589   1.00 31.49 ? 279 PRO A CB  1 
ATOM   657  C CG  . PRO A 1 89  ? -6.563  -0.777  9.529   1.00 30.29 ? 279 PRO A CG  1 
ATOM   658  C CD  . PRO A 1 89  ? -6.555  -0.400  8.070   1.00 23.68 ? 279 PRO A CD  1 
ATOM   659  N N   . GLY A 1 90  ? -10.622 -0.845  10.217  1.00 30.31 ? 280 GLY A N   1 
ATOM   660  C CA  . GLY A 1 90  ? -11.486 -0.037  11.044  1.00 31.09 ? 280 GLY A CA  1 
ATOM   661  C C   . GLY A 1 90  ? -12.539 0.687   10.250  1.00 31.48 ? 280 GLY A C   1 
ATOM   662  O O   . GLY A 1 90  ? -12.590 0.598   9.024   1.00 30.12 ? 280 GLY A O   1 
ATOM   663  N N   . PHE A 1 91  ? -13.423 1.352   10.974  1.00 33.76 ? 281 PHE A N   1 
ATOM   664  C CA  . PHE A 1 91  ? -14.512 2.109   10.381  1.00 39.35 ? 281 PHE A CA  1 
ATOM   665  C C   . PHE A 1 91  ? -14.625 3.452   11.108  1.00 45.39 ? 281 PHE A C   1 
ATOM   666  O O   . PHE A 1 91  ? -14.148 3.589   12.243  1.00 48.12 ? 281 PHE A O   1 
ATOM   667  C CB  . PHE A 1 91  ? -15.829 1.327   10.503  1.00 36.24 ? 281 PHE A CB  1 
ATOM   668  C CG  . PHE A 1 91  ? -15.825 0.010   9.772   1.00 32.87 ? 281 PHE A CG  1 
ATOM   669  C CD1 . PHE A 1 91  ? -15.367 -1.143  10.398  1.00 35.04 ? 281 PHE A CD1 1 
ATOM   670  C CD2 . PHE A 1 91  ? -16.266 -0.081  8.459   1.00 31.27 ? 281 PHE A CD2 1 
ATOM   671  C CE1 . PHE A 1 91  ? -15.338 -2.366  9.732   1.00 24.80 ? 281 PHE A CE1 1 
ATOM   672  C CE2 . PHE A 1 91  ? -16.239 -1.305  7.785   1.00 29.05 ? 281 PHE A CE2 1 
ATOM   673  C CZ  . PHE A 1 91  ? -15.775 -2.449  8.429   1.00 23.91 ? 281 PHE A CZ  1 
ATOM   674  N N   . GLY A 1 92  ? -15.186 4.452   10.424  1.00 49.42 ? 282 GLY A N   1 
ATOM   675  C CA  . GLY A 1 92  ? -15.369 5.778   11.008  1.00 51.06 ? 282 GLY A CA  1 
ATOM   676  C C   . GLY A 1 92  ? -14.116 6.410   11.593  1.00 50.07 ? 282 GLY A C   1 
ATOM   677  O O   . GLY A 1 92  ? -13.033 6.303   11.012  1.00 53.75 ? 282 GLY A O   1 
ATOM   678  N N   . ASP A 1 93  ? -14.248 7.022   12.766  1.00 48.45 ? 283 ASP A N   1 
ATOM   679  C CA  . ASP A 1 93  ? -13.116 7.665   13.425  1.00 49.41 ? 283 ASP A CA  1 
ATOM   680  C C   . ASP A 1 93  ? -11.998 6.684   13.751  1.00 51.24 ? 283 ASP A C   1 
ATOM   681  O O   . ASP A 1 93  ? -10.825 7.063   13.780  1.00 57.40 ? 283 ASP A O   1 
ATOM   682  C CB  . ASP A 1 93  ? -13.566 8.394   14.695  1.00 53.60 ? 283 ASP A CB  1 
ATOM   683  C CG  . ASP A 1 93  ? -14.402 9.624   14.402  1.00 55.40 ? 283 ASP A CG  1 
ATOM   684  N N   . ARG A 1 94  ? -12.351 5.421   13.977  1.00 48.59 ? 284 ARG A N   1 
ATOM   685  C CA  . ARG A 1 94  ? -11.360 4.403   14.295  1.00 43.73 ? 284 ARG A CA  1 
ATOM   686  C C   . ARG A 1 94  ? -10.446 4.146   13.104  1.00 40.39 ? 284 ARG A C   1 
ATOM   687  O O   . ARG A 1 94  ? -9.269  3.829   13.277  1.00 37.31 ? 284 ARG A O   1 
ATOM   688  C CB  . ARG A 1 94  ? -12.038 3.106   14.724  1.00 52.48 ? 284 ARG A CB  1 
ATOM   689  C CG  . ARG A 1 94  ? -11.814 2.758   16.185  1.00 61.91 ? 284 ARG A CG  1 
ATOM   690  C CD  . ARG A 1 94  ? -12.407 1.402   16.536  1.00 72.82 ? 284 ARG A CD  1 
ATOM   691  N NE  . ARG A 1 94  ? -11.721 0.284   15.882  1.00 75.33 ? 284 ARG A NE  1 
ATOM   692  C CZ  . ARG A 1 94  ? -12.142 -0.321  14.773  1.00 75.00 ? 284 ARG A CZ  1 
ATOM   693  N NH1 . ARG A 1 94  ? -13.259 0.072   14.161  1.00 61.37 ? 284 ARG A NH1 1 
ATOM   694  N NH2 . ARG A 1 94  ? -11.448 -1.338  14.283  1.00 75.47 ? 284 ARG A NH2 1 
ATOM   695  N N   . ARG A 1 95  ? -10.996 4.288   11.899  1.00 34.49 ? 285 ARG A N   1 
ATOM   696  C CA  . ARG A 1 95  ? -10.221 4.092   10.679  1.00 34.91 ? 285 ARG A CA  1 
ATOM   697  C C   . ARG A 1 95  ? -9.089  5.114   10.647  1.00 35.14 ? 285 ARG A C   1 
ATOM   698  O O   . ARG A 1 95  ? -7.913  4.763   10.510  1.00 37.51 ? 285 ARG A O   1 
ATOM   699  C CB  . ARG A 1 95  ? -11.104 4.277   9.433   1.00 29.60 ? 285 ARG A CB  1 
ATOM   700  C CG  . ARG A 1 95  ? -10.357 4.039   8.113   1.00 30.06 ? 285 ARG A CG  1 
ATOM   701  C CD  . ARG A 1 95  ? -11.031 4.671   6.896   1.00 36.46 ? 285 ARG A CD  1 
ATOM   702  N NE  . ARG A 1 95  ? -12.338 4.095   6.584   1.00 52.58 ? 285 ARG A NE  1 
ATOM   703  C CZ  . ARG A 1 95  ? -12.555 2.811   6.297   1.00 61.84 ? 285 ARG A CZ  1 
ATOM   704  N NH1 . ARG A 1 95  ? -11.550 1.942   6.283   1.00 67.96 ? 285 ARG A NH1 1 
ATOM   705  N NH2 . ARG A 1 95  ? -13.780 2.393   6.001   1.00 64.29 ? 285 ARG A NH2 1 
ATOM   706  N N   . LYS A 1 96  ? -9.454  6.383   10.808  1.00 35.52 ? 286 LYS A N   1 
ATOM   707  C CA  . LYS A 1 96  ? -8.503  7.481   10.782  1.00 33.78 ? 286 LYS A CA  1 
ATOM   708  C C   . LYS A 1 96  ? -7.439  7.308   11.857  1.00 34.66 ? 286 LYS A C   1 
ATOM   709  O O   . LYS A 1 96  ? -6.244  7.453   11.590  1.00 36.91 ? 286 LYS A O   1 
ATOM   710  C CB  . LYS A 1 96  ? -9.235  8.813   10.953  1.00 35.68 ? 286 LYS A CB  1 
ATOM   711  N N   . ALA A 1 97  ? -7.869  6.943   13.057  1.00 36.34 ? 287 ALA A N   1 
ATOM   712  C CA  . ALA A 1 97  ? -6.951  6.740   14.172  1.00 36.79 ? 287 ALA A CA  1 
ATOM   713  C C   . ALA A 1 97  ? -5.966  5.617   13.865  1.00 37.06 ? 287 ALA A C   1 
ATOM   714  O O   . ALA A 1 97  ? -4.757  5.753   14.071  1.00 35.99 ? 287 ALA A O   1 
ATOM   715  C CB  . ALA A 1 97  ? -7.735  6.429   15.444  1.00 42.30 ? 287 ALA A CB  1 
ATOM   716  N N   . MET A 1 98  ? -6.479  4.514   13.331  1.00 37.52 ? 288 MET A N   1 
ATOM   717  C CA  . MET A 1 98  ? -5.621  3.384   13.000  1.00 40.27 ? 288 MET A CA  1 
ATOM   718  C C   . MET A 1 98  ? -4.651  3.750   11.887  1.00 37.44 ? 288 MET A C   1 
ATOM   719  O O   . MET A 1 98  ? -3.508  3.290   11.877  1.00 39.80 ? 288 MET A O   1 
ATOM   720  C CB  . MET A 1 98  ? -6.451  2.154   12.623  1.00 42.29 ? 288 MET A CB  1 
ATOM   721  C CG  . MET A 1 98  ? -7.196  1.544   13.809  1.00 45.29 ? 288 MET A CG  1 
ATOM   722  S SD  . MET A 1 98  ? -7.983  -0.022  13.439  1.00 45.18 ? 288 MET A SD  1 
ATOM   723  C CE  . MET A 1 98  ? -6.546  -1.081  13.424  1.00 50.40 ? 288 MET A CE  1 
ATOM   724  N N   . LEU A 1 99  ? -5.094  4.606   10.971  1.00 36.37 ? 289 LEU A N   1 
ATOM   725  C CA  . LEU A 1 99  ? -4.246  5.037   9.872   1.00 31.66 ? 289 LEU A CA  1 
ATOM   726  C C   . LEU A 1 99  ? -3.033  5.782   10.409  1.00 32.85 ? 289 LEU A C   1 
ATOM   727  O O   . LEU A 1 99  ? -1.907  5.565   9.955   1.00 31.62 ? 289 LEU A O   1 
ATOM   728  C CB  . LEU A 1 99  ? -5.029  5.914   8.905   1.00 29.89 ? 289 LEU A CB  1 
ATOM   729  C CG  . LEU A 1 99  ? -5.448  5.201   7.628   1.00 26.68 ? 289 LEU A CG  1 
ATOM   730  C CD1 . LEU A 1 99  ? -6.245  6.140   6.770   1.00 29.40 ? 289 LEU A CD1 1 
ATOM   731  C CD2 . LEU A 1 99  ? -4.220  4.715   6.877   1.00 26.35 ? 289 LEU A CD2 1 
ATOM   732  N N   . GLN A 1 100 ? -3.250  6.638   11.400  1.00 34.20 ? 290 GLN A N   1 
ATOM   733  C CA  . GLN A 1 100 ? -2.142  7.382   11.980  1.00 40.37 ? 290 GLN A CA  1 
ATOM   734  C C   . GLN A 1 100 ? -1.188  6.434   12.707  1.00 41.67 ? 290 GLN A C   1 
ATOM   735  O O   . GLN A 1 100 ? 0.031   6.598   12.634  1.00 41.22 ? 290 GLN A O   1 
ATOM   736  C CB  . GLN A 1 100 ? -2.645  8.482   12.917  1.00 48.24 ? 290 GLN A CB  1 
ATOM   737  C CG  . GLN A 1 100 ? -1.549  9.433   13.398  1.00 58.03 ? 290 GLN A CG  1 
ATOM   738  C CD  . GLN A 1 100 ? -0.676  9.946   12.265  1.00 63.79 ? 290 GLN A CD  1 
ATOM   739  O OE1 . GLN A 1 100 ? -1.151  10.616  11.345  1.00 70.10 ? 290 GLN A OE1 1 
ATOM   740  N NE2 . GLN A 1 100 ? 0.609   9.622   12.323  1.00 71.02 ? 290 GLN A NE2 1 
ATOM   741  N N   . ASP A 1 101 ? -1.738  5.437   13.394  1.00 41.20 ? 291 ASP A N   1 
ATOM   742  C CA  . ASP A 1 101 ? -0.907  4.472   14.094  1.00 41.09 ? 291 ASP A CA  1 
ATOM   743  C C   . ASP A 1 101 ? 0.040   3.826   13.099  1.00 39.90 ? 291 ASP A C   1 
ATOM   744  O O   . ASP A 1 101 ? 1.242   3.778   13.333  1.00 47.22 ? 291 ASP A O   1 
ATOM   745  C CB  . ASP A 1 101 ? -1.757  3.398   14.766  1.00 49.29 ? 291 ASP A CB  1 
ATOM   746  C CG  . ASP A 1 101 ? -2.495  3.914   15.988  1.00 58.68 ? 291 ASP A CG  1 
ATOM   747  O OD1 . ASP A 1 101 ? -2.106  4.972   16.538  1.00 63.68 ? 291 ASP A OD1 1 
ATOM   748  O OD2 . ASP A 1 101 ? -3.465  3.243   16.404  1.00 64.38 ? 291 ASP A OD2 1 
ATOM   749  N N   . ILE A 1 102 ? -0.493  3.362   11.971  1.00 35.16 ? 292 ILE A N   1 
ATOM   750  C CA  . ILE A 1 102 ? 0.354   2.740   10.963  1.00 33.89 ? 292 ILE A CA  1 
ATOM   751  C C   . ILE A 1 102 ? 1.402   3.748   10.485  1.00 33.41 ? 292 ILE A C   1 
ATOM   752  O O   . ILE A 1 102 ? 2.585   3.420   10.373  1.00 36.19 ? 292 ILE A O   1 
ATOM   753  C CB  . ILE A 1 102 ? -0.464  2.189   9.771   1.00 33.13 ? 292 ILE A CB  1 
ATOM   754  C CG1 . ILE A 1 102 ? -1.496  1.172   10.265  1.00 32.81 ? 292 ILE A CG1 1 
ATOM   755  C CG2 . ILE A 1 102 ? 0.457   1.491   8.777   1.00 30.97 ? 292 ILE A CG2 1 
ATOM   756  C CD1 . ILE A 1 102 ? -2.336  0.570   9.162   1.00 33.96 ? 292 ILE A CD1 1 
ATOM   757  N N   . ALA A 1 103 ? 0.978   4.987   10.257  1.00 36.49 ? 293 ALA A N   1 
ATOM   758  C CA  . ALA A 1 103 ? 1.891   6.041   9.817   1.00 36.46 ? 293 ALA A CA  1 
ATOM   759  C C   . ALA A 1 103 ? 3.054   6.143   10.790  1.00 37.78 ? 293 ALA A C   1 
ATOM   760  O O   . ALA A 1 103 ? 4.211   6.040   10.385  1.00 41.70 ? 293 ALA A O   1 
ATOM   761  C CB  . ALA A 1 103 ? 1.166   7.383   9.725   1.00 28.20 ? 293 ALA A CB  1 
ATOM   762  N N   . THR A 1 104 ? 2.738   6.275   12.076  1.00 38.83 ? 294 THR A N   1 
ATOM   763  C CA  . THR A 1 104 ? 3.745   6.386   13.128  1.00 41.13 ? 294 THR A CA  1 
ATOM   764  C C   . THR A 1 104 ? 4.748   5.227   13.109  1.00 40.89 ? 294 THR A C   1 
ATOM   765  O O   . THR A 1 104 ? 5.952   5.456   13.095  1.00 47.04 ? 294 THR A O   1 
ATOM   766  C CB  . THR A 1 104 ? 3.097   6.476   14.537  1.00 42.09 ? 294 THR A CB  1 
ATOM   767  O OG1 . THR A 1 104 ? 2.171   7.568   14.582  1.00 46.54 ? 294 THR A OG1 1 
ATOM   768  C CG2 . THR A 1 104 ? 4.156   6.706   15.597  1.00 46.15 ? 294 THR A CG2 1 
ATOM   769  N N   . LEU A 1 105 ? 4.254   3.995   13.062  1.00 38.61 ? 295 LEU A N   1 
ATOM   770  C CA  . LEU A 1 105 ? 5.129   2.827   13.046  1.00 40.73 ? 295 LEU A CA  1 
ATOM   771  C C   . LEU A 1 105 ? 6.088   2.819   11.858  1.00 42.59 ? 295 LEU A C   1 
ATOM   772  O O   . LEU A 1 105 ? 7.253   2.454   11.998  1.00 47.43 ? 295 LEU A O   1 
ATOM   773  C CB  . LEU A 1 105 ? 4.310   1.541   12.986  1.00 42.55 ? 295 LEU A CB  1 
ATOM   774  C CG  . LEU A 1 105 ? 3.047   1.427   13.826  1.00 50.22 ? 295 LEU A CG  1 
ATOM   775  C CD1 . LEU A 1 105 ? 2.344   0.151   13.430  1.00 57.45 ? 295 LEU A CD1 1 
ATOM   776  C CD2 . LEU A 1 105 ? 3.358   1.447   15.314  1.00 56.13 ? 295 LEU A CD2 1 
ATOM   777  N N   . THR A 1 106 ? 5.587   3.186   10.684  1.00 41.89 ? 296 THR A N   1 
ATOM   778  C CA  . THR A 1 106 ? 6.388   3.175   9.465   1.00 39.58 ? 296 THR A CA  1 
ATOM   779  C C   . THR A 1 106 ? 7.165   4.460   9.168   1.00 43.76 ? 296 THR A C   1 
ATOM   780  O O   . THR A 1 106 ? 8.074   4.467   8.332   1.00 41.58 ? 296 THR A O   1 
ATOM   781  C CB  . THR A 1 106 ? 5.509   2.818   8.260   1.00 36.04 ? 296 THR A CB  1 
ATOM   782  O OG1 . THR A 1 106 ? 4.390   3.713   8.203   1.00 34.41 ? 296 THR A OG1 1 
ATOM   783  C CG2 . THR A 1 106 ? 4.993   1.407   8.397   1.00 27.65 ? 296 THR A CG2 1 
ATOM   784  N N   . GLY A 1 107 ? 6.798   5.543   9.848   1.00 46.77 ? 297 GLY A N   1 
ATOM   785  C CA  . GLY A 1 107 ? 7.464   6.818   9.648   1.00 52.32 ? 297 GLY A CA  1 
ATOM   786  C C   . GLY A 1 107 ? 6.848   7.659   8.542   1.00 55.41 ? 297 GLY A C   1 
ATOM   787  O O   . GLY A 1 107 ? 7.442   8.651   8.104   1.00 58.73 ? 297 GLY A O   1 
ATOM   788  N N   . GLY A 1 108 ? 5.642   7.287   8.113   1.00 54.95 ? 298 GLY A N   1 
ATOM   789  C CA  . GLY A 1 108 ? 4.972   8.007   7.044   1.00 48.07 ? 298 GLY A CA  1 
ATOM   790  C C   . GLY A 1 108 ? 4.000   9.085   7.477   1.00 41.57 ? 298 GLY A C   1 
ATOM   791  O O   . GLY A 1 108 ? 3.917   9.446   8.652   1.00 43.50 ? 298 GLY A O   1 
ATOM   792  N N   . THR A 1 109 ? 3.240   9.580   6.508   1.00 41.34 ? 299 THR A N   1 
ATOM   793  C CA  . THR A 1 109 ? 2.252   10.621  6.736   1.00 42.85 ? 299 THR A CA  1 
ATOM   794  C C   . THR A 1 109 ? 0.971   10.239  6.000   1.00 43.80 ? 299 THR A C   1 
ATOM   795  O O   . THR A 1 109 ? 1.014   9.819   4.836   1.00 47.24 ? 299 THR A O   1 
ATOM   796  C CB  . THR A 1 109 ? 2.737   11.981  6.185   1.00 44.24 ? 299 THR A CB  1 
ATOM   797  O OG1 . THR A 1 109 ? 4.102   12.200  6.570   1.00 48.78 ? 299 THR A OG1 1 
ATOM   798  C CG2 . THR A 1 109 ? 1.875   13.117  6.720   1.00 39.99 ? 299 THR A CG2 1 
ATOM   799  N N   . VAL A 1 110 ? -0.158  10.354  6.692   1.00 42.54 ? 300 VAL A N   1 
ATOM   800  C CA  . VAL A 1 110 ? -1.455  10.035  6.110   1.00 42.81 ? 300 VAL A CA  1 
ATOM   801  C C   . VAL A 1 110 ? -1.904  11.205  5.253   1.00 46.63 ? 300 VAL A C   1 
ATOM   802  O O   . VAL A 1 110 ? -2.094  12.310  5.766   1.00 53.55 ? 300 VAL A O   1 
ATOM   803  C CB  . VAL A 1 110 ? -2.525  9.795   7.193   1.00 39.34 ? 300 VAL A CB  1 
ATOM   804  C CG1 . VAL A 1 110 ? -3.821  9.309   6.554   1.00 40.49 ? 300 VAL A CG1 1 
ATOM   805  C CG2 . VAL A 1 110 ? -2.023  8.795   8.215   1.00 44.23 ? 300 VAL A CG2 1 
ATOM   806  N N   . ILE A 1 111 ? -2.032  10.969  3.951   1.00 45.91 ? 301 ILE A N   1 
ATOM   807  C CA  . ILE A 1 111 ? -2.463  11.999  3.017   1.00 40.33 ? 301 ILE A CA  1 
ATOM   808  C C   . ILE A 1 111 ? -3.987  12.128  2.999   1.00 37.73 ? 301 ILE A C   1 
ATOM   809  O O   . ILE A 1 111 ? -4.663  11.075  2.996   1.00 41.85 ? 301 ILE A O   1 
ATOM   810  C CB  . ILE A 1 111 ? -1.958  11.711  1.587   1.00 37.92 ? 301 ILE A CB  1 
ATOM   811  C CG1 . ILE A 1 111 ? -0.437  11.502  1.588   1.00 38.10 ? 301 ILE A CG1 1 
ATOM   812  C CG2 . ILE A 1 111 ? -2.305  12.874  0.675   1.00 39.37 ? 301 ILE A CG2 1 
ATOM   813  C CD1 . ILE A 1 111 ? 0.351   12.704  2.081   1.00 46.40 ? 301 ILE A CD1 1 
ATOM   814  N N   . MET A 1 117 ? -3.455  17.580  2.703   1.00 89.32 ? 307 MET A N   1 
ATOM   815  C CA  . MET A 1 117 ? -2.398  17.448  1.657   1.00 86.63 ? 307 MET A CA  1 
ATOM   816  C C   . MET A 1 117 ? -3.038  16.847  0.413   1.00 80.79 ? 307 MET A C   1 
ATOM   817  O O   . MET A 1 117 ? -4.121  16.274  0.490   1.00 81.72 ? 307 MET A O   1 
ATOM   818  C CB  . MET A 1 117 ? -1.269  16.525  2.136   1.00 92.78 ? 307 MET A CB  1 
ATOM   819  C CG  . MET A 1 117 ? -0.751  16.818  3.537   1.00 94.15 ? 307 MET A CG  1 
ATOM   820  S SD  . MET A 1 117 ? -1.902  16.284  4.817   1.00 91.21 ? 307 MET A SD  1 
ATOM   821  C CE  . MET A 1 117 ? -0.849  15.193  5.755   1.00 92.15 ? 307 MET A CE  1 
ATOM   822  N N   . GLU A 1 118 ? -2.375  16.982  -0.728  1.00 73.29 ? 308 GLU A N   1 
ATOM   823  C CA  . GLU A 1 118 ? -2.903  16.435  -1.967  1.00 63.88 ? 308 GLU A CA  1 
ATOM   824  C C   . GLU A 1 118 ? -2.062  15.234  -2.381  1.00 56.62 ? 308 GLU A C   1 
ATOM   825  O O   . GLU A 1 118 ? -0.834  15.296  -2.365  1.00 56.47 ? 308 GLU A O   1 
ATOM   826  C CB  . GLU A 1 118 ? -2.901  17.504  -3.063  1.00 65.94 ? 308 GLU A CB  1 
ATOM   827  N N   . LEU A 1 119 ? -2.733  14.142  -2.737  1.00 50.22 ? 309 LEU A N   1 
ATOM   828  C CA  . LEU A 1 119 ? -2.073  12.906  -3.157  1.00 42.48 ? 309 LEU A CA  1 
ATOM   829  C C   . LEU A 1 119 ? -1.128  13.148  -4.335  1.00 41.43 ? 309 LEU A C   1 
ATOM   830  O O   . LEU A 1 119 ? -0.060  12.547  -4.418  1.00 42.37 ? 309 LEU A O   1 
ATOM   831  C CB  . LEU A 1 119 ? -3.126  11.846  -3.510  1.00 36.39 ? 309 LEU A CB  1 
ATOM   832  C CG  . LEU A 1 119 ? -2.711  10.441  -3.948  1.00 26.24 ? 309 LEU A CG  1 
ATOM   833  C CD1 . LEU A 1 119 ? -1.746  9.834   -2.968  1.00 28.09 ? 309 LEU A CD1 1 
ATOM   834  C CD2 . LEU A 1 119 ? -3.938  9.578   -4.059  1.00 24.49 ? 309 LEU A CD2 1 
ATOM   835  N N   . GLU A 1 120 ? -1.500  14.081  -5.206  1.00 40.90 ? 310 GLU A N   1 
ATOM   836  C CA  . GLU A 1 120 ? -0.687  14.415  -6.369  1.00 38.31 ? 310 GLU A CA  1 
ATOM   837  C C   . GLU A 1 120 ? 0.655   15.050  -6.025  1.00 37.13 ? 310 GLU A C   1 
ATOM   838  O O   . GLU A 1 120 ? 1.584   15.017  -6.831  1.00 39.86 ? 310 GLU A O   1 
ATOM   839  C CB  . GLU A 1 120 ? -1.455  15.346  -7.308  1.00 41.46 ? 310 GLU A CB  1 
ATOM   840  C CG  . GLU A 1 120 ? -2.585  14.686  -8.082  1.00 44.77 ? 310 GLU A CG  1 
ATOM   841  C CD  . GLU A 1 120 ? -2.460  14.900  -9.581  1.00 36.10 ? 310 GLU A CD  1 
ATOM   842  N N   . LYS A 1 121 ? 0.762   15.642  -4.843  1.00 38.91 ? 311 LYS A N   1 
ATOM   843  C CA  . LYS A 1 121 ? 2.012   16.279  -4.453  1.00 44.98 ? 311 LYS A CA  1 
ATOM   844  C C   . LYS A 1 121 ? 2.719   15.629  -3.263  1.00 47.77 ? 311 LYS A C   1 
ATOM   845  O O   . LYS A 1 121 ? 3.451   16.288  -2.524  1.00 51.22 ? 311 LYS A O   1 
ATOM   846  C CB  . LYS A 1 121 ? 1.803   17.782  -4.233  1.00 47.39 ? 311 LYS A CB  1 
ATOM   847  C CG  . LYS A 1 121 ? 0.686   18.142  -3.268  1.00 54.11 ? 311 LYS A CG  1 
ATOM   848  C CD  . LYS A 1 121 ? 0.323   19.624  -3.358  1.00 58.41 ? 311 LYS A CD  1 
ATOM   849  C CE  . LYS A 1 121 ? -0.257  19.980  -4.726  1.00 63.71 ? 311 LYS A CE  1 
ATOM   850  N N   . ALA A 1 122 ? 2.518   14.325  -3.103  1.00 48.82 ? 312 ALA A N   1 
ATOM   851  C CA  . ALA A 1 122 ? 3.154   13.573  -2.033  1.00 45.39 ? 312 ALA A CA  1 
ATOM   852  C C   . ALA A 1 122 ? 4.514   13.111  -2.558  1.00 48.44 ? 312 ALA A C   1 
ATOM   853  O O   . ALA A 1 122 ? 4.721   13.032  -3.768  1.00 47.91 ? 312 ALA A O   1 
ATOM   854  C CB  . ALA A 1 122 ? 2.297   12.384  -1.654  1.00 43.50 ? 312 ALA A CB  1 
ATOM   855  N N   . THR A 1 123 ? 5.445   12.824  -1.653  1.00 54.77 ? 313 THR A N   1 
ATOM   856  C CA  . THR A 1 123 ? 6.788   12.382  -2.038  1.00 58.23 ? 313 THR A CA  1 
ATOM   857  C C   . THR A 1 123 ? 7.273   11.216  -1.182  1.00 56.79 ? 313 THR A C   1 
ATOM   858  O O   . THR A 1 123 ? 6.566   10.773  -0.274  1.00 58.84 ? 313 THR A O   1 
ATOM   859  C CB  . THR A 1 123 ? 7.812   13.533  -1.895  1.00 63.18 ? 313 THR A CB  1 
ATOM   860  O OG1 . THR A 1 123 ? 7.675   14.145  -0.601  1.00 62.20 ? 313 THR A OG1 1 
ATOM   861  C CG2 . THR A 1 123 ? 7.608   14.572  -2.990  1.00 64.60 ? 313 THR A CG2 1 
ATOM   862  N N   . LEU A 1 124 ? 8.495   10.752  -1.446  1.00 54.77 ? 314 LEU A N   1 
ATOM   863  C CA  . LEU A 1 124 ? 9.074   9.649   -0.682  1.00 55.27 ? 314 LEU A CA  1 
ATOM   864  C C   . LEU A 1 124 ? 9.106   10.041  0.783   1.00 55.58 ? 314 LEU A C   1 
ATOM   865  O O   . LEU A 1 124 ? 8.990   9.197   1.668   1.00 58.81 ? 314 LEU A O   1 
ATOM   866  C CB  . LEU A 1 124 ? 10.503  9.334   -1.138  1.00 56.69 ? 314 LEU A CB  1 
ATOM   867  C CG  . LEU A 1 124 ? 10.814  8.795   -2.538  1.00 59.14 ? 314 LEU A CG  1 
ATOM   868  C CD1 . LEU A 1 124 ? 9.734   7.818   -2.975  1.00 65.36 ? 314 LEU A CD1 1 
ATOM   869  C CD2 . LEU A 1 124 ? 10.932  9.931   -3.531  1.00 70.06 ? 314 LEU A CD2 1 
ATOM   870  N N   . GLU A 1 125 ? 9.250   11.343  1.019   1.00 56.97 ? 315 GLU A N   1 
ATOM   871  C CA  . GLU A 1 125 ? 9.303   11.909  2.359   1.00 56.30 ? 315 GLU A CA  1 
ATOM   872  C C   . GLU A 1 125 ? 8.038   11.626  3.170   1.00 54.68 ? 315 GLU A C   1 
ATOM   873  O O   . GLU A 1 125 ? 8.098   11.453  4.385   1.00 57.46 ? 315 GLU A O   1 
ATOM   874  C CB  . GLU A 1 125 ? 9.531   13.422  2.268   1.00 57.24 ? 315 GLU A CB  1 
ATOM   875  N N   . ASP A 1 126 ? 6.895   11.590  2.495   1.00 54.02 ? 316 ASP A N   1 
ATOM   876  C CA  . ASP A 1 126 ? 5.622   11.340  3.159   1.00 50.88 ? 316 ASP A CA  1 
ATOM   877  C C   . ASP A 1 126 ? 5.310   9.859   3.259   1.00 43.98 ? 316 ASP A C   1 
ATOM   878  O O   . ASP A 1 126 ? 4.375   9.466   3.953   1.00 45.69 ? 316 ASP A O   1 
ATOM   879  C CB  . ASP A 1 126 ? 4.490   12.040  2.404   1.00 62.09 ? 316 ASP A CB  1 
ATOM   880  C CG  . ASP A 1 126 ? 4.683   13.542  2.313   1.00 68.61 ? 316 ASP A CG  1 
ATOM   881  O OD1 . ASP A 1 126 ? 4.972   14.176  3.352   1.00 73.85 ? 316 ASP A OD1 1 
ATOM   882  O OD2 . ASP A 1 126 ? 4.540   14.089  1.198   1.00 73.26 ? 316 ASP A OD2 1 
ATOM   883  N N   . LEU A 1 127 ? 6.066   9.044   2.535   1.00 38.11 ? 317 LEU A N   1 
ATOM   884  C CA  . LEU A 1 127 ? 5.848   7.607   2.534   1.00 35.19 ? 317 LEU A CA  1 
ATOM   885  C C   . LEU A 1 127 ? 6.478   6.923   3.735   1.00 36.65 ? 317 LEU A C   1 
ATOM   886  O O   . LEU A 1 127 ? 7.535   7.340   4.213   1.00 39.93 ? 317 LEU A O   1 
ATOM   887  C CB  . LEU A 1 127 ? 6.384   6.986   1.245   1.00 26.44 ? 317 LEU A CB  1 
ATOM   888  C CG  . LEU A 1 127 ? 5.788   7.496   -0.065  1.00 24.07 ? 317 LEU A CG  1 
ATOM   889  C CD1 . LEU A 1 127 ? 6.370   6.693   -1.209  1.00 24.39 ? 317 LEU A CD1 1 
ATOM   890  C CD2 . LEU A 1 127 ? 4.280   7.384   -0.058  1.00 19.98 ? 317 LEU A CD2 1 
ATOM   891  N N   . GLY A 1 128 ? 5.815   5.882   4.230   1.00 34.18 ? 318 GLY A N   1 
ATOM   892  C CA  . GLY A 1 128 ? 6.334   5.136   5.359   1.00 31.72 ? 318 GLY A CA  1 
ATOM   893  C C   . GLY A 1 128 ? 7.259   4.045   4.857   1.00 35.72 ? 318 GLY A C   1 
ATOM   894  O O   . GLY A 1 128 ? 7.345   3.815   3.649   1.00 36.73 ? 318 GLY A O   1 
ATOM   895  N N   . GLN A 1 129 ? 7.956   3.372   5.771   1.00 36.42 ? 319 GLN A N   1 
ATOM   896  C CA  . GLN A 1 129 ? 8.875   2.300   5.407   1.00 33.79 ? 319 GLN A CA  1 
ATOM   897  C C   . GLN A 1 129 ? 8.835   1.184   6.430   1.00 32.69 ? 319 GLN A C   1 
ATOM   898  O O   . GLN A 1 129 ? 8.557   1.412   7.608   1.00 32.17 ? 319 GLN A O   1 
ATOM   899  C CB  . GLN A 1 129 ? 10.306  2.813   5.284   1.00 40.21 ? 319 GLN A CB  1 
ATOM   900  C CG  . GLN A 1 129 ? 10.689  3.288   3.893   1.00 53.96 ? 319 GLN A CG  1 
ATOM   901  C CD  . GLN A 1 129 ? 12.170  3.609   3.774   1.00 60.63 ? 319 GLN A CD  1 
ATOM   902  O OE1 . GLN A 1 129 ? 12.953  2.805   3.258   1.00 64.02 ? 319 GLN A OE1 1 
ATOM   903  N NE2 . GLN A 1 129 ? 12.562  4.794   4.238   1.00 60.94 ? 319 GLN A NE2 1 
ATOM   904  N N   . ALA A 1 130 ? 9.135   -0.022  5.970   1.00 32.48 ? 320 ALA A N   1 
ATOM   905  C CA  . ALA A 1 130 ? 9.145   -1.206  6.818   1.00 33.56 ? 320 ALA A CA  1 
ATOM   906  C C   . ALA A 1 130 ? 10.107  -2.204  6.198   1.00 34.82 ? 320 ALA A C   1 
ATOM   907  O O   . ALA A 1 130 ? 10.320  -2.194  4.988   1.00 37.17 ? 320 ALA A O   1 
ATOM   908  C CB  . ALA A 1 130 ? 7.757   -1.805  6.903   1.00 39.70 ? 320 ALA A CB  1 
ATOM   909  N N   . LYS A 1 131 ? 10.674  -3.077  7.018   1.00 32.00 ? 321 LYS A N   1 
ATOM   910  C CA  . LYS A 1 131 ? 11.621  -4.064  6.519   1.00 35.59 ? 321 LYS A CA  1 
ATOM   911  C C   . LYS A 1 131 ? 10.970  -5.081  5.590   1.00 36.16 ? 321 LYS A C   1 
ATOM   912  O O   . LYS A 1 131 ? 11.577  -5.542  4.617   1.00 35.91 ? 321 LYS A O   1 
ATOM   913  C CB  . LYS A 1 131 ? 12.298  -4.793  7.685   1.00 36.25 ? 321 LYS A CB  1 
ATOM   914  N N   . ARG A 1 132 ? 9.711   -5.395  5.858   1.00 36.80 ? 322 ARG A N   1 
ATOM   915  C CA  . ARG A 1 132 ? 9.017   -6.386  5.058   1.00 35.58 ? 322 ARG A CA  1 
ATOM   916  C C   . ARG A 1 132 ? 7.526   -6.283  5.311   1.00 37.67 ? 322 ARG A C   1 
ATOM   917  O O   . ARG A 1 132 ? 7.100   -5.763  6.345   1.00 37.06 ? 322 ARG A O   1 
ATOM   918  C CB  . ARG A 1 132 ? 9.532   -7.763  5.471   1.00 39.82 ? 322 ARG A CB  1 
ATOM   919  C CG  . ARG A 1 132 ? 9.022   -8.938  4.690   1.00 42.71 ? 322 ARG A CG  1 
ATOM   920  C CD  . ARG A 1 132 ? 9.878   -10.146 5.035   1.00 44.49 ? 322 ARG A CD  1 
ATOM   921  N NE  . ARG A 1 132 ? 9.083   -11.362 5.094   1.00 52.56 ? 322 ARG A NE  1 
ATOM   922  C CZ  . ARG A 1 132 ? 8.938   -12.108 6.185   1.00 55.92 ? 322 ARG A CZ  1 
ATOM   923  N NH1 . ARG A 1 132 ? 9.540   -11.768 7.317   1.00 55.67 ? 322 ARG A NH1 1 
ATOM   924  N NH2 . ARG A 1 132 ? 8.165   -13.187 6.150   1.00 60.75 ? 322 ARG A NH2 1 
ATOM   925  N N   . VAL A 1 133 ? 6.739   -6.737  4.338   1.00 39.56 ? 323 VAL A N   1 
ATOM   926  C CA  . VAL A 1 133 ? 5.278   -6.730  4.426   1.00 35.24 ? 323 VAL A CA  1 
ATOM   927  C C   . VAL A 1 133 ? 4.728   -8.025  3.831   1.00 34.18 ? 323 VAL A C   1 
ATOM   928  O O   . VAL A 1 133 ? 5.157   -8.465  2.759   1.00 37.84 ? 323 VAL A O   1 
ATOM   929  C CB  . VAL A 1 133 ? 4.667   -5.497  3.698   1.00 35.00 ? 323 VAL A CB  1 
ATOM   930  C CG1 . VAL A 1 133 ? 3.176   -5.680  3.472   1.00 29.30 ? 323 VAL A CG1 1 
ATOM   931  C CG2 . VAL A 1 133 ? 4.894   -4.241  4.521   1.00 39.01 ? 323 VAL A CG2 1 
ATOM   932  N N   . VAL A 1 134 ? 3.822   -8.665  4.563   1.00 31.18 ? 324 VAL A N   1 
ATOM   933  C CA  . VAL A 1 134 ? 3.211   -9.908  4.113   1.00 25.91 ? 324 VAL A CA  1 
ATOM   934  C C   . VAL A 1 134 ? 1.704   -9.687  4.050   1.00 25.86 ? 324 VAL A C   1 
ATOM   935  O O   . VAL A 1 134 ? 1.082   -9.273  5.031   1.00 30.53 ? 324 VAL A O   1 
ATOM   936  C CB  . VAL A 1 134 ? 3.534   -11.076 5.067   1.00 20.22 ? 324 VAL A CB  1 
ATOM   937  C CG1 . VAL A 1 134 ? 2.999   -12.369 4.496   1.00 21.44 ? 324 VAL A CG1 1 
ATOM   938  C CG2 . VAL A 1 134 ? 5.025   -11.190 5.262   1.00 19.72 ? 324 VAL A CG2 1 
ATOM   939  N N   . ILE A 1 135 ? 1.120   -9.954  2.891   1.00 25.84 ? 325 ILE A N   1 
ATOM   940  C CA  . ILE A 1 135 ? -0.305  -9.760  2.684   1.00 24.39 ? 325 ILE A CA  1 
ATOM   941  C C   . ILE A 1 135 ? -0.920  -11.046 2.157   1.00 23.59 ? 325 ILE A C   1 
ATOM   942  O O   . ILE A 1 135 ? -0.379  -11.680 1.256   1.00 24.08 ? 325 ILE A O   1 
ATOM   943  C CB  . ILE A 1 135 ? -0.554  -8.649  1.617   1.00 27.44 ? 325 ILE A CB  1 
ATOM   944  C CG1 . ILE A 1 135 ? 0.148   -7.346  2.018   1.00 25.49 ? 325 ILE A CG1 1 
ATOM   945  C CG2 . ILE A 1 135 ? -2.050  -8.423  1.415   1.00 24.48 ? 325 ILE A CG2 1 
ATOM   946  C CD1 . ILE A 1 135 ? 0.275   -6.345  0.889   1.00 27.02 ? 325 ILE A CD1 1 
ATOM   947  N N   . ASN A 1 136 ? -2.023  -11.466 2.748   1.00 21.30 ? 326 ASN A N   1 
ATOM   948  C CA  . ASN A 1 136 ? -2.696  -12.652 2.261   1.00 26.51 ? 326 ASN A CA  1 
ATOM   949  C C   . ASN A 1 136 ? -4.170  -12.306 2.060   1.00 29.26 ? 326 ASN A C   1 
ATOM   950  O O   . ASN A 1 136 ? -4.522  -11.131 1.933   1.00 35.80 ? 326 ASN A O   1 
ATOM   951  C CB  . ASN A 1 136 ? -2.483  -13.862 3.183   1.00 32.64 ? 326 ASN A CB  1 
ATOM   952  C CG  . ASN A 1 136 ? -3.099  -13.693 4.554   1.00 40.98 ? 326 ASN A CG  1 
ATOM   953  O OD1 . ASN A 1 136 ? -4.170  -13.108 4.698   1.00 48.72 ? 326 ASN A OD1 1 
ATOM   954  N ND2 . ASN A 1 136 ? -2.452  -14.247 5.566   1.00 43.03 ? 326 ASN A ND2 1 
ATOM   955  N N   . LYS A 1 137 ? -5.022  -13.318 1.984   1.00 30.75 ? 327 LYS A N   1 
ATOM   956  C CA  . LYS A 1 137 ? -6.441  -13.091 1.772   1.00 30.80 ? 327 LYS A CA  1 
ATOM   957  C C   . LYS A 1 137 ? -7.142  -12.337 2.891   1.00 31.19 ? 327 LYS A C   1 
ATOM   958  O O   . LYS A 1 137 ? -8.034  -11.536 2.629   1.00 37.56 ? 327 LYS A O   1 
ATOM   959  C CB  . LYS A 1 137 ? -7.155  -14.420 1.535   1.00 33.81 ? 327 LYS A CB  1 
ATOM   960  C CG  . LYS A 1 137 ? -8.579  -14.264 1.027   1.00 39.88 ? 327 LYS A CG  1 
ATOM   961  C CD  . LYS A 1 137 ? -9.367  -15.570 1.083   1.00 47.54 ? 327 LYS A CD  1 
ATOM   962  N N   . ASP A 1 138 ? -6.726  -12.562 4.131   1.00 28.88 ? 328 ASP A N   1 
ATOM   963  C CA  . ASP A 1 138 ? -7.375  -11.945 5.280   1.00 25.27 ? 328 ASP A CA  1 
ATOM   964  C C   . ASP A 1 138 ? -6.611  -10.912 6.082   1.00 26.63 ? 328 ASP A C   1 
ATOM   965  O O   . ASP A 1 138 ? -7.207  -10.259 6.934   1.00 26.92 ? 328 ASP A O   1 
ATOM   966  C CB  . ASP A 1 138 ? -7.794  -13.026 6.272   1.00 35.93 ? 328 ASP A CB  1 
ATOM   967  C CG  . ASP A 1 138 ? -8.584  -14.136 5.637   1.00 43.16 ? 328 ASP A CG  1 
ATOM   968  O OD1 . ASP A 1 138 ? -9.694  -13.845 5.139   1.00 51.81 ? 328 ASP A OD1 1 
ATOM   969  O OD2 . ASP A 1 138 ? -8.096  -15.294 5.648   1.00 47.66 ? 328 ASP A OD2 1 
ATOM   970  N N   . THR A 1 139 ? -5.311  -10.766 5.865   1.00 23.72 ? 329 THR A N   1 
ATOM   971  C CA  . THR A 1 139 ? -4.543  -9.836  6.671   1.00 26.31 ? 329 THR A CA  1 
ATOM   972  C C   . THR A 1 139 ? -3.334  -9.215  5.994   1.00 28.56 ? 329 THR A C   1 
ATOM   973  O O   . THR A 1 139 ? -2.911  -9.626  4.913   1.00 32.65 ? 329 THR A O   1 
ATOM   974  C CB  . THR A 1 139 ? -4.015  -10.528 7.957   1.00 31.76 ? 329 THR A CB  1 
ATOM   975  O OG1 . THR A 1 139 ? -3.485  -11.818 7.628   1.00 34.64 ? 329 THR A OG1 1 
ATOM   976  C CG2 . THR A 1 139 ? -5.103  -10.697 8.990   1.00 40.65 ? 329 THR A CG2 1 
ATOM   977  N N   . THR A 1 140 ? -2.784  -8.212  6.667   1.00 25.35 ? 330 THR A N   1 
ATOM   978  C CA  . THR A 1 140 ? -1.594  -7.532  6.218   1.00 21.32 ? 330 THR A CA  1 
ATOM   979  C C   . THR A 1 140 ? -0.744  -7.419  7.477   1.00 26.80 ? 330 THR A C   1 
ATOM   980  O O   . THR A 1 140 ? -1.259  -7.086  8.552   1.00 24.94 ? 330 THR A O   1 
ATOM   981  C CB  . THR A 1 140 ? -1.917  -6.126  5.671   1.00 25.23 ? 330 THR A CB  1 
ATOM   982  O OG1 . THR A 1 140 ? -2.736  -6.249  4.501   1.00 24.63 ? 330 THR A OG1 1 
ATOM   983  C CG2 . THR A 1 140 ? -0.638  -5.370  5.312   1.00 15.20 ? 330 THR A CG2 1 
ATOM   984  N N   . THR A 1 141 ? 0.521   -7.819  7.368   1.00 34.52 ? 331 THR A N   1 
ATOM   985  C CA  . THR A 1 141 ? 1.463   -7.759  8.484   1.00 32.83 ? 331 THR A CA  1 
ATOM   986  C C   . THR A 1 141 ? 2.648   -6.882  8.119   1.00 32.62 ? 331 THR A C   1 
ATOM   987  O O   . THR A 1 141 ? 3.413   -7.198  7.208   1.00 39.94 ? 331 THR A O   1 
ATOM   988  C CB  . THR A 1 141 ? 2.027   -9.148  8.869   1.00 29.99 ? 331 THR A CB  1 
ATOM   989  O OG1 . THR A 1 141 ? 0.951   -10.057 9.125   1.00 39.63 ? 331 THR A OG1 1 
ATOM   990  C CG2 . THR A 1 141 ? 2.888   -9.040  10.122  1.00 22.09 ? 331 THR A CG2 1 
ATOM   991  N N   . ILE A 1 142 ? 2.781   -5.763  8.812   1.00 33.10 ? 332 ILE A N   1 
ATOM   992  C CA  . ILE A 1 142 ? 3.889   -4.862  8.573   1.00 32.19 ? 332 ILE A CA  1 
ATOM   993  C C   . ILE A 1 142 ? 4.979   -5.282  9.553   1.00 35.87 ? 332 ILE A C   1 
ATOM   994  O O   . ILE A 1 142 ? 4.772   -5.295  10.767  1.00 32.96 ? 332 ILE A O   1 
ATOM   995  C CB  . ILE A 1 142 ? 3.473   -3.411  8.812   1.00 33.71 ? 332 ILE A CB  1 
ATOM   996  C CG1 . ILE A 1 142 ? 2.351   -3.043  7.834   1.00 33.23 ? 332 ILE A CG1 1 
ATOM   997  C CG2 . ILE A 1 142 ? 4.679   -2.494  8.671   1.00 27.91 ? 332 ILE A CG2 1 
ATOM   998  C CD1 . ILE A 1 142 ? 1.653   -1.744  8.136   1.00 35.70 ? 332 ILE A CD1 1 
ATOM   999  N N   . ILE A 1 143 ? 6.130   -5.667  9.020   1.00 42.95 ? 333 ILE A N   1 
ATOM   1000 C CA  . ILE A 1 143 ? 7.233   -6.125  9.848   1.00 39.85 ? 333 ILE A CA  1 
ATOM   1001 C C   . ILE A 1 143 ? 8.378   -5.134  9.892   1.00 41.38 ? 333 ILE A C   1 
ATOM   1002 O O   . ILE A 1 143 ? 8.911   -4.735  8.857   1.00 44.81 ? 333 ILE A O   1 
ATOM   1003 C CB  . ILE A 1 143 ? 7.750   -7.472  9.352   1.00 40.27 ? 333 ILE A CB  1 
ATOM   1004 C CG1 . ILE A 1 143 ? 6.579   -8.457  9.251   1.00 39.59 ? 333 ILE A CG1 1 
ATOM   1005 C CG2 . ILE A 1 143 ? 8.801   -8.011  10.300  1.00 42.25 ? 333 ILE A CG2 1 
ATOM   1006 C CD1 . ILE A 1 143 ? 6.874   -9.679  8.438   1.00 36.42 ? 333 ILE A CD1 1 
ATOM   1007 N N   . ASP A 1 144 ? 8.735   -4.746  11.110  1.00 46.87 ? 334 ASP A N   1 
ATOM   1008 C CA  . ASP A 1 144 ? 9.816   -3.804  11.398  1.00 55.97 ? 334 ASP A CA  1 
ATOM   1009 C C   . ASP A 1 144 ? 9.684   -2.442  10.711  1.00 56.16 ? 334 ASP A C   1 
ATOM   1010 O O   . ASP A 1 144 ? 10.397  -2.141  9.751   1.00 59.75 ? 334 ASP A O   1 
ATOM   1011 C CB  . ASP A 1 144 ? 11.192  -4.436  11.109  1.00 66.88 ? 334 ASP A CB  1 
ATOM   1012 C CG  . ASP A 1 144 ? 11.479  -5.675  11.971  1.00 72.24 ? 334 ASP A CG  1 
ATOM   1013 O OD1 . ASP A 1 144 ? 11.225  -5.646  13.197  1.00 74.16 ? 334 ASP A OD1 1 
ATOM   1014 O OD2 . ASP A 1 144 ? 11.974  -6.684  11.418  1.00 78.13 ? 334 ASP A OD2 1 
ATOM   1015 N N   . GLY A 1 145 ? 8.797   -1.607  11.246  1.00 55.99 ? 335 GLY A N   1 
ATOM   1016 C CA  . GLY A 1 145 ? 8.570   -0.286  10.691  1.00 55.90 ? 335 GLY A CA  1 
ATOM   1017 C C   . GLY A 1 145 ? 9.628   0.731   11.083  1.00 58.26 ? 335 GLY A C   1 
ATOM   1018 O O   . GLY A 1 145 ? 10.176  0.676   12.185  1.00 60.47 ? 335 GLY A O   1 
ATOM   1019 N N   . VAL A 1 146 ? 9.906   1.660   10.175  1.00 58.42 ? 336 VAL A N   1 
ATOM   1020 C CA  . VAL A 1 146 ? 10.894  2.711   10.394  1.00 55.59 ? 336 VAL A CA  1 
ATOM   1021 C C   . VAL A 1 146 ? 10.271  3.860   11.178  1.00 56.07 ? 336 VAL A C   1 
ATOM   1022 O O   . VAL A 1 146 ? 10.646  4.007   12.359  1.00 57.36 ? 336 VAL A O   1 
ATOM   1023 C CB  . VAL A 1 146 ? 11.429  3.252   9.048   1.00 54.84 ? 336 VAL A CB  1 
ATOM   1024 C CG1 . VAL A 1 146 ? 12.335  4.442   9.276   1.00 62.57 ? 336 VAL A CG1 1 
ATOM   1025 C CG2 . VAL A 1 146 ? 12.183  2.158   8.304   1.00 51.32 ? 336 VAL A CG2 1 
HETATM 1026 O O   . HOH B 2 .   ? -8.472  -4.928  1.884   1.00 33.48 ? 1   HOH A O   1 
HETATM 1027 O O   . HOH B 2 .   ? -11.971 0.286   4.399   1.00 53.41 ? 2   HOH A O   1 
HETATM 1028 O O   . HOH B 2 .   ? 2.079   8.283   2.788   1.00 33.53 ? 3   HOH A O   1 
HETATM 1029 O O   . HOH B 2 .   ? 10.276  7.251   4.590   1.00 52.49 ? 4   HOH A O   1 
HETATM 1030 O O   . HOH B 2 .   ? -1.109  -6.561  15.582  1.00 50.33 ? 5   HOH A O   1 
HETATM 1031 O O   . HOH B 2 .   ? 13.319  -0.506  4.609   1.00 48.05 ? 6   HOH A O   1 
HETATM 1032 O O   . HOH B 2 .   ? -6.938  -18.011 -11.960 1.00 50.90 ? 7   HOH A O   1 
HETATM 1033 O O   . HOH B 2 .   ? -8.024  -5.012  11.722  1.00 42.18 ? 8   HOH A O   1 
# 
